data_2OCB
# 
_entry.id   2OCB 
# 
_audit_conform.dict_name       mmcif_pdbx.dic 
_audit_conform.dict_version    5.377 
_audit_conform.dict_location   http://mmcif.pdb.org/dictionaries/ascii/mmcif_pdbx.dic 
# 
loop_
_database_2.database_id 
_database_2.database_code 
_database_2.pdbx_database_accession 
_database_2.pdbx_DOI 
PDB   2OCB         pdb_00002ocb 10.2210/pdb2ocb/pdb 
RCSB  RCSB040956   ?            ?                   
WWPDB D_1000040956 ?            ?                   
# 
_pdbx_database_status.entry_id                        2OCB 
_pdbx_database_status.deposit_site                    RCSB 
_pdbx_database_status.process_site                    RCSB 
_pdbx_database_status.recvd_initial_deposition_date   2006-12-20 
_pdbx_database_status.status_code                     REL 
_pdbx_database_status.status_code_sf                  REL 
_pdbx_database_status.status_code_mr                  ? 
_pdbx_database_status.SG_entry                        Y 
_pdbx_database_status.pdb_format_compatible           Y 
_pdbx_database_status.status_code_cs                  ? 
_pdbx_database_status.methods_development_category    ? 
_pdbx_database_status.status_code_nmr_data            ? 
# 
loop_
_audit_author.name 
_audit_author.pdbx_ordinal 
'Hong, B.'                             1  
'Shen, L.'                             2  
'Walker, J.R.'                         3  
'Tempel, W.'                           4  
'Landry, R.'                           5  
'Arrowsmith, C.H.'                     6  
'Edwards, A.M.'                        7  
'Sundstrom, M.'                        8  
'Weigelt, J.'                          9  
'Bochkarev, A.'                        10 
'Park, H.'                             11 
'Structural Genomics Consortium (SGC)' 12 
# 
_citation.id                        primary 
_citation.title                     'Crystal structure of human RAB9B in complex with a GTP analogue' 
_citation.journal_abbrev            'To be Published' 
_citation.journal_volume            ? 
_citation.page_first                ? 
_citation.page_last                 ? 
_citation.year                      ? 
_citation.journal_id_ASTM           ? 
_citation.country                   ? 
_citation.journal_id_ISSN           ? 
_citation.journal_id_CSD            0353 
_citation.book_publisher            ? 
_citation.pdbx_database_id_PubMed   ? 
_citation.pdbx_database_id_DOI      ? 
# 
loop_
_citation_author.citation_id 
_citation_author.name 
_citation_author.ordinal 
_citation_author.identifier_ORCID 
primary 'Hong, B.'         1  ? 
primary 'Shen, L.'         2  ? 
primary 'Walker, J.R.'     3  ? 
primary 'Tempel, W.'       4  ? 
primary 'Landry, R.'       5  ? 
primary 'Arrowsmith, C.H.' 6  ? 
primary 'Edwards, A.M.'    7  ? 
primary 'Sundstrom, M.'    8  ? 
primary 'Weigelt, J.'      9  ? 
primary 'Bochkarev, A.'    10 ? 
primary 'Park, H.'         11 ? 
# 
_cell.length_a           70.430 
_cell.length_b           70.430 
_cell.length_c           97.715 
_cell.angle_alpha        90.00 
_cell.angle_beta         90.00 
_cell.angle_gamma        120.00 
_cell.entry_id           2OCB 
_cell.pdbx_unique_axis   ? 
_cell.Z_PDB              6 
_cell.length_a_esd       ? 
_cell.length_b_esd       ? 
_cell.length_c_esd       ? 
_cell.angle_alpha_esd    ? 
_cell.angle_beta_esd     ? 
_cell.angle_gamma_esd    ? 
# 
_symmetry.space_group_name_H-M             'P 32 2 1' 
_symmetry.Int_Tables_number                154 
_symmetry.entry_id                         2OCB 
_symmetry.pdbx_full_space_group_name_H-M   ? 
_symmetry.cell_setting                     ? 
_symmetry.space_group_name_Hall            ? 
# 
loop_
_entity.id 
_entity.type 
_entity.src_method 
_entity.pdbx_description 
_entity.formula_weight 
_entity.pdbx_number_of_molecules 
_entity.pdbx_ec 
_entity.pdbx_mutation 
_entity.pdbx_fragment 
_entity.details 
1 polymer     man 'Ras-related protein Rab-9B'                  20562.881 1  ? ? ? ? 
2 non-polymer syn 'MAGNESIUM ION'                               24.305    1  ? ? ? ? 
3 non-polymer syn 'PHOSPHOAMINOPHOSPHONIC ACID-GUANYLATE ESTER' 522.196   1  ? ? ? ? 
4 non-polymer syn 'UNKNOWN ATOM OR ION'                         ?         7  ? ? ? ? 
5 water       nat water                                         18.015    37 ? ? ? ? 
# 
_entity_name_com.entity_id   1 
_entity_name_com.name        'Rab-9L, RAB9-like protein' 
# 
_entity_poly.entity_id                      1 
_entity_poly.type                           'polypeptide(L)' 
_entity_poly.nstd_linkage                   no 
_entity_poly.nstd_monomer                   no 
_entity_poly.pdbx_seq_one_letter_code       
;GSGKSLLLKVILLGDGGVGKSSLMNRYVTNKFDSQAFHTIGVEFLNRDLEVDGRFVTLQIWDTAGQERFKSLRTPFYRGA
DCCLLTFSVDDRQSFENLGNWQKEFIYYADVKDPEHFPFVVLGNKVDKEDRQVTTEEAQTWCMENGDYPYLETSAKDDTN
VTVAFEEAVRQVLAVEEQLE
;
_entity_poly.pdbx_seq_one_letter_code_can   
;GSGKSLLLKVILLGDGGVGKSSLMNRYVTNKFDSQAFHTIGVEFLNRDLEVDGRFVTLQIWDTAGQERFKSLRTPFYRGA
DCCLLTFSVDDRQSFENLGNWQKEFIYYADVKDPEHFPFVVLGNKVDKEDRQVTTEEAQTWCMENGDYPYLETSAKDDTN
VTVAFEEAVRQVLAVEEQLE
;
_entity_poly.pdbx_strand_id                 A 
_entity_poly.pdbx_target_identifier         ? 
# 
loop_
_entity_poly_seq.entity_id 
_entity_poly_seq.num 
_entity_poly_seq.mon_id 
_entity_poly_seq.hetero 
1 1   GLY n 
1 2   SER n 
1 3   GLY n 
1 4   LYS n 
1 5   SER n 
1 6   LEU n 
1 7   LEU n 
1 8   LEU n 
1 9   LYS n 
1 10  VAL n 
1 11  ILE n 
1 12  LEU n 
1 13  LEU n 
1 14  GLY n 
1 15  ASP n 
1 16  GLY n 
1 17  GLY n 
1 18  VAL n 
1 19  GLY n 
1 20  LYS n 
1 21  SER n 
1 22  SER n 
1 23  LEU n 
1 24  MET n 
1 25  ASN n 
1 26  ARG n 
1 27  TYR n 
1 28  VAL n 
1 29  THR n 
1 30  ASN n 
1 31  LYS n 
1 32  PHE n 
1 33  ASP n 
1 34  SER n 
1 35  GLN n 
1 36  ALA n 
1 37  PHE n 
1 38  HIS n 
1 39  THR n 
1 40  ILE n 
1 41  GLY n 
1 42  VAL n 
1 43  GLU n 
1 44  PHE n 
1 45  LEU n 
1 46  ASN n 
1 47  ARG n 
1 48  ASP n 
1 49  LEU n 
1 50  GLU n 
1 51  VAL n 
1 52  ASP n 
1 53  GLY n 
1 54  ARG n 
1 55  PHE n 
1 56  VAL n 
1 57  THR n 
1 58  LEU n 
1 59  GLN n 
1 60  ILE n 
1 61  TRP n 
1 62  ASP n 
1 63  THR n 
1 64  ALA n 
1 65  GLY n 
1 66  GLN n 
1 67  GLU n 
1 68  ARG n 
1 69  PHE n 
1 70  LYS n 
1 71  SER n 
1 72  LEU n 
1 73  ARG n 
1 74  THR n 
1 75  PRO n 
1 76  PHE n 
1 77  TYR n 
1 78  ARG n 
1 79  GLY n 
1 80  ALA n 
1 81  ASP n 
1 82  CYS n 
1 83  CYS n 
1 84  LEU n 
1 85  LEU n 
1 86  THR n 
1 87  PHE n 
1 88  SER n 
1 89  VAL n 
1 90  ASP n 
1 91  ASP n 
1 92  ARG n 
1 93  GLN n 
1 94  SER n 
1 95  PHE n 
1 96  GLU n 
1 97  ASN n 
1 98  LEU n 
1 99  GLY n 
1 100 ASN n 
1 101 TRP n 
1 102 GLN n 
1 103 LYS n 
1 104 GLU n 
1 105 PHE n 
1 106 ILE n 
1 107 TYR n 
1 108 TYR n 
1 109 ALA n 
1 110 ASP n 
1 111 VAL n 
1 112 LYS n 
1 113 ASP n 
1 114 PRO n 
1 115 GLU n 
1 116 HIS n 
1 117 PHE n 
1 118 PRO n 
1 119 PHE n 
1 120 VAL n 
1 121 VAL n 
1 122 LEU n 
1 123 GLY n 
1 124 ASN n 
1 125 LYS n 
1 126 VAL n 
1 127 ASP n 
1 128 LYS n 
1 129 GLU n 
1 130 ASP n 
1 131 ARG n 
1 132 GLN n 
1 133 VAL n 
1 134 THR n 
1 135 THR n 
1 136 GLU n 
1 137 GLU n 
1 138 ALA n 
1 139 GLN n 
1 140 THR n 
1 141 TRP n 
1 142 CYS n 
1 143 MET n 
1 144 GLU n 
1 145 ASN n 
1 146 GLY n 
1 147 ASP n 
1 148 TYR n 
1 149 PRO n 
1 150 TYR n 
1 151 LEU n 
1 152 GLU n 
1 153 THR n 
1 154 SER n 
1 155 ALA n 
1 156 LYS n 
1 157 ASP n 
1 158 ASP n 
1 159 THR n 
1 160 ASN n 
1 161 VAL n 
1 162 THR n 
1 163 VAL n 
1 164 ALA n 
1 165 PHE n 
1 166 GLU n 
1 167 GLU n 
1 168 ALA n 
1 169 VAL n 
1 170 ARG n 
1 171 GLN n 
1 172 VAL n 
1 173 LEU n 
1 174 ALA n 
1 175 VAL n 
1 176 GLU n 
1 177 GLU n 
1 178 GLN n 
1 179 LEU n 
1 180 GLU n 
# 
_entity_src_gen.entity_id                          1 
_entity_src_gen.pdbx_src_id                        1 
_entity_src_gen.pdbx_alt_source_flag               sample 
_entity_src_gen.pdbx_seq_type                      ? 
_entity_src_gen.pdbx_beg_seq_num                   ? 
_entity_src_gen.pdbx_end_seq_num                   ? 
_entity_src_gen.gene_src_common_name               human 
_entity_src_gen.gene_src_genus                     Homo 
_entity_src_gen.pdbx_gene_src_gene                 'RAB9B, RAB9L' 
_entity_src_gen.gene_src_species                   ? 
_entity_src_gen.gene_src_strain                    ? 
_entity_src_gen.gene_src_tissue                    ? 
_entity_src_gen.gene_src_tissue_fraction           ? 
_entity_src_gen.gene_src_details                   ? 
_entity_src_gen.pdbx_gene_src_fragment             ? 
_entity_src_gen.pdbx_gene_src_scientific_name      'Homo sapiens' 
_entity_src_gen.pdbx_gene_src_ncbi_taxonomy_id     9606 
_entity_src_gen.pdbx_gene_src_variant              ? 
_entity_src_gen.pdbx_gene_src_cell_line            ? 
_entity_src_gen.pdbx_gene_src_atcc                 ? 
_entity_src_gen.pdbx_gene_src_organ                ? 
_entity_src_gen.pdbx_gene_src_organelle            ? 
_entity_src_gen.pdbx_gene_src_cell                 ? 
_entity_src_gen.pdbx_gene_src_cellular_location    ? 
_entity_src_gen.host_org_common_name               ? 
_entity_src_gen.pdbx_host_org_scientific_name      'Escherichia coli' 
_entity_src_gen.pdbx_host_org_ncbi_taxonomy_id     562 
_entity_src_gen.host_org_genus                     Escherichia 
_entity_src_gen.pdbx_host_org_gene                 ? 
_entity_src_gen.pdbx_host_org_organ                ? 
_entity_src_gen.host_org_species                   ? 
_entity_src_gen.pdbx_host_org_tissue               ? 
_entity_src_gen.pdbx_host_org_tissue_fraction      ? 
_entity_src_gen.pdbx_host_org_strain               'BL21(DE3)Codon plus' 
_entity_src_gen.pdbx_host_org_variant              ? 
_entity_src_gen.pdbx_host_org_cell_line            ? 
_entity_src_gen.pdbx_host_org_atcc                 ? 
_entity_src_gen.pdbx_host_org_culture_collection   ? 
_entity_src_gen.pdbx_host_org_cell                 ? 
_entity_src_gen.pdbx_host_org_organelle            ? 
_entity_src_gen.pdbx_host_org_cellular_location    ? 
_entity_src_gen.pdbx_host_org_vector_type          PLASMID 
_entity_src_gen.pdbx_host_org_vector               ? 
_entity_src_gen.host_org_details                   ? 
_entity_src_gen.expression_system_id               ? 
_entity_src_gen.plasmid_name                       pET28aLIc 
_entity_src_gen.plasmid_details                    ? 
_entity_src_gen.pdbx_description                   ? 
# 
_struct_ref.id                         1 
_struct_ref.db_name                    UNP 
_struct_ref.db_code                    RAB9B_HUMAN 
_struct_ref.pdbx_db_accession          Q9NP90 
_struct_ref.entity_id                  1 
_struct_ref.pdbx_seq_one_letter_code   
;SGKSLLLKVILLGDGGVGKSSLMNRYVTNKFDSQAFHTIGVEFLNRDLEVDGRFVTLQIWDTAGQERFKSLRTPFYRGAD
CCLLTFSVDDRQSFENLGNWQKEFIYYADVKDPEHFPFVVLGNKVDKEDRQVTTEEAQTWCMENGDYPYLETSAKDDTNV
TVAFEEAVRQVLAVEEQLE
;
_struct_ref.pdbx_align_begin           2 
_struct_ref.pdbx_db_isoform            ? 
# 
_struct_ref_seq.align_id                      1 
_struct_ref_seq.ref_id                        1 
_struct_ref_seq.pdbx_PDB_id_code              2OCB 
_struct_ref_seq.pdbx_strand_id                A 
_struct_ref_seq.seq_align_beg                 2 
_struct_ref_seq.pdbx_seq_align_beg_ins_code   ? 
_struct_ref_seq.seq_align_end                 180 
_struct_ref_seq.pdbx_seq_align_end_ins_code   ? 
_struct_ref_seq.pdbx_db_accession             Q9NP90 
_struct_ref_seq.db_align_beg                  2 
_struct_ref_seq.pdbx_db_align_beg_ins_code    ? 
_struct_ref_seq.db_align_end                  180 
_struct_ref_seq.pdbx_db_align_end_ins_code    ? 
_struct_ref_seq.pdbx_auth_seq_align_beg       2 
_struct_ref_seq.pdbx_auth_seq_align_end       180 
# 
_struct_ref_seq_dif.align_id                     1 
_struct_ref_seq_dif.pdbx_pdb_id_code             2OCB 
_struct_ref_seq_dif.mon_id                       GLY 
_struct_ref_seq_dif.pdbx_pdb_strand_id           A 
_struct_ref_seq_dif.seq_num                      1 
_struct_ref_seq_dif.pdbx_pdb_ins_code            ? 
_struct_ref_seq_dif.pdbx_seq_db_name             UNP 
_struct_ref_seq_dif.pdbx_seq_db_accession_code   Q9NP90 
_struct_ref_seq_dif.db_mon_id                    ? 
_struct_ref_seq_dif.pdbx_seq_db_seq_num          ? 
_struct_ref_seq_dif.details                      'cloning artifact' 
_struct_ref_seq_dif.pdbx_auth_seq_num            1 
_struct_ref_seq_dif.pdbx_ordinal                 1 
# 
loop_
_chem_comp.id 
_chem_comp.type 
_chem_comp.mon_nstd_flag 
_chem_comp.name 
_chem_comp.pdbx_synonyms 
_chem_comp.formula 
_chem_comp.formula_weight 
ALA 'L-peptide linking' y ALANINE                                       ? 'C3 H7 N O2'        89.093  
ARG 'L-peptide linking' y ARGININE                                      ? 'C6 H15 N4 O2 1'    175.209 
ASN 'L-peptide linking' y ASPARAGINE                                    ? 'C4 H8 N2 O3'       132.118 
ASP 'L-peptide linking' y 'ASPARTIC ACID'                               ? 'C4 H7 N O4'        133.103 
CYS 'L-peptide linking' y CYSTEINE                                      ? 'C3 H7 N O2 S'      121.158 
GLN 'L-peptide linking' y GLUTAMINE                                     ? 'C5 H10 N2 O3'      146.144 
GLU 'L-peptide linking' y 'GLUTAMIC ACID'                               ? 'C5 H9 N O4'        147.129 
GLY 'peptide linking'   y GLYCINE                                       ? 'C2 H5 N O2'        75.067  
GNP non-polymer         . 'PHOSPHOAMINOPHOSPHONIC ACID-GUANYLATE ESTER' ? 'C10 H17 N6 O13 P3' 522.196 
HIS 'L-peptide linking' y HISTIDINE                                     ? 'C6 H10 N3 O2 1'    156.162 
HOH non-polymer         . WATER                                         ? 'H2 O'              18.015  
ILE 'L-peptide linking' y ISOLEUCINE                                    ? 'C6 H13 N O2'       131.173 
LEU 'L-peptide linking' y LEUCINE                                       ? 'C6 H13 N O2'       131.173 
LYS 'L-peptide linking' y LYSINE                                        ? 'C6 H15 N2 O2 1'    147.195 
MET 'L-peptide linking' y METHIONINE                                    ? 'C5 H11 N O2 S'     149.211 
MG  non-polymer         . 'MAGNESIUM ION'                               ? 'Mg 2'              24.305  
PHE 'L-peptide linking' y PHENYLALANINE                                 ? 'C9 H11 N O2'       165.189 
PRO 'L-peptide linking' y PROLINE                                       ? 'C5 H9 N O2'        115.130 
SER 'L-peptide linking' y SERINE                                        ? 'C3 H7 N O3'        105.093 
THR 'L-peptide linking' y THREONINE                                     ? 'C4 H9 N O3'        119.119 
TRP 'L-peptide linking' y TRYPTOPHAN                                    ? 'C11 H12 N2 O2'     204.225 
TYR 'L-peptide linking' y TYROSINE                                      ? 'C9 H11 N O3'       181.189 
UNX non-polymer         . 'UNKNOWN ATOM OR ION'                         ? ?                   ?       
VAL 'L-peptide linking' y VALINE                                        ? 'C5 H11 N O2'       117.146 
# 
_exptl.crystals_number   1 
_exptl.method            'X-RAY DIFFRACTION' 
_exptl.entry_id          2OCB 
# 
_exptl_crystal.id                    1 
_exptl_crystal.density_percent_sol   65.0 
_exptl_crystal.density_Matthews      3.5 
_exptl_crystal.density_meas          ? 
_exptl_crystal.description           ? 
_exptl_crystal.F_000                 ? 
_exptl_crystal.preparation           ? 
# 
_exptl_crystal_grow.crystal_id      1 
_exptl_crystal_grow.method          'VAPOR DIFFUSION, HANGING DROP' 
_exptl_crystal_grow.pH              7.5 
_exptl_crystal_grow.temp            291 
_exptl_crystal_grow.pdbx_details    
'2M ammonium sulfate, 0.2M sodium chloride, 0.1M HEPES, pH 7.5, vapor diffusion, hanging drop, temperature 291K' 
_exptl_crystal_grow.temp_details    ? 
_exptl_crystal_grow.pdbx_pH_range   . 
# 
_diffrn.id                     1 
_diffrn.ambient_temp           100 
_diffrn.ambient_temp_details   ? 
_diffrn.crystal_id             1 
# 
_diffrn_detector.diffrn_id              1 
_diffrn_detector.detector               'IMAGE PLATE' 
_diffrn_detector.type                   'RIGAKU RAXIS' 
_diffrn_detector.pdbx_collection_date   2006-08-29 
_diffrn_detector.details                ? 
# 
_diffrn_radiation.diffrn_id                        1 
_diffrn_radiation.pdbx_diffrn_protocol             'SINGLE WAVELENGTH' 
_diffrn_radiation.monochromator                    ? 
_diffrn_radiation.wavelength_id                    1 
_diffrn_radiation.pdbx_monochromatic_or_laue_m_l   M 
_diffrn_radiation.pdbx_scattering_type             x-ray 
# 
_diffrn_radiation_wavelength.id           1 
_diffrn_radiation_wavelength.wavelength   1.5418 
_diffrn_radiation_wavelength.wt           1.0 
# 
_diffrn_source.diffrn_id                   1 
_diffrn_source.source                      'ROTATING ANODE' 
_diffrn_source.type                        'RIGAKU FR-E' 
_diffrn_source.pdbx_wavelength_list        1.5418 
_diffrn_source.pdbx_wavelength             ? 
_diffrn_source.pdbx_synchrotron_site       ? 
_diffrn_source.pdbx_synchrotron_beamline   ? 
# 
_reflns.entry_id                     2OCB 
_reflns.d_resolution_high            2.200 
_reflns.d_resolution_low             30.000 
_reflns.number_obs                   14718 
_reflns.pdbx_Rmerge_I_obs            0.107 
_reflns.pdbx_netI_over_sigmaI        10.200 
_reflns.pdbx_chi_squared             1.934 
_reflns.pdbx_redundancy              6.100 
_reflns.percent_possible_obs         99.900 
_reflns.observed_criterion_sigma_F   ? 
_reflns.observed_criterion_sigma_I   ? 
_reflns.number_all                   ? 
_reflns.pdbx_Rsym_value              ? 
_reflns.B_iso_Wilson_estimate        ? 
_reflns.R_free_details               ? 
_reflns.limit_h_max                  ? 
_reflns.limit_h_min                  ? 
_reflns.limit_k_max                  ? 
_reflns.limit_k_min                  ? 
_reflns.limit_l_max                  ? 
_reflns.limit_l_min                  ? 
_reflns.observed_criterion_F_max     ? 
_reflns.observed_criterion_F_min     ? 
_reflns.pdbx_scaling_rejects         ? 
_reflns.pdbx_diffrn_id               1 
_reflns.pdbx_ordinal                 1 
# 
loop_
_reflns_shell.d_res_high 
_reflns_shell.d_res_low 
_reflns_shell.number_measured_obs 
_reflns_shell.number_measured_all 
_reflns_shell.number_unique_obs 
_reflns_shell.Rmerge_I_obs 
_reflns_shell.meanI_over_sigI_obs 
_reflns_shell.pdbx_Rsym_value 
_reflns_shell.pdbx_chi_squared 
_reflns_shell.pdbx_redundancy 
_reflns_shell.percent_possible_obs 
_reflns_shell.number_unique_all 
_reflns_shell.percent_possible_all 
_reflns_shell.pdbx_diffrn_id 
_reflns_shell.pdbx_ordinal 
2.20 2.28  ? ? 1440 0.725 ? ? 1.797 5.80 100.00 ? ? ? 1  
2.28 2.37  ? ? 1443 0.613 ? ? 1.560 6.10 100.00 ? ? ? 2  
2.37 2.48  ? ? 1451 0.598 ? ? 1.580 6.20 100.00 ? ? ? 3  
2.48 2.61  ? ? 1441 0.415 ? ? 1.564 6.20 100.00 ? ? ? 4  
2.61 2.77  ? ? 1456 0.33  ? ? 1.759 6.20 100.00 ? ? ? 5  
2.77 2.99  ? ? 1456 0.242 ? ? 1.817 6.20 100.00 ? ? ? 6  
2.99 3.29  ? ? 1473 0.14  ? ? 2.112 6.20 100.00 ? ? ? 7  
3.29 3.76  ? ? 1477 0.09  ? ? 2.516 6.20 100.00 ? ? ? 8  
3.76 4.73  ? ? 1503 0.059 ? ? 2.553 6.20 100.00 ? ? ? 9  
4.73 30.00 ? ? 1578 0.042 ? ? 2.022 5.90 99.40  ? ? ? 10 
# 
_refine.details                                  'HYDROGENS HAVE BEEN ADDED IN THE RIDING POSITIONS' 
_refine.B_iso_mean                               31.515 
_refine.aniso_B[1][1]                            2.436 
_refine.aniso_B[2][2]                            2.436 
_refine.aniso_B[3][3]                            -3.654 
_refine.aniso_B[1][2]                            1.218 
_refine.aniso_B[1][3]                            0.000 
_refine.aniso_B[2][3]                            0.000 
_refine.solvent_model_details                    'MASK BULK SOLVENT' 
_refine.pdbx_solvent_vdw_probe_radii             1.400 
_refine.pdbx_solvent_ion_probe_radii             0.800 
_refine.pdbx_solvent_shrinkage_radii             0.800 
_refine.ls_d_res_high                            2.200 
_refine.ls_d_res_low                             23.051 
_refine.ls_number_reflns_R_free                  738 
_refine.ls_number_reflns_obs                     14665 
_refine.ls_R_factor_R_work                       0.2135 
_refine.ls_R_factor_R_free                       0.2531 
_refine.ls_R_factor_all                          0.215 
_refine.ls_wR_factor_R_work                      0.195 
_refine.ls_wR_factor_R_free                      0.231 
_refine.ls_percent_reflns_obs                    99.830 
_refine.ls_percent_reflns_R_free                 5.032 
_refine.correlation_coeff_Fo_to_Fc               0.948 
_refine.correlation_coeff_Fo_to_Fc_free          0.936 
_refine.pdbx_overall_ESU_R                       0.201 
_refine.pdbx_overall_ESU_R_Free                  0.183 
_refine.overall_SU_ML                            0.151 
_refine.overall_SU_B                             5.962 
_refine.entry_id                                 2OCB 
_refine.pdbx_ls_sigma_F                          ? 
_refine.pdbx_ls_sigma_I                          ? 
_refine.ls_number_reflns_all                     ? 
_refine.ls_R_factor_obs                          ? 
_refine.ls_redundancy_reflns_obs                 ? 
_refine.pdbx_data_cutoff_high_absF               ? 
_refine.pdbx_data_cutoff_low_absF                ? 
_refine.ls_number_parameters                     ? 
_refine.ls_number_restraints                     ? 
_refine.ls_R_factor_R_free_error                 ? 
_refine.ls_R_factor_R_free_error_details         ? 
_refine.pdbx_method_to_determine_struct          'MOLECULAR REPLACEMENT' 
_refine.pdbx_starting_model                      'pdb entry 1wms' 
_refine.pdbx_ls_cross_valid_method               ? 
_refine.pdbx_R_Free_selection_details            random 
_refine.pdbx_stereochem_target_val_spec_case     ? 
_refine.pdbx_stereochemistry_target_values       ? 
_refine.solvent_model_param_bsol                 ? 
_refine.solvent_model_param_ksol                 ? 
_refine.occupancy_max                            ? 
_refine.occupancy_min                            ? 
_refine.pdbx_isotropic_thermal_model             ? 
_refine.B_iso_min                                ? 
_refine.B_iso_max                                ? 
_refine.overall_SU_R_Cruickshank_DPI             ? 
_refine.overall_SU_R_free                        ? 
_refine.pdbx_data_cutoff_high_rms_absF           ? 
_refine.overall_FOM_free_R_set                   ? 
_refine.overall_FOM_work_R_set                   ? 
_refine.pdbx_refine_id                           'X-RAY DIFFRACTION' 
_refine.pdbx_diffrn_id                           1 
_refine.pdbx_TLS_residual_ADP_flag               ? 
_refine.pdbx_overall_phase_error                 ? 
_refine.pdbx_overall_SU_R_free_Cruickshank_DPI   ? 
_refine.pdbx_overall_SU_R_Blow_DPI               ? 
_refine.pdbx_overall_SU_R_free_Blow_DPI          ? 
# 
_refine_hist.pdbx_refine_id                   'X-RAY DIFFRACTION' 
_refine_hist.cycle_id                         LAST 
_refine_hist.pdbx_number_atoms_protein        1368 
_refine_hist.pdbx_number_atoms_nucleic_acid   0 
_refine_hist.pdbx_number_atoms_ligand         40 
_refine_hist.number_atoms_solvent             37 
_refine_hist.number_atoms_total               1445 
_refine_hist.d_res_high                       2.200 
_refine_hist.d_res_low                        23.051 
# 
loop_
_refine_ls_restr.type 
_refine_ls_restr.number 
_refine_ls_restr.dev_ideal 
_refine_ls_restr.dev_ideal_target 
_refine_ls_restr.weight 
_refine_ls_restr.pdbx_refine_id 
_refine_ls_restr.pdbx_restraint_function 
r_bond_refined_d         1437 0.017  0.022  ? 'X-RAY DIFFRACTION' ? 
r_bond_other_d           921  0.002  0.020  ? 'X-RAY DIFFRACTION' ? 
r_angle_refined_deg      1958 1.416  1.967  ? 'X-RAY DIFFRACTION' ? 
r_angle_other_deg        2240 0.950  3.000  ? 'X-RAY DIFFRACTION' ? 
r_dihedral_angle_1_deg   176  6.076  5.000  ? 'X-RAY DIFFRACTION' ? 
r_dihedral_angle_2_deg   71   35.515 24.789 ? 'X-RAY DIFFRACTION' ? 
r_dihedral_angle_3_deg   222  13.579 15.000 ? 'X-RAY DIFFRACTION' ? 
r_dihedral_angle_4_deg   7    11.395 15.000 ? 'X-RAY DIFFRACTION' ? 
r_chiral_restr           217  0.076  0.200  ? 'X-RAY DIFFRACTION' ? 
r_gen_planes_refined     1607 0.005  0.020  ? 'X-RAY DIFFRACTION' ? 
r_gen_planes_other       301  0.001  0.020  ? 'X-RAY DIFFRACTION' ? 
r_nbd_refined            295  0.182  0.200  ? 'X-RAY DIFFRACTION' ? 
r_nbd_other              941  0.196  0.200  ? 'X-RAY DIFFRACTION' ? 
r_nbtor_refined          664  0.180  0.200  ? 'X-RAY DIFFRACTION' ? 
r_nbtor_other            749  0.084  0.200  ? 'X-RAY DIFFRACTION' ? 
r_xyhbond_nbd_refined    63   0.167  0.200  ? 'X-RAY DIFFRACTION' ? 
r_symmetry_vdw_refined   2    0.120  0.200  ? 'X-RAY DIFFRACTION' ? 
r_symmetry_vdw_other     16   0.213  0.200  ? 'X-RAY DIFFRACTION' ? 
r_symmetry_hbond_refined 2    0.166  0.200  ? 'X-RAY DIFFRACTION' ? 
r_mcbond_it              956  2.729  2.000  ? 'X-RAY DIFFRACTION' ? 
r_mcbond_other           355  0.701  2.000  ? 'X-RAY DIFFRACTION' ? 
r_mcangle_it             1388 3.792  3.000  ? 'X-RAY DIFFRACTION' ? 
r_scbond_it              650  2.399  2.000  ? 'X-RAY DIFFRACTION' ? 
r_scangle_it             568  3.185  3.000  ? 'X-RAY DIFFRACTION' ? 
# 
loop_
_refine_ls_shell.pdbx_total_number_of_bins_used 
_refine_ls_shell.d_res_low 
_refine_ls_shell.d_res_high 
_refine_ls_shell.number_reflns_all 
_refine_ls_shell.percent_reflns_obs 
_refine_ls_shell.number_reflns_R_work 
_refine_ls_shell.R_factor_R_work 
_refine_ls_shell.R_factor_all 
_refine_ls_shell.number_reflns_R_free 
_refine_ls_shell.R_factor_R_free 
_refine_ls_shell.number_reflns_obs 
_refine_ls_shell.R_factor_R_free_error 
_refine_ls_shell.percent_reflns_R_free 
_refine_ls_shell.redundancy_reflns_obs 
_refine_ls_shell.pdbx_refine_id 
20 2.257  2.200 1061 99.812  998 0.3   0.303 61 0.355 . . . . 'X-RAY DIFFRACTION' 
20 2.318  2.257 1016 99.803  947 0.289 0.296 67 0.399 . . . . 'X-RAY DIFFRACTION' 
20 2.385  2.318 1006 99.702  954 0.283 0.283 49 0.288 . . . . 'X-RAY DIFFRACTION' 
20 2.457  2.385 976  99.693  929 0.291 0.296 44 0.404 . . . . 'X-RAY DIFFRACTION' 
20 2.537  2.457 954  99.895  900 0.253 0.255 53 0.294 . . . . 'X-RAY DIFFRACTION' 
20 2.625  2.537 925  99.892  870 0.239 0.245 54 0.334 . . . . 'X-RAY DIFFRACTION' 
20 2.723  2.625 881  99.546  839 0.239 0.242 38 0.291 . . . . 'X-RAY DIFFRACTION' 
20 2.832  2.723 856  99.883  814 0.238 0.241 41 0.3   . . . . 'X-RAY DIFFRACTION' 
20 2.956  2.832 841  99.762  797 0.236 0.239 42 0.298 . . . . 'X-RAY DIFFRACTION' 
20 3.098  2.956 783  99.872  759 0.215 0.217 23 0.28  . . . . 'X-RAY DIFFRACTION' 
20 3.262  3.098 748  99.866  706 0.218 0.217 41 0.2   . . . . 'X-RAY DIFFRACTION' 
20 3.456  3.262 723  99.862  685 0.209 0.212 37 0.263 . . . . 'X-RAY DIFFRACTION' 
20 3.688  3.456 670  99.851  639 0.2   0.201 30 0.214 . . . . 'X-RAY DIFFRACTION' 
20 3.975  3.688 640  100.000 598 0.18  0.182 42 0.201 . . . . 'X-RAY DIFFRACTION' 
20 4.342  3.975 594  99.832  570 0.172 0.175 23 0.266 . . . . 'X-RAY DIFFRACTION' 
20 4.833  4.342 535  99.813  509 0.156 0.157 25 0.16  . . . . 'X-RAY DIFFRACTION' 
20 5.540  4.833 491  100.000 465 0.179 0.182 26 0.232 . . . . 'X-RAY DIFFRACTION' 
20 6.690  5.540 414  100.000 396 0.227 0.224 18 0.173 . . . . 'X-RAY DIFFRACTION' 
20 9.086  6.690 344  100.000 334 0.208 0.211 10 0.382 . . . . 'X-RAY DIFFRACTION' 
20 23.051 9.086 232  100.000 218 0.218 0.218 14 0.211 . . . . 'X-RAY DIFFRACTION' 
# 
_struct.entry_id                  2OCB 
_struct.title                     'Crystal structure of human RAB9B in complex with a GTP analogue' 
_struct.pdbx_model_details        ? 
_struct.pdbx_CASP_flag            ? 
_struct.pdbx_model_type_details   ? 
# 
_struct_keywords.text            
'G-PROTEIN, RAB, GTPASE, GTP ANALOGUE, Structural Genomics, Structural Genomics Consortium, SGC, TRANSPORT PROTEIN' 
_struct_keywords.entry_id        2OCB 
_struct_keywords.pdbx_keywords   'TRANSPORT PROTEIN' 
# 
loop_
_struct_asym.id 
_struct_asym.pdbx_blank_PDB_chainid_flag 
_struct_asym.pdbx_modified 
_struct_asym.entity_id 
_struct_asym.details 
A N N 1 ? 
B N N 2 ? 
C N N 3 ? 
D N N 4 ? 
E N N 4 ? 
F N N 4 ? 
G N N 4 ? 
H N N 4 ? 
I N N 4 ? 
J N N 4 ? 
K N N 5 ? 
# 
_struct_biol.id                    1 
_struct_biol.details               'not known' 
_struct_biol.pdbx_parent_biol_id   ? 
# 
loop_
_struct_conf.conf_type_id 
_struct_conf.id 
_struct_conf.pdbx_PDB_helix_id 
_struct_conf.beg_label_comp_id 
_struct_conf.beg_label_asym_id 
_struct_conf.beg_label_seq_id 
_struct_conf.pdbx_beg_PDB_ins_code 
_struct_conf.end_label_comp_id 
_struct_conf.end_label_asym_id 
_struct_conf.end_label_seq_id 
_struct_conf.pdbx_end_PDB_ins_code 
_struct_conf.beg_auth_comp_id 
_struct_conf.beg_auth_asym_id 
_struct_conf.beg_auth_seq_id 
_struct_conf.end_auth_comp_id 
_struct_conf.end_auth_asym_id 
_struct_conf.end_auth_seq_id 
_struct_conf.pdbx_PDB_helix_class 
_struct_conf.details 
_struct_conf.pdbx_PDB_helix_length 
HELX_P HELX_P1 1 GLY A 19  ? ASN A 30  ? GLY A 19  ASN A 30  1 ? 12 
HELX_P HELX_P2 2 GLN A 66  ? ARG A 68  ? GLN A 66  ARG A 68  5 ? 3  
HELX_P HELX_P3 3 PHE A 69  ? THR A 74  ? PHE A 69  THR A 74  1 ? 6  
HELX_P HELX_P4 4 PRO A 75  ? TYR A 77  ? PRO A 75  TYR A 77  5 ? 3  
HELX_P HELX_P5 5 ASP A 91  ? ASN A 97  ? ASP A 91  ASN A 97  1 ? 7  
HELX_P HELX_P6 6 ASN A 97  ? ALA A 109 ? ASN A 97  ALA A 109 1 ? 13 
HELX_P HELX_P7 7 THR A 134 ? ASN A 145 ? THR A 134 ASN A 145 1 ? 12 
HELX_P HELX_P8 8 ASN A 160 ? ALA A 174 ? ASN A 160 ALA A 174 1 ? 15 
# 
_struct_conf_type.id          HELX_P 
_struct_conf_type.criteria    ? 
_struct_conf_type.reference   ? 
# 
loop_
_struct_conn.id 
_struct_conn.conn_type_id 
_struct_conn.pdbx_leaving_atom_flag 
_struct_conn.pdbx_PDB_id 
_struct_conn.ptnr1_label_asym_id 
_struct_conn.ptnr1_label_comp_id 
_struct_conn.ptnr1_label_seq_id 
_struct_conn.ptnr1_label_atom_id 
_struct_conn.pdbx_ptnr1_label_alt_id 
_struct_conn.pdbx_ptnr1_PDB_ins_code 
_struct_conn.pdbx_ptnr1_standard_comp_id 
_struct_conn.ptnr1_symmetry 
_struct_conn.ptnr2_label_asym_id 
_struct_conn.ptnr2_label_comp_id 
_struct_conn.ptnr2_label_seq_id 
_struct_conn.ptnr2_label_atom_id 
_struct_conn.pdbx_ptnr2_label_alt_id 
_struct_conn.pdbx_ptnr2_PDB_ins_code 
_struct_conn.ptnr1_auth_asym_id 
_struct_conn.ptnr1_auth_comp_id 
_struct_conn.ptnr1_auth_seq_id 
_struct_conn.ptnr2_auth_asym_id 
_struct_conn.ptnr2_auth_comp_id 
_struct_conn.ptnr2_auth_seq_id 
_struct_conn.ptnr2_symmetry 
_struct_conn.pdbx_ptnr3_label_atom_id 
_struct_conn.pdbx_ptnr3_label_seq_id 
_struct_conn.pdbx_ptnr3_label_comp_id 
_struct_conn.pdbx_ptnr3_label_asym_id 
_struct_conn.pdbx_ptnr3_label_alt_id 
_struct_conn.pdbx_ptnr3_PDB_ins_code 
_struct_conn.details 
_struct_conn.pdbx_dist_value 
_struct_conn.pdbx_value_order 
_struct_conn.pdbx_role 
metalc1 metalc ? ? A SER 21 OG  ? ? ? 1_555 B MG  . MG ? ? A SER 21  A MG  202 1_555 ? ? ? ? ? ? ? 2.139 ? ? 
metalc2 metalc ? ? A THR 39 OG1 ? ? ? 1_555 B MG  . MG ? ? A THR 39  A MG  202 1_555 ? ? ? ? ? ? ? 2.166 ? ? 
metalc3 metalc ? ? C GNP .  O2G ? ? ? 1_555 B MG  . MG ? ? A GNP 201 A MG  202 1_555 ? ? ? ? ? ? ? 2.150 ? ? 
metalc4 metalc ? ? C GNP .  O2B ? ? ? 1_555 B MG  . MG ? ? A GNP 201 A MG  202 1_555 ? ? ? ? ? ? ? 2.134 ? ? 
metalc5 metalc ? ? B MG  .  MG  ? ? ? 1_555 K HOH . O  ? ? A MG  202 A HOH 302 1_555 ? ? ? ? ? ? ? 2.259 ? ? 
metalc6 metalc ? ? B MG  .  MG  ? ? ? 1_555 K HOH . O  ? ? A MG  202 A HOH 303 1_555 ? ? ? ? ? ? ? 2.118 ? ? 
# 
_struct_conn_type.id          metalc 
_struct_conn_type.criteria    ? 
_struct_conn_type.reference   ? 
# 
_struct_sheet.id               A 
_struct_sheet.type             ? 
_struct_sheet.number_strands   6 
_struct_sheet.details          ? 
# 
loop_
_struct_sheet_order.sheet_id 
_struct_sheet_order.range_id_1 
_struct_sheet_order.range_id_2 
_struct_sheet_order.offset 
_struct_sheet_order.sense 
A 1 2 ? anti-parallel 
A 2 3 ? parallel      
A 3 4 ? parallel      
A 4 5 ? parallel      
A 5 6 ? parallel      
# 
loop_
_struct_sheet_range.sheet_id 
_struct_sheet_range.id 
_struct_sheet_range.beg_label_comp_id 
_struct_sheet_range.beg_label_asym_id 
_struct_sheet_range.beg_label_seq_id 
_struct_sheet_range.pdbx_beg_PDB_ins_code 
_struct_sheet_range.end_label_comp_id 
_struct_sheet_range.end_label_asym_id 
_struct_sheet_range.end_label_seq_id 
_struct_sheet_range.pdbx_end_PDB_ins_code 
_struct_sheet_range.beg_auth_comp_id 
_struct_sheet_range.beg_auth_asym_id 
_struct_sheet_range.beg_auth_seq_id 
_struct_sheet_range.end_auth_comp_id 
_struct_sheet_range.end_auth_asym_id 
_struct_sheet_range.end_auth_seq_id 
A 1 VAL A 42  ? GLU A 50  ? VAL A 42  GLU A 50  
A 2 PHE A 55  ? THR A 63  ? PHE A 55  THR A 63  
A 3 LEU A 6   ? LEU A 13  ? LEU A 6   LEU A 13  
A 4 CYS A 82  ? SER A 88  ? CYS A 82  SER A 88  
A 5 PHE A 119 ? ASN A 124 ? PHE A 119 ASN A 124 
A 6 TYR A 150 ? GLU A 152 ? TYR A 150 GLU A 152 
# 
loop_
_pdbx_struct_sheet_hbond.sheet_id 
_pdbx_struct_sheet_hbond.range_id_1 
_pdbx_struct_sheet_hbond.range_id_2 
_pdbx_struct_sheet_hbond.range_1_label_atom_id 
_pdbx_struct_sheet_hbond.range_1_label_comp_id 
_pdbx_struct_sheet_hbond.range_1_label_asym_id 
_pdbx_struct_sheet_hbond.range_1_label_seq_id 
_pdbx_struct_sheet_hbond.range_1_PDB_ins_code 
_pdbx_struct_sheet_hbond.range_1_auth_atom_id 
_pdbx_struct_sheet_hbond.range_1_auth_comp_id 
_pdbx_struct_sheet_hbond.range_1_auth_asym_id 
_pdbx_struct_sheet_hbond.range_1_auth_seq_id 
_pdbx_struct_sheet_hbond.range_2_label_atom_id 
_pdbx_struct_sheet_hbond.range_2_label_comp_id 
_pdbx_struct_sheet_hbond.range_2_label_asym_id 
_pdbx_struct_sheet_hbond.range_2_label_seq_id 
_pdbx_struct_sheet_hbond.range_2_PDB_ins_code 
_pdbx_struct_sheet_hbond.range_2_auth_atom_id 
_pdbx_struct_sheet_hbond.range_2_auth_comp_id 
_pdbx_struct_sheet_hbond.range_2_auth_asym_id 
_pdbx_struct_sheet_hbond.range_2_auth_seq_id 
A 1 2 N GLU A 43  ? N GLU A 43  O ASP A 62  ? O ASP A 62  
A 2 3 O TRP A 61  ? O TRP A 61  N VAL A 10  ? N VAL A 10  
A 3 4 N LEU A 13  ? N LEU A 13  O THR A 86  ? O THR A 86  
A 4 5 N PHE A 87  ? N PHE A 87  O ASN A 124 ? O ASN A 124 
A 5 6 N GLY A 123 ? N GLY A 123 O LEU A 151 ? O LEU A 151 
# 
loop_
_struct_site.id 
_struct_site.pdbx_evidence_code 
_struct_site.pdbx_auth_asym_id 
_struct_site.pdbx_auth_comp_id 
_struct_site.pdbx_auth_seq_id 
_struct_site.pdbx_auth_ins_code 
_struct_site.pdbx_num_residues 
_struct_site.details 
AC1 Software A MG  202  ? 5  'BINDING SITE FOR RESIDUE MG A 202'   
AC2 Software A GNP 201  ? 27 'BINDING SITE FOR RESIDUE GNP A 201'  
AC3 Software A UNX 1001 ? 1  'BINDING SITE FOR RESIDUE UNX A 1001' 
AC4 Software A UNX 1002 ? 3  'BINDING SITE FOR RESIDUE UNX A 1002' 
AC5 Software A UNX 1003 ? 2  'BINDING SITE FOR RESIDUE UNX A 1003' 
AC6 Software A UNX 1004 ? 3  'BINDING SITE FOR RESIDUE UNX A 1004' 
AC7 Software A UNX 1005 ? 1  'BINDING SITE FOR RESIDUE UNX A 1005' 
AC8 Software A UNX 1006 ? 1  'BINDING SITE FOR RESIDUE UNX A 1006' 
AC9 Software A UNX 1007 ? 4  'BINDING SITE FOR RESIDUE UNX A 1007' 
# 
loop_
_struct_site_gen.id 
_struct_site_gen.site_id 
_struct_site_gen.pdbx_num_res 
_struct_site_gen.label_comp_id 
_struct_site_gen.label_asym_id 
_struct_site_gen.label_seq_id 
_struct_site_gen.pdbx_auth_ins_code 
_struct_site_gen.auth_comp_id 
_struct_site_gen.auth_asym_id 
_struct_site_gen.auth_seq_id 
_struct_site_gen.label_atom_id 
_struct_site_gen.label_alt_id 
_struct_site_gen.symmetry 
_struct_site_gen.details 
1  AC1 5  SER A 21  ? SER A 21  . ? 1_555 ? 
2  AC1 5  THR A 39  ? THR A 39  . ? 1_555 ? 
3  AC1 5  GNP C .   ? GNP A 201 . ? 1_555 ? 
4  AC1 5  HOH K .   ? HOH A 302 . ? 1_555 ? 
5  AC1 5  HOH K .   ? HOH A 303 . ? 1_555 ? 
6  AC2 27 GLY A 16  ? GLY A 16  . ? 1_555 ? 
7  AC2 27 GLY A 17  ? GLY A 17  . ? 1_555 ? 
8  AC2 27 VAL A 18  ? VAL A 18  . ? 1_555 ? 
9  AC2 27 GLY A 19  ? GLY A 19  . ? 1_555 ? 
10 AC2 27 LYS A 20  ? LYS A 20  . ? 1_555 ? 
11 AC2 27 SER A 21  ? SER A 21  . ? 1_555 ? 
12 AC2 27 SER A 22  ? SER A 22  . ? 1_555 ? 
13 AC2 27 PHE A 32  ? PHE A 32  . ? 1_555 ? 
14 AC2 27 ASP A 33  ? ASP A 33  . ? 1_555 ? 
15 AC2 27 SER A 34  ? SER A 34  . ? 1_555 ? 
16 AC2 27 ALA A 36  ? ALA A 36  . ? 1_555 ? 
17 AC2 27 HIS A 38  ? HIS A 38  . ? 1_555 ? 
18 AC2 27 THR A 39  ? THR A 39  . ? 1_555 ? 
19 AC2 27 GLY A 65  ? GLY A 65  . ? 1_555 ? 
20 AC2 27 ASN A 124 ? ASN A 124 . ? 1_555 ? 
21 AC2 27 LYS A 125 ? LYS A 125 . ? 1_555 ? 
22 AC2 27 ASP A 127 ? ASP A 127 . ? 1_555 ? 
23 AC2 27 LYS A 128 ? LYS A 128 . ? 1_555 ? 
24 AC2 27 SER A 154 ? SER A 154 . ? 1_555 ? 
25 AC2 27 ALA A 155 ? ALA A 155 . ? 1_555 ? 
26 AC2 27 LYS A 156 ? LYS A 156 . ? 1_555 ? 
27 AC2 27 MG  B .   ? MG  A 202 . ? 1_555 ? 
28 AC2 27 HOH K .   ? HOH A 302 . ? 1_555 ? 
29 AC2 27 HOH K .   ? HOH A 303 . ? 1_555 ? 
30 AC2 27 HOH K .   ? HOH A 304 . ? 1_555 ? 
31 AC2 27 HOH K .   ? HOH A 318 . ? 1_555 ? 
32 AC2 27 HOH K .   ? HOH A 334 . ? 1_555 ? 
33 AC3 1  TYR A 107 ? TYR A 107 . ? 5_665 ? 
34 AC4 3  VAL A 126 ? VAL A 126 . ? 1_555 ? 
35 AC4 3  ASP A 157 ? ASP A 157 . ? 1_555 ? 
36 AC4 3  THR A 159 ? THR A 159 . ? 1_555 ? 
37 AC5 2  THR A 134 ? THR A 134 . ? 1_555 ? 
38 AC5 2  GLU A 136 ? GLU A 136 . ? 1_555 ? 
39 AC6 3  ASN A 160 ? ASN A 160 . ? 1_555 ? 
40 AC6 3  VAL A 163 ? VAL A 163 . ? 1_555 ? 
41 AC6 3  HOH K .   ? HOH A 332 . ? 1_555 ? 
42 AC7 1  ARG A 68  ? ARG A 68  . ? 1_555 ? 
43 AC8 1  GLU A 104 ? GLU A 104 . ? 1_555 ? 
44 AC9 4  GLU A 43  ? GLU A 43  . ? 2_564 ? 
45 AC9 4  PHE A 44  ? PHE A 44  . ? 2_564 ? 
46 AC9 4  MET A 143 ? MET A 143 . ? 1_555 ? 
47 AC9 4  ASP A 147 ? ASP A 147 . ? 1_555 ? 
# 
_atom_sites.entry_id                    2OCB 
_atom_sites.fract_transf_matrix[1][1]   0.00423821 
_atom_sites.fract_transf_matrix[1][2]   0.00918288 
_atom_sites.fract_transf_matrix[1][3]   -0.01290707 
_atom_sites.fract_transf_matrix[2][1]   -0.01121891 
_atom_sites.fract_transf_matrix[2][2]   0.00395386 
_atom_sites.fract_transf_matrix[2][3]   -0.01128996 
_atom_sites.fract_transf_matrix[3][1]   -0.00231245 
_atom_sites.fract_transf_matrix[3][2]   0.00846287 
_atom_sites.fract_transf_matrix[3][3]   0.00526168 
_atom_sites.fract_transf_vector[1]      -0.328145 
_atom_sites.fract_transf_vector[2]      0.352305 
_atom_sites.fract_transf_vector[3]      0.141669 
# 
loop_
_atom_type.symbol 
C  
MG 
N  
O  
P  
S  
X  
# 
loop_
_atom_site.group_PDB 
_atom_site.id 
_atom_site.type_symbol 
_atom_site.label_atom_id 
_atom_site.label_alt_id 
_atom_site.label_comp_id 
_atom_site.label_asym_id 
_atom_site.label_entity_id 
_atom_site.label_seq_id 
_atom_site.pdbx_PDB_ins_code 
_atom_site.Cartn_x 
_atom_site.Cartn_y 
_atom_site.Cartn_z 
_atom_site.occupancy 
_atom_site.B_iso_or_equiv 
_atom_site.pdbx_formal_charge 
_atom_site.auth_seq_id 
_atom_site.auth_comp_id 
_atom_site.auth_asym_id 
_atom_site.auth_atom_id 
_atom_site.pdbx_PDB_model_num 
ATOM   1    N  N     . GLY A 1 3   ? 1.165   12.066  -25.924 1.00 47.73 ? 3    GLY A N     1 
ATOM   2    C  CA    . GLY A 1 3   ? 0.007   12.754  -25.286 1.00 46.50 ? 3    GLY A CA    1 
ATOM   3    C  C     . GLY A 1 3   ? 0.182   12.829  -23.780 1.00 46.33 ? 3    GLY A C     1 
ATOM   4    O  O     . GLY A 1 3   ? 1.309   13.031  -23.288 1.00 47.83 ? 3    GLY A O     1 
ATOM   5    N  N     . LYS A 1 4   ? -0.931  12.668  -23.050 1.00 47.27 ? 4    LYS A N     1 
ATOM   6    C  CA    . LYS A 1 4   ? -0.929  12.615  -21.559 1.00 46.01 ? 4    LYS A CA    1 
ATOM   7    C  C     . LYS A 1 4   ? -0.282  11.353  -21.033 1.00 44.90 ? 4    LYS A C     1 
ATOM   8    O  O     . LYS A 1 4   ? -0.337  10.299  -21.692 1.00 43.61 ? 4    LYS A O     1 
ATOM   9    C  CB    . LYS A 1 4   ? -2.360  12.660  -21.007 1.00 43.97 ? 4    LYS A CB    1 
ATOM   10   N  N     . SER A 1 5   ? 0.330   11.455  -19.845 1.00 44.86 ? 5    SER A N     1 
ATOM   11   C  CA    . SER A 1 5   ? 0.611   10.280  -19.028 1.00 45.31 ? 5    SER A CA    1 
ATOM   12   C  C     . SER A 1 5   ? -0.740  9.729   -18.498 1.00 44.56 ? 5    SER A C     1 
ATOM   13   O  O     . SER A 1 5   ? -1.709  10.465  -18.371 1.00 43.93 ? 5    SER A O     1 
ATOM   14   C  CB    . SER A 1 5   ? 1.536   10.621  -17.857 1.00 45.32 ? 5    SER A CB    1 
ATOM   15   O  OG    . SER A 1 5   ? 0.815   11.212  -16.803 1.00 47.93 ? 5    SER A OG    1 
ATOM   16   N  N     . LEU A 1 6   ? -0.809  8.429   -18.228 1.00 45.06 ? 6    LEU A N     1 
ATOM   17   C  CA    . LEU A 1 6   ? -1.985  7.867   -17.544 1.00 44.70 ? 6    LEU A CA    1 
ATOM   18   C  C     . LEU A 1 6   ? -1.867  8.211   -16.056 1.00 41.72 ? 6    LEU A C     1 
ATOM   19   O  O     . LEU A 1 6   ? -0.876  7.848   -15.408 1.00 37.98 ? 6    LEU A O     1 
ATOM   20   C  CB    . LEU A 1 6   ? -2.057  6.337   -17.747 1.00 45.17 ? 6    LEU A CB    1 
ATOM   21   C  CG    . LEU A 1 6   ? -3.275  5.574   -17.200 1.00 43.01 ? 6    LEU A CG    1 
ATOM   22   C  CD1   . LEU A 1 6   ? -4.585  6.010   -17.838 1.00 42.61 ? 6    LEU A CD1   1 
ATOM   23   C  CD2   . LEU A 1 6   ? -3.050  4.100   -17.391 1.00 43.17 ? 6    LEU A CD2   1 
ATOM   24   N  N     . LEU A 1 7   ? -2.859  8.937   -15.542 1.00 41.92 ? 7    LEU A N     1 
ATOM   25   C  CA    . LEU A 1 7   ? -2.914  9.294   -14.130 1.00 43.25 ? 7    LEU A CA    1 
ATOM   26   C  C     . LEU A 1 7   ? -3.613  8.183   -13.330 1.00 38.47 ? 7    LEU A C     1 
ATOM   27   O  O     . LEU A 1 7   ? -4.788  7.934   -13.516 1.00 38.01 ? 7    LEU A O     1 
ATOM   28   C  CB    . LEU A 1 7   ? -3.645  10.649  -13.944 1.00 43.49 ? 7    LEU A CB    1 
ATOM   29   C  CG    . LEU A 1 7   ? -3.917  11.112  -12.486 1.00 43.27 ? 7    LEU A CG    1 
ATOM   30   C  CD1   . LEU A 1 7   ? -2.658  11.294  -11.645 1.00 40.82 ? 7    LEU A CD1   1 
ATOM   31   C  CD2   . LEU A 1 7   ? -4.721  12.394  -12.509 1.00 46.40 ? 7    LEU A CD2   1 
ATOM   32   N  N     . LEU A 1 8   ? -2.883  7.525   -12.438 1.00 37.36 ? 8    LEU A N     1 
ATOM   33   C  CA    . LEU A 1 8   ? -3.475  6.477   -11.584 1.00 34.83 ? 8    LEU A CA    1 
ATOM   34   C  C     . LEU A 1 8   ? -3.364  6.812   -10.109 1.00 33.57 ? 8    LEU A C     1 
ATOM   35   O  O     . LEU A 1 8   ? -2.292  7.164   -9.630  1.00 35.87 ? 8    LEU A O     1 
ATOM   36   C  CB    . LEU A 1 8   ? -2.815  5.105   -11.835 1.00 31.02 ? 8    LEU A CB    1 
ATOM   37   C  CG    . LEU A 1 8   ? -2.861  4.602   -13.277 1.00 31.97 ? 8    LEU A CG    1 
ATOM   38   C  CD1   . LEU A 1 8   ? -1.976  3.399   -13.453 1.00 30.42 ? 8    LEU A CD1   1 
ATOM   39   C  CD2   . LEU A 1 8   ? -4.323  4.329   -13.737 1.00 32.71 ? 8    LEU A CD2   1 
ATOM   40   N  N     . LYS A 1 9   ? -4.469  6.639   -9.394  1.00 29.32 ? 9    LYS A N     1 
ATOM   41   C  CA    . LYS A 1 9   ? -4.540  6.880   -7.952  1.00 29.73 ? 9    LYS A CA    1 
ATOM   42   C  C     . LYS A 1 9   ? -4.379  5.556   -7.166  1.00 28.51 ? 9    LYS A C     1 
ATOM   43   O  O     . LYS A 1 9   ? -5.167  4.656   -7.329  1.00 25.64 ? 9    LYS A O     1 
ATOM   44   C  CB    . LYS A 1 9   ? -5.872  7.594   -7.609  1.00 28.48 ? 9    LYS A CB    1 
ATOM   45   C  CG    . LYS A 1 9   ? -6.235  7.599   -6.076  1.00 29.95 ? 9    LYS A CG    1 
ATOM   46   C  CD    . LYS A 1 9   ? -7.374  8.639   -5.710  1.00 27.86 ? 9    LYS A CD    1 
ATOM   47   C  CE    . LYS A 1 9   ? -7.639  8.701   -4.197  1.00 27.19 ? 9    LYS A CE    1 
ATOM   48   N  NZ    . LYS A 1 9   ? -8.917  9.410   -3.963  1.00 28.22 ? 9    LYS A NZ    1 
ATOM   49   N  N     . VAL A 1 10  ? -3.296  5.450   -6.383  1.00 30.60 ? 10   VAL A N     1 
ATOM   50   C  CA    A VAL A 1 10  ? -3.066  4.343   -5.473  0.50 30.18 ? 10   VAL A CA    1 
ATOM   51   C  CA    B VAL A 1 10  ? -3.102  4.344   -5.457  0.50 28.85 ? 10   VAL A CA    1 
ATOM   52   C  C     . VAL A 1 10  ? -3.143  4.875   -4.025  1.00 30.92 ? 10   VAL A C     1 
ATOM   53   O  O     . VAL A 1 10  ? -2.681  5.981   -3.749  1.00 34.47 ? 10   VAL A O     1 
ATOM   54   C  CB    A VAL A 1 10  ? -1.678  3.677   -5.759  0.50 30.79 ? 10   VAL A CB    1 
ATOM   55   C  CB    B VAL A 1 10  ? -1.766  3.564   -5.707  0.50 27.98 ? 10   VAL A CB    1 
ATOM   56   C  CG1   A VAL A 1 10  ? -1.486  2.409   -4.951  0.50 29.13 ? 10   VAL A CG1   1 
ATOM   57   C  CG1   B VAL A 1 10  ? -1.718  3.046   -7.127  0.50 28.90 ? 10   VAL A CG1   1 
ATOM   58   C  CG2   A VAL A 1 10  ? -1.560  3.353   -7.224  0.50 32.56 ? 10   VAL A CG2   1 
ATOM   59   C  CG2   B VAL A 1 10  ? -0.549  4.427   -5.389  0.50 22.21 ? 10   VAL A CG2   1 
ATOM   60   N  N     . ILE A 1 11  ? -3.697  4.076   -3.110  1.00 28.10 ? 11   ILE A N     1 
ATOM   61   C  CA    . ILE A 1 11  ? -3.908  4.493   -1.731  1.00 25.11 ? 11   ILE A CA    1 
ATOM   62   C  C     . ILE A 1 11  ? -3.293  3.448   -0.778  1.00 25.67 ? 11   ILE A C     1 
ATOM   63   O  O     . ILE A 1 11  ? -3.515  2.276   -0.937  1.00 24.99 ? 11   ILE A O     1 
ATOM   64   C  CB    . ILE A 1 11  ? -5.443  4.792   -1.400  1.00 26.70 ? 11   ILE A CB    1 
ATOM   65   C  CG1   . ILE A 1 11  ? -5.593  5.411   0.023   1.00 30.86 ? 11   ILE A CG1   1 
ATOM   66   C  CG2   . ILE A 1 11  ? -6.307  3.572   -1.542  1.00 25.05 ? 11   ILE A CG2   1 
ATOM   67   C  CD1   . ILE A 1 11  ? -6.993  5.989   0.342   1.00 26.24 ? 11   ILE A CD1   1 
ATOM   68   N  N     . LEU A 1 12  ? -2.485  3.914   0.179   1.00 23.53 ? 12   LEU A N     1 
ATOM   69   C  CA    . LEU A 1 12  ? -1.875  3.061   1.187   1.00 23.58 ? 12   LEU A CA    1 
ATOM   70   C  C     . LEU A 1 12  ? -2.767  2.973   2.416   1.00 24.74 ? 12   LEU A C     1 
ATOM   71   O  O     . LEU A 1 12  ? -3.135  4.006   3.028   1.00 22.30 ? 12   LEU A O     1 
ATOM   72   C  CB    . LEU A 1 12  ? -0.513  3.603   1.589   1.00 22.64 ? 12   LEU A CB    1 
ATOM   73   C  CG    . LEU A 1 12  ? 0.597   3.635   0.529   1.00 23.11 ? 12   LEU A CG    1 
ATOM   74   C  CD1   . LEU A 1 12  ? 1.466   4.932   0.638   1.00 25.99 ? 12   LEU A CD1   1 
ATOM   75   C  CD2   . LEU A 1 12  ? 1.474   2.349   0.646   1.00 21.73 ? 12   LEU A CD2   1 
ATOM   76   N  N     . LEU A 1 13  ? -3.094  1.742   2.797   1.00 22.99 ? 13   LEU A N     1 
ATOM   77   C  CA    . LEU A 1 13  ? -3.877  1.490   4.010   1.00 21.53 ? 13   LEU A CA    1 
ATOM   78   C  C     . LEU A 1 13  ? -3.210  0.458   4.836   1.00 21.39 ? 13   LEU A C     1 
ATOM   79   O  O     . LEU A 1 13  ? -2.793  -0.556  4.318   1.00 22.46 ? 13   LEU A O     1 
ATOM   80   C  CB    . LEU A 1 13  ? -5.296  0.978   3.689   1.00 20.44 ? 13   LEU A CB    1 
ATOM   81   C  CG    . LEU A 1 13  ? -6.263  1.783   2.848   1.00 21.10 ? 13   LEU A CG    1 
ATOM   82   C  CD1   . LEU A 1 13  ? -7.622  1.090   2.844   1.00 23.19 ? 13   LEU A CD1   1 
ATOM   83   C  CD2   . LEU A 1 13  ? -6.393  3.193   3.339   1.00 21.38 ? 13   LEU A CD2   1 
ATOM   84   N  N     . GLY A 1 14  ? -3.162  0.694   6.140   1.00 21.76 ? 14   GLY A N     1 
ATOM   85   C  CA    . GLY A 1 14  ? -2.636  -0.270  7.078   1.00 21.93 ? 14   GLY A CA    1 
ATOM   86   C  C     . GLY A 1 14  ? -2.458  0.335   8.437   1.00 23.99 ? 14   GLY A C     1 
ATOM   87   O  O     . GLY A 1 14  ? -2.523  1.554   8.586   1.00 24.42 ? 14   GLY A O     1 
ATOM   88   N  N     . ASP A 1 15  ? -2.246  -0.524  9.436   1.00 32.58 ? 15   ASP A N     1 
ATOM   89   C  CA    . ASP A 1 15  ? -2.126  -0.083  10.832  1.00 32.97 ? 15   ASP A CA    1 
ATOM   90   C  C     . ASP A 1 15  ? -1.051  0.979   11.029  1.00 32.91 ? 15   ASP A C     1 
ATOM   91   O  O     . ASP A 1 15  ? -0.076  1.053   10.268  1.00 31.61 ? 15   ASP A O     1 
ATOM   92   C  CB    . ASP A 1 15  ? -1.839  -1.262  11.747  1.00 33.83 ? 15   ASP A CB    1 
ATOM   93   C  CG    . ASP A 1 15  ? -3.060  -2.128  11.990  1.00 35.18 ? 15   ASP A CG    1 
ATOM   94   O  OD1   . ASP A 1 15  ? -4.129  -1.965  11.339  1.00 33.36 ? 15   ASP A OD1   1 
ATOM   95   O  OD2   . ASP A 1 15  ? -2.937  -2.978  12.857  1.00 32.92 ? 15   ASP A OD2   1 
ATOM   96   N  N     . GLY A 1 16  ? -1.261  1.818   12.048  1.00 31.64 ? 16   GLY A N     1 
ATOM   97   C  CA    . GLY A 1 16  ? -0.273  2.787   12.485  1.00 26.66 ? 16   GLY A CA    1 
ATOM   98   C  C     . GLY A 1 16  ? 1.072   2.115   12.667  1.00 27.02 ? 16   GLY A C     1 
ATOM   99   O  O     . GLY A 1 16  ? 1.145   1.022   13.197  1.00 29.22 ? 16   GLY A O     1 
ATOM   100  N  N     . GLY A 1 17  ? 2.127   2.746   12.188  1.00 27.02 ? 17   GLY A N     1 
ATOM   101  C  CA    . GLY A 1 17  ? 3.497   2.264   12.409  1.00 30.29 ? 17   GLY A CA    1 
ATOM   102  C  C     . GLY A 1 17  ? 4.093   1.316   11.354  1.00 31.77 ? 17   GLY A C     1 
ATOM   103  O  O     . GLY A 1 17  ? 5.274   1.002   11.428  1.00 32.06 ? 17   GLY A O     1 
ATOM   104  N  N     . VAL A 1 18  ? 3.300   0.901   10.359  1.00 31.32 ? 18   VAL A N     1 
ATOM   105  C  CA    . VAL A 1 18  ? 3.701   -0.184  9.443   1.00 29.28 ? 18   VAL A CA    1 
ATOM   106  C  C     . VAL A 1 18  ? 4.767   0.258   8.420   1.00 26.90 ? 18   VAL A C     1 
ATOM   107  O  O     . VAL A 1 18  ? 5.533   -0.560  7.927   1.00 29.29 ? 18   VAL A O     1 
ATOM   108  C  CB    . VAL A 1 18  ? 2.446   -0.881  8.721   1.00 26.86 ? 18   VAL A CB    1 
ATOM   109  C  CG1   . VAL A 1 18  ? 1.544   -1.535  9.737   1.00 25.95 ? 18   VAL A CG1   1 
ATOM   110  C  CG2   . VAL A 1 18  ? 1.670   0.091   7.784   1.00 25.27 ? 18   VAL A CG2   1 
ATOM   111  N  N     . GLY A 1 19  ? 4.801   1.551   8.100   1.00 27.35 ? 19   GLY A N     1 
ATOM   112  C  CA    . GLY A 1 19  ? 5.755   2.109   7.160   1.00 25.35 ? 19   GLY A CA    1 
ATOM   113  C  C     . GLY A 1 19  ? 5.173   2.745   5.909   1.00 28.89 ? 19   GLY A C     1 
ATOM   114  O  O     . GLY A 1 19  ? 5.911   3.018   4.990   1.00 29.28 ? 19   GLY A O     1 
ATOM   115  N  N     . LYS A 1 20  ? 3.864   3.017   5.885   1.00 29.58 ? 20   LYS A N     1 
ATOM   116  C  CA    . LYS A 1 20  ? 3.203   3.586   4.691   1.00 26.79 ? 20   LYS A CA    1 
ATOM   117  C  C     . LYS A 1 20  ? 3.810   4.867   4.155   1.00 26.59 ? 20   LYS A C     1 
ATOM   118  O  O     . LYS A 1 20  ? 4.068   4.989   2.944   1.00 27.08 ? 20   LYS A O     1 
ATOM   119  C  CB    . LYS A 1 20  ? 1.708   3.823   4.936   1.00 27.75 ? 20   LYS A CB    1 
ATOM   120  C  CG    . LYS A 1 20  ? 0.920   2.602   5.380   1.00 27.09 ? 20   LYS A CG    1 
ATOM   121  C  CD    . LYS A 1 20  ? -0.534  2.917   5.587   1.00 25.96 ? 20   LYS A CD    1 
ATOM   122  C  CE    . LYS A 1 20  ? -0.805  3.826   6.792   1.00 25.75 ? 20   LYS A CE    1 
ATOM   123  N  NZ    . LYS A 1 20  ? -0.316  3.251   8.082   1.00 30.73 ? 20   LYS A NZ    1 
ATOM   124  N  N     . SER A 1 21  ? 3.978   5.853   5.027   1.00 25.45 ? 21   SER A N     1 
ATOM   125  C  CA    . SER A 1 21  ? 4.568   7.125   4.631   1.00 29.43 ? 21   SER A CA    1 
ATOM   126  C  C     . SER A 1 21  ? 6.041   6.995   4.279   1.00 24.93 ? 21   SER A C     1 
ATOM   127  O  O     . SER A 1 21  ? 6.512   7.644   3.373   1.00 30.25 ? 21   SER A O     1 
ATOM   128  C  CB    . SER A 1 21  ? 4.445   8.149   5.767   1.00 32.77 ? 21   SER A CB    1 
ATOM   129  O  OG    . SER A 1 21  ? 3.140   8.189   6.234   1.00 29.19 ? 21   SER A OG    1 
ATOM   130  N  N     . SER A 1 22  ? 6.753   6.180   5.022   1.00 27.02 ? 22   SER A N     1 
ATOM   131  C  CA    . SER A 1 22  ? 8.138   5.825   4.688   1.00 31.10 ? 22   SER A CA    1 
ATOM   132  C  C     . SER A 1 22  ? 8.238   5.149   3.346   1.00 34.19 ? 22   SER A C     1 
ATOM   133  O  O     . SER A 1 22  ? 9.151   5.441   2.561   1.00 38.77 ? 22   SER A O     1 
ATOM   134  C  CB    . SER A 1 22  ? 8.706   4.890   5.743   1.00 32.87 ? 22   SER A CB    1 
ATOM   135  O  OG    . SER A 1 22  ? 8.765   5.551   6.979   1.00 34.34 ? 22   SER A OG    1 
ATOM   136  N  N     . LEU A 1 23  ? 7.293   4.262   3.047   1.00 34.81 ? 23   LEU A N     1 
ATOM   137  C  CA    . LEU A 1 23  ? 7.254   3.628   1.713   1.00 33.04 ? 23   LEU A CA    1 
ATOM   138  C  C     . LEU A 1 23  ? 7.043   4.661   0.596   1.00 31.49 ? 23   LEU A C     1 
ATOM   139  O  O     . LEU A 1 23  ? 7.784   4.647   -0.389  1.00 34.04 ? 23   LEU A O     1 
ATOM   140  C  CB    . LEU A 1 23  ? 6.151   2.559   1.636   1.00 31.64 ? 23   LEU A CB    1 
ATOM   141  C  CG    . LEU A 1 23  ? 6.446   1.196   2.193   1.00 31.11 ? 23   LEU A CG    1 
ATOM   142  C  CD1   . LEU A 1 23  ? 5.141   0.350   2.248   1.00 24.48 ? 23   LEU A CD1   1 
ATOM   143  C  CD2   . LEU A 1 23  ? 7.589   0.539   1.337   1.00 31.23 ? 23   LEU A CD2   1 
ATOM   144  N  N     . MET A 1 24  ? 6.024   5.518   0.736   1.00 28.92 ? 24   MET A N     1 
ATOM   145  C  CA    . MET A 1 24  ? 5.748   6.607   -0.253  1.00 31.11 ? 24   MET A CA    1 
ATOM   146  C  C     . MET A 1 24  ? 6.940   7.598   -0.387  1.00 35.68 ? 24   MET A C     1 
ATOM   147  O  O     . MET A 1 24  ? 7.270   8.069   -1.491  1.00 33.07 ? 24   MET A O     1 
ATOM   148  C  CB    . MET A 1 24  ? 4.521   7.423   0.159   1.00 29.80 ? 24   MET A CB    1 
ATOM   149  C  CG    . MET A 1 24  ? 4.259   8.648   -0.740  1.00 30.23 ? 24   MET A CG    1 
ATOM   150  S  SD    . MET A 1 24  ? 2.867   9.663   -0.315  1.00 33.59 ? 24   MET A SD    1 
ATOM   151  C  CE    . MET A 1 24  ? 3.461   10.366  1.233   1.00 30.70 ? 24   MET A CE    1 
ATOM   152  N  N     . ASN A 1 25  ? 7.521   7.962   0.746   1.00 35.44 ? 25   ASN A N     1 
ATOM   153  C  CA    . ASN A 1 25  ? 8.629   8.925   0.747   1.00 38.69 ? 25   ASN A CA    1 
ATOM   154  C  C     . ASN A 1 25  ? 9.934   8.319   0.236   1.00 35.49 ? 25   ASN A C     1 
ATOM   155  O  O     . ASN A 1 25  ? 10.655  8.963   -0.489  1.00 35.24 ? 25   ASN A O     1 
ATOM   156  C  CB    . ASN A 1 25  ? 8.820   9.550   2.132   1.00 38.87 ? 25   ASN A CB    1 
ATOM   157  C  CG    . ASN A 1 25  ? 7.735   10.543  2.472   1.00 40.01 ? 25   ASN A CG    1 
ATOM   158  O  OD1   . ASN A 1 25  ? 7.307   11.311  1.628   1.00 41.19 ? 25   ASN A OD1   1 
ATOM   159  N  ND2   . ASN A 1 25  ? 7.283   10.527  3.721   1.00 40.57 ? 25   ASN A ND2   1 
ATOM   160  N  N     . ARG A 1 26  ? 10.214  7.071   0.581   1.00 38.71 ? 26   ARG A N     1 
ATOM   161  C  CA    . ARG A 1 26  ? 11.303  6.343   -0.104  1.00 38.30 ? 26   ARG A CA    1 
ATOM   162  C  C     . ARG A 1 26  ? 11.179  6.291   -1.646  1.00 39.23 ? 26   ARG A C     1 
ATOM   163  O  O     . ARG A 1 26  ? 12.155  6.477   -2.370  1.00 38.83 ? 26   ARG A O     1 
ATOM   164  C  CB    . ARG A 1 26  ? 11.418  4.934   0.440   1.00 41.43 ? 26   ARG A CB    1 
ATOM   165  C  CG    . ARG A 1 26  ? 12.398  4.062   -0.316  1.00 43.16 ? 26   ARG A CG    1 
ATOM   166  C  CD    . ARG A 1 26  ? 13.776  4.667   -0.306  1.00 43.65 ? 26   ARG A CD    1 
ATOM   167  N  NE    . ARG A 1 26  ? 14.539  4.204   0.849   1.00 43.98 ? 26   ARG A NE    1 
ATOM   168  C  CZ    . ARG A 1 26  ? 15.660  4.789   1.267   1.00 47.18 ? 26   ARG A CZ    1 
ATOM   169  N  NH1   . ARG A 1 26  ? 16.142  5.858   0.629   1.00 49.06 ? 26   ARG A NH1   1 
ATOM   170  N  NH2   . ARG A 1 26  ? 16.305  4.302   2.314   1.00 44.20 ? 26   ARG A NH2   1 
ATOM   171  N  N     . TYR A 1 27  ? 9.978   6.036   -2.136  1.00 37.54 ? 27   TYR A N     1 
ATOM   172  C  CA    . TYR A 1 27  ? 9.735   5.911   -3.553  1.00 35.66 ? 27   TYR A CA    1 
ATOM   173  C  C     . TYR A 1 27  ? 9.752   7.241   -4.283  1.00 38.51 ? 27   TYR A C     1 
ATOM   174  O  O     . TYR A 1 27  ? 10.289  7.347   -5.391  1.00 38.76 ? 27   TYR A O     1 
ATOM   175  C  CB    . TYR A 1 27  ? 8.391   5.234   -3.791  1.00 32.59 ? 27   TYR A CB    1 
ATOM   176  C  CG    . TYR A 1 27  ? 8.078   5.089   -5.250  1.00 33.02 ? 27   TYR A CG    1 
ATOM   177  C  CD1   . TYR A 1 27  ? 8.879   4.292   -6.064  1.00 27.92 ? 27   TYR A CD1   1 
ATOM   178  C  CD2   . TYR A 1 27  ? 6.993   5.757   -5.833  1.00 31.71 ? 27   TYR A CD2   1 
ATOM   179  C  CE1   . TYR A 1 27  ? 8.620   4.162   -7.414  1.00 29.57 ? 27   TYR A CE1   1 
ATOM   180  C  CE2   . TYR A 1 27  ? 6.726   5.621   -7.194  1.00 29.53 ? 27   TYR A CE2   1 
ATOM   181  C  CZ    . TYR A 1 27  ? 7.567   4.813   -7.976  1.00 29.06 ? 27   TYR A CZ    1 
ATOM   182  O  OH    . TYR A 1 27  ? 7.345   4.645   -9.330  1.00 34.57 ? 27   TYR A OH    1 
ATOM   183  N  N     . VAL A 1 28  ? 9.151   8.257   -3.674  1.00 38.77 ? 28   VAL A N     1 
ATOM   184  C  CA    . VAL A 1 28  ? 9.003   9.537   -4.318  1.00 40.08 ? 28   VAL A CA    1 
ATOM   185  C  C     . VAL A 1 28  ? 10.287  10.404  -4.217  1.00 42.96 ? 28   VAL A C     1 
ATOM   186  O  O     . VAL A 1 28  ? 10.721  10.966  -5.205  1.00 40.55 ? 28   VAL A O     1 
ATOM   187  C  CB    . VAL A 1 28  ? 7.780   10.285  -3.779  1.00 38.22 ? 28   VAL A CB    1 
ATOM   188  C  CG1   . VAL A 1 28  ? 7.687   11.704  -4.387  1.00 36.11 ? 28   VAL A CG1   1 
ATOM   189  C  CG2   . VAL A 1 28  ? 6.515   9.485   -4.074  1.00 34.96 ? 28   VAL A CG2   1 
ATOM   190  N  N     . THR A 1 29  ? 10.893  10.491  -3.042  1.00 44.17 ? 29   THR A N     1 
ATOM   191  C  CA    . THR A 1 29  ? 12.028  11.412  -2.853  1.00 47.89 ? 29   THR A CA    1 
ATOM   192  C  C     . THR A 1 29  ? 13.271  10.672  -2.351  1.00 51.29 ? 29   THR A C     1 
ATOM   193  O  O     . THR A 1 29  ? 14.169  11.276  -1.791  1.00 56.49 ? 29   THR A O     1 
ATOM   194  C  CB    . THR A 1 29  ? 11.639  12.567  -1.879  1.00 47.47 ? 29   THR A CB    1 
ATOM   195  O  OG1   . THR A 1 29  ? 11.129  12.017  -0.653  1.00 44.70 ? 29   THR A OG1   1 
ATOM   196  C  CG2   . THR A 1 29  ? 10.572  13.455  -2.511  1.00 45.73 ? 29   THR A CG2   1 
ATOM   197  N  N     . ASN A 1 30  ? 13.309  9.357   -2.560  1.00 54.57 ? 30   ASN A N     1 
ATOM   198  C  CA    . ASN A 1 30  ? 14.446  8.524   -2.165  1.00 56.90 ? 30   ASN A CA    1 
ATOM   199  C  C     . ASN A 1 30  ? 14.994  8.877   -0.780  1.00 55.72 ? 30   ASN A C     1 
ATOM   200  O  O     . ASN A 1 30  ? 16.163  8.692   -0.516  1.00 60.22 ? 30   ASN A O     1 
ATOM   201  C  CB    . ASN A 1 30  ? 15.555  8.577   -3.246  1.00 57.66 ? 30   ASN A CB    1 
ATOM   202  C  CG    . ASN A 1 30  ? 16.548  7.389   -3.166  1.00 59.54 ? 30   ASN A CG    1 
ATOM   203  O  OD1   . ASN A 1 30  ? 16.251  6.316   -2.608  1.00 57.95 ? 30   ASN A OD1   1 
ATOM   204  N  ND2   . ASN A 1 30  ? 17.737  7.591   -3.740  1.00 59.73 ? 30   ASN A ND2   1 
ATOM   205  N  N     . LYS A 1 31  ? 14.125  9.353   0.108   1.00 54.73 ? 31   LYS A N     1 
ATOM   206  C  CA    . LYS A 1 31  ? 14.511  9.726   1.474   1.00 52.45 ? 31   LYS A CA    1 
ATOM   207  C  C     . LYS A 1 31  ? 13.864  8.773   2.462   1.00 48.16 ? 31   LYS A C     1 
ATOM   208  O  O     . LYS A 1 31  ? 12.778  8.264   2.202   1.00 50.50 ? 31   LYS A O     1 
ATOM   209  C  CB    . LYS A 1 31  ? 14.066  11.159  1.781   1.00 53.74 ? 31   LYS A CB    1 
ATOM   210  C  CG    . LYS A 1 31  ? 15.027  12.246  1.289   1.00 55.32 ? 31   LYS A CG    1 
ATOM   211  C  CD    . LYS A 1 31  ? 14.547  13.656  1.666   1.00 55.98 ? 31   LYS A CD    1 
ATOM   212  N  N     . PHE A 1 32  ? 14.543  8.544   3.579   1.00 43.78 ? 32   PHE A N     1 
ATOM   213  C  CA    . PHE A 1 32  ? 14.036  7.757   4.727   1.00 43.01 ? 32   PHE A CA    1 
ATOM   214  C  C     . PHE A 1 32  ? 14.322  8.485   6.059   1.00 47.48 ? 32   PHE A C     1 
ATOM   215  O  O     . PHE A 1 32  ? 15.457  8.885   6.330   1.00 48.98 ? 32   PHE A O     1 
ATOM   216  C  CB    . PHE A 1 32  ? 14.700  6.395   4.785   1.00 38.54 ? 32   PHE A CB    1 
ATOM   217  C  CG    . PHE A 1 32  ? 14.209  5.503   5.910   1.00 38.52 ? 32   PHE A CG    1 
ATOM   218  C  CD1   . PHE A 1 32  ? 12.971  4.894   5.846   1.00 36.91 ? 32   PHE A CD1   1 
ATOM   219  C  CD2   . PHE A 1 32  ? 15.007  5.244   7.013   1.00 38.34 ? 32   PHE A CD2   1 
ATOM   220  C  CE1   . PHE A 1 32  ? 12.539  4.059   6.857   1.00 34.85 ? 32   PHE A CE1   1 
ATOM   221  C  CE2   . PHE A 1 32  ? 14.573  4.406   8.037   1.00 34.97 ? 32   PHE A CE2   1 
ATOM   222  C  CZ    . PHE A 1 32  ? 13.356  3.811   7.953   1.00 37.79 ? 32   PHE A CZ    1 
ATOM   223  N  N     . ASP A 1 33  ? 13.277  8.648   6.873   1.00 48.17 ? 33   ASP A N     1 
ATOM   224  C  CA    . ASP A 1 33  ? 13.386  9.145   8.230   1.00 47.85 ? 33   ASP A CA    1 
ATOM   225  C  C     . ASP A 1 33  ? 13.225  8.001   9.245   1.00 47.42 ? 33   ASP A C     1 
ATOM   226  O  O     . ASP A 1 33  ? 12.167  7.341   9.320   1.00 47.34 ? 33   ASP A O     1 
ATOM   227  C  CB    . ASP A 1 33  ? 12.303  10.188  8.454   1.00 50.84 ? 33   ASP A CB    1 
ATOM   228  C  CG    . ASP A 1 33  ? 12.522  11.023  9.694   1.00 53.17 ? 33   ASP A CG    1 
ATOM   229  O  OD1   . ASP A 1 33  ? 12.951  10.486  10.762  1.00 53.54 ? 33   ASP A OD1   1 
ATOM   230  O  OD2   . ASP A 1 33  ? 12.221  12.232  9.590   1.00 53.58 ? 33   ASP A OD2   1 
ATOM   231  N  N     . SER A 1 34  ? 14.269  7.782   10.032  1.00 45.04 ? 34   SER A N     1 
ATOM   232  C  CA    . SER A 1 34  ? 14.238  6.818   11.136  1.00 49.67 ? 34   SER A CA    1 
ATOM   233  C  C     . SER A 1 34  ? 13.214  7.169   12.264  1.00 48.38 ? 34   SER A C     1 
ATOM   234  O  O     . SER A 1 34  ? 12.720  6.277   12.975  1.00 44.49 ? 34   SER A O     1 
ATOM   235  C  CB    . SER A 1 34  ? 15.644  6.710   11.741  1.00 51.58 ? 34   SER A CB    1 
ATOM   236  O  OG    . SER A 1 34  ? 15.639  5.833   12.858  1.00 51.75 ? 34   SER A OG    1 
ATOM   237  N  N     . GLN A 1 35  ? 12.928  8.461   12.430  1.00 51.46 ? 35   GLN A N     1 
ATOM   238  C  CA    . GLN A 1 35  ? 12.032  8.945   13.497  1.00 55.88 ? 35   GLN A CA    1 
ATOM   239  C  C     . GLN A 1 35  ? 10.759  9.544   12.873  1.00 59.34 ? 35   GLN A C     1 
ATOM   240  O  O     . GLN A 1 35  ? 10.485  10.763  12.999  1.00 64.80 ? 35   GLN A O     1 
ATOM   241  C  CB    . GLN A 1 35  ? 12.760  9.980   14.383  1.00 55.16 ? 35   GLN A CB    1 
ATOM   242  N  N     . ALA A 1 36  ? 9.991   8.700   12.189  1.00 59.15 ? 36   ALA A N     1 
ATOM   243  C  CA    . ALA A 1 36  ? 8.816   9.182   11.425  1.00 59.18 ? 36   ALA A CA    1 
ATOM   244  C  C     . ALA A 1 36  ? 7.598   9.334   12.350  1.00 59.22 ? 36   ALA A C     1 
ATOM   245  O  O     . ALA A 1 36  ? 7.341   8.489   13.242  1.00 57.54 ? 36   ALA A O     1 
ATOM   246  C  CB    . ALA A 1 36  ? 8.505   8.272   10.240  1.00 56.33 ? 36   ALA A CB    1 
ATOM   247  N  N     . PHE A 1 37  ? 6.867   10.425  12.130  1.00 57.09 ? 37   PHE A N     1 
ATOM   248  C  CA    . PHE A 1 37  ? 5.783   10.832  13.003  1.00 54.31 ? 37   PHE A CA    1 
ATOM   249  C  C     . PHE A 1 37  ? 4.465   10.384  12.381  1.00 49.03 ? 37   PHE A C     1 
ATOM   250  O  O     . PHE A 1 37  ? 4.264   10.501  11.164  1.00 46.77 ? 37   PHE A O     1 
ATOM   251  C  CB    . PHE A 1 37  ? 5.814   12.358  13.195  1.00 59.53 ? 37   PHE A CB    1 
ATOM   252  C  CG    . PHE A 1 37  ? 7.195   12.900  13.449  1.00 61.57 ? 37   PHE A CG    1 
ATOM   253  C  CD1   . PHE A 1 37  ? 7.703   12.976  14.750  1.00 61.55 ? 37   PHE A CD1   1 
ATOM   254  C  CD2   . PHE A 1 37  ? 8.019   13.284  12.374  1.00 64.35 ? 37   PHE A CD2   1 
ATOM   255  C  CE1   . PHE A 1 37  ? 8.988   13.449  14.991  1.00 62.19 ? 37   PHE A CE1   1 
ATOM   256  C  CE2   . PHE A 1 37  ? 9.326   13.763  12.602  1.00 64.56 ? 37   PHE A CE2   1 
ATOM   257  C  CZ    . PHE A 1 37  ? 9.810   13.847  13.920  1.00 63.06 ? 37   PHE A CZ    1 
ATOM   258  N  N     . HIS A 1 38  ? 3.579   9.872   13.226  1.00 42.46 ? 38   HIS A N     1 
ATOM   259  C  CA    . HIS A 1 38  ? 2.228   9.480   12.819  1.00 39.41 ? 38   HIS A CA    1 
ATOM   260  C  C     . HIS A 1 38  ? 1.582   10.485  11.880  1.00 36.58 ? 38   HIS A C     1 
ATOM   261  O  O     . HIS A 1 38  ? 1.721   11.712  12.046  1.00 32.66 ? 38   HIS A O     1 
ATOM   262  C  CB    . HIS A 1 38  ? 1.345   9.243   14.043  1.00 40.08 ? 38   HIS A CB    1 
ATOM   263  C  CG    . HIS A 1 38  ? 1.737   8.033   14.831  1.00 39.35 ? 38   HIS A CG    1 
ATOM   264  N  ND1   . HIS A 1 38  ? 1.444   6.751   14.419  1.00 43.26 ? 38   HIS A ND1   1 
ATOM   265  C  CD2   . HIS A 1 38  ? 2.447   7.905   15.971  1.00 42.61 ? 38   HIS A CD2   1 
ATOM   266  C  CE1   . HIS A 1 38  ? 1.932   5.886   15.286  1.00 44.48 ? 38   HIS A CE1   1 
ATOM   267  N  NE2   . HIS A 1 38  ? 2.553   6.561   16.237  1.00 43.30 ? 38   HIS A NE2   1 
ATOM   268  N  N     . THR A 1 39  ? 0.947   9.942   10.839  1.00 32.24 ? 39   THR A N     1 
ATOM   269  C  CA    . THR A 1 39  ? 0.111   10.731  9.913   1.00 32.28 ? 39   THR A CA    1 
ATOM   270  C  C     . THR A 1 39  ? -1.224  10.920  10.626  1.00 30.71 ? 39   THR A C     1 
ATOM   271  O  O     . THR A 1 39  ? -1.711  9.983   11.285  1.00 28.69 ? 39   THR A O     1 
ATOM   272  C  CB    . THR A 1 39  ? -0.013  9.992   8.556   1.00 30.70 ? 39   THR A CB    1 
ATOM   273  O  OG1   . THR A 1 39  ? 1.302   9.732   8.099   1.00 31.52 ? 39   THR A OG1   1 
ATOM   274  C  CG2   . THR A 1 39  ? -0.789  10.796  7.429   1.00 23.85 ? 39   THR A CG2   1 
ATOM   275  N  N     . ILE A 1 40  ? -1.778  12.130  10.557  1.00 31.86 ? 40   ILE A N     1 
ATOM   276  C  CA    . ILE A 1 40  ? -3.047  12.428  11.251  1.00 31.13 ? 40   ILE A CA    1 
ATOM   277  C  C     . ILE A 1 40  ? -4.229  12.606  10.298  1.00 28.08 ? 40   ILE A C     1 
ATOM   278  O  O     . ILE A 1 40  ? -5.369  12.701  10.732  1.00 35.28 ? 40   ILE A O     1 
ATOM   279  C  CB    . ILE A 1 40  ? -2.945  13.647  12.232  1.00 31.13 ? 40   ILE A CB    1 
ATOM   280  C  CG1   . ILE A 1 40  ? -2.685  14.954  11.502  1.00 34.34 ? 40   ILE A CG1   1 
ATOM   281  C  CG2   . ILE A 1 40  ? -1.899  13.392  13.335  1.00 35.73 ? 40   ILE A CG2   1 
ATOM   282  C  CD1   . ILE A 1 40  ? -2.570  16.139  12.473  1.00 35.48 ? 40   ILE A CD1   1 
ATOM   283  N  N     . GLY A 1 41  ? -3.936  12.677  9.017   1.00 27.74 ? 41   GLY A N     1 
ATOM   284  C  CA    . GLY A 1 41  ? -4.914  12.878  7.975   1.00 31.35 ? 41   GLY A CA    1 
ATOM   285  C  C     . GLY A 1 41  ? -4.514  12.088  6.727   1.00 32.81 ? 41   GLY A C     1 
ATOM   286  O  O     . GLY A 1 41  ? -4.095  10.903  6.826   1.00 35.45 ? 41   GLY A O     1 
ATOM   287  N  N     . VAL A 1 42  ? -4.671  12.732  5.580   1.00 29.59 ? 42   VAL A N     1 
ATOM   288  C  CA    . VAL A 1 42  ? -4.257  12.203  4.275   1.00 32.41 ? 42   VAL A CA    1 
ATOM   289  C  C     . VAL A 1 42  ? -3.244  13.172  3.647   1.00 34.18 ? 42   VAL A C     1 
ATOM   290  O  O     . VAL A 1 42  ? -3.208  14.345  3.971   1.00 29.94 ? 42   VAL A O     1 
ATOM   291  C  CB    . VAL A 1 42  ? -5.485  11.996  3.288   1.00 32.35 ? 42   VAL A CB    1 
ATOM   292  C  CG1   . VAL A 1 42  ? -6.526  11.015  3.860   1.00 25.16 ? 42   VAL A CG1   1 
ATOM   293  C  CG2   . VAL A 1 42  ? -6.151  13.295  2.980   1.00 30.01 ? 42   VAL A CG2   1 
ATOM   294  N  N     . GLU A 1 43  ? -2.379  12.634  2.796   1.00 37.22 ? 43   GLU A N     1 
ATOM   295  C  CA    . GLU A 1 43  ? -1.467  13.408  1.983   1.00 39.28 ? 43   GLU A CA    1 
ATOM   296  C  C     . GLU A 1 43  ? -1.272  12.597  0.685   1.00 38.31 ? 43   GLU A C     1 
ATOM   297  O  O     . GLU A 1 43  ? -1.239  11.360  0.735   1.00 31.62 ? 43   GLU A O     1 
ATOM   298  C  CB    . GLU A 1 43  ? -0.121  13.602  2.722   1.00 42.64 ? 43   GLU A CB    1 
ATOM   299  C  CG    . GLU A 1 43  ? 0.719   14.757  2.167   1.00 47.16 ? 43   GLU A CG    1 
ATOM   300  C  CD    . GLU A 1 43  ? 2.230   14.459  2.060   1.00 46.65 ? 43   GLU A CD    1 
ATOM   301  O  OE1   . GLU A 1 43  ? 2.765   13.695  2.894   1.00 45.47 ? 43   GLU A OE1   1 
ATOM   302  O  OE2   . GLU A 1 43  ? 2.868   15.015  1.130   1.00 46.08 ? 43   GLU A OE2   1 
ATOM   303  N  N     . PHE A 1 44  ? -1.197  13.272  -0.460  1.00 37.16 ? 44   PHE A N     1 
ATOM   304  C  CA    . PHE A 1 44  ? -0.830  12.620  -1.706  1.00 37.41 ? 44   PHE A CA    1 
ATOM   305  C  C     . PHE A 1 44  ? 0.400   13.272  -2.330  1.00 39.41 ? 44   PHE A C     1 
ATOM   306  O  O     . PHE A 1 44  ? 0.574   14.474  -2.253  1.00 39.36 ? 44   PHE A O     1 
ATOM   307  C  CB    . PHE A 1 44  ? -2.008  12.588  -2.702  1.00 35.09 ? 44   PHE A CB    1 
ATOM   308  C  CG    . PHE A 1 44  ? -2.305  13.896  -3.357  1.00 35.87 ? 44   PHE A CG    1 
ATOM   309  C  CD1   . PHE A 1 44  ? -3.222  14.772  -2.808  1.00 38.70 ? 44   PHE A CD1   1 
ATOM   310  C  CD2   . PHE A 1 44  ? -1.677  14.257  -4.542  1.00 37.25 ? 44   PHE A CD2   1 
ATOM   311  C  CE1   . PHE A 1 44  ? -3.478  16.007  -3.415  1.00 38.50 ? 44   PHE A CE1   1 
ATOM   312  C  CE2   . PHE A 1 44  ? -1.942  15.466  -5.151  1.00 38.22 ? 44   PHE A CE2   1 
ATOM   313  C  CZ    . PHE A 1 44  ? -2.853  16.337  -4.594  1.00 37.05 ? 44   PHE A CZ    1 
ATOM   314  N  N     . LEU A 1 45  ? 1.239   12.448  -2.953  1.00 38.35 ? 45   LEU A N     1 
ATOM   315  C  CA    . LEU A 1 45  ? 2.376   12.894  -3.749  1.00 35.87 ? 45   LEU A CA    1 
ATOM   316  C  C     . LEU A 1 45  ? 2.313   12.237  -5.132  1.00 37.77 ? 45   LEU A C     1 
ATOM   317  O  O     . LEU A 1 45  ? 2.148   11.028  -5.223  1.00 35.88 ? 45   LEU A O     1 
ATOM   318  C  CB    . LEU A 1 45  ? 3.679   12.487  -3.067  1.00 31.04 ? 45   LEU A CB    1 
ATOM   319  C  CG    . LEU A 1 45  ? 4.025   13.146  -1.733  1.00 32.44 ? 45   LEU A CG    1 
ATOM   320  C  CD1   . LEU A 1 45  ? 5.271   12.498  -1.101  1.00 29.62 ? 45   LEU A CD1   1 
ATOM   321  C  CD2   . LEU A 1 45  ? 4.176   14.641  -2.006  1.00 33.06 ? 45   LEU A CD2   1 
ATOM   322  N  N     . ASN A 1 46  ? 2.419   13.046  -6.192  1.00 43.54 ? 46   ASN A N     1 
ATOM   323  C  CA    . ASN A 1 46  ? 2.510   12.554  -7.589  1.00 41.38 ? 46   ASN A CA    1 
ATOM   324  C  C     . ASN A 1 46  ? 3.919   12.113  -7.914  1.00 40.94 ? 46   ASN A C     1 
ATOM   325  O  O     . ASN A 1 46  ? 4.877   12.726  -7.458  1.00 34.48 ? 46   ASN A O     1 
ATOM   326  C  CB    . ASN A 1 46  ? 2.081   13.611  -8.591  1.00 43.57 ? 46   ASN A CB    1 
ATOM   327  C  CG    . ASN A 1 46  ? 0.622   13.954  -8.484  1.00 46.95 ? 46   ASN A CG    1 
ATOM   328  O  OD1   . ASN A 1 46  ? -0.240  13.085  -8.494  1.00 47.76 ? 46   ASN A OD1   1 
ATOM   329  N  ND2   . ASN A 1 46  ? 0.332   15.236  -8.408  1.00 51.94 ? 46   ASN A ND2   1 
ATOM   330  N  N     . ARG A 1 47  ? 4.020   11.019  -8.681  1.00 41.45 ? 47   ARG A N     1 
ATOM   331  C  CA    . ARG A 1 47  ? 5.290   10.457  -9.109  1.00 42.98 ? 47   ARG A CA    1 
ATOM   332  C  C     . ARG A 1 47  ? 5.170   9.875   -10.527 1.00 43.50 ? 47   ARG A C     1 
ATOM   333  O  O     . ARG A 1 47  ? 4.251   9.079   -10.815 1.00 42.20 ? 47   ARG A O     1 
ATOM   334  C  CB    . ARG A 1 47  ? 5.720   9.355   -8.155  1.00 43.75 ? 47   ARG A CB    1 
ATOM   335  C  CG    . ARG A 1 47  ? 7.207   9.263   -7.944  1.00 45.70 ? 47   ARG A CG    1 
ATOM   336  C  CD    . ARG A 1 47  ? 7.985   8.711   -9.129  1.00 46.80 ? 47   ARG A CD    1 
ATOM   337  N  NE    . ARG A 1 47  ? 9.134   7.977   -8.614  1.00 47.91 ? 47   ARG A NE    1 
ATOM   338  C  CZ    . ARG A 1 47  ? 10.029  7.317   -9.341  1.00 50.83 ? 47   ARG A CZ    1 
ATOM   339  N  NH1   . ARG A 1 47  ? 11.004  6.658   -8.708  1.00 49.12 ? 47   ARG A NH1   1 
ATOM   340  N  NH2   . ARG A 1 47  ? 9.965   7.299   -10.678 1.00 50.60 ? 47   ARG A NH2   1 
ATOM   341  N  N     . ASP A 1 48  ? 6.110   10.264  -11.394 1.00 41.30 ? 48   ASP A N     1 
ATOM   342  C  CA    . ASP A 1 48  ? 6.107   9.836   -12.785 1.00 40.69 ? 48   ASP A CA    1 
ATOM   343  C  C     . ASP A 1 48  ? 6.953   8.601   -12.996 1.00 36.86 ? 48   ASP A C     1 
ATOM   344  O  O     . ASP A 1 48  ? 7.990   8.427   -12.390 1.00 36.21 ? 48   ASP A O     1 
ATOM   345  C  CB    . ASP A 1 48  ? 6.574   10.955  -13.698 1.00 43.54 ? 48   ASP A CB    1 
ATOM   346  C  CG    . ASP A 1 48  ? 5.554   12.044  -13.834 1.00 44.53 ? 48   ASP A CG    1 
ATOM   347  O  OD1   . ASP A 1 48  ? 4.354   11.772  -13.719 1.00 45.94 ? 48   ASP A OD1   1 
ATOM   348  O  OD2   . ASP A 1 48  ? 5.955   13.192  -14.067 1.00 48.98 ? 48   ASP A OD2   1 
ATOM   349  N  N     . LEU A 1 49  ? 6.477   7.708   -13.850 1.00 35.58 ? 49   LEU A N     1 
ATOM   350  C  CA    . LEU A 1 49  ? 7.271   6.526   -14.186 1.00 32.69 ? 49   LEU A CA    1 
ATOM   351  C  C     . LEU A 1 49  ? 6.864   5.976   -15.532 1.00 32.12 ? 49   LEU A C     1 
ATOM   352  O  O     . LEU A 1 49  ? 5.855   6.403   -16.144 1.00 31.24 ? 49   LEU A O     1 
ATOM   353  C  CB    . LEU A 1 49  ? 7.147   5.439   -13.085 1.00 31.15 ? 49   LEU A CB    1 
ATOM   354  C  CG    . LEU A 1 49  ? 5.788   4.703   -12.945 1.00 29.16 ? 49   LEU A CG    1 
ATOM   355  C  CD1   . LEU A 1 49  ? 5.928   3.392   -12.160 1.00 25.39 ? 49   LEU A CD1   1 
ATOM   356  C  CD2   . LEU A 1 49  ? 4.677   5.608   -12.361 1.00 25.12 ? 49   LEU A CD2   1 
ATOM   357  N  N     . GLU A 1 50  ? 7.646   4.994   -15.959 1.00 36.78 ? 50   GLU A N     1 
ATOM   358  C  CA    . GLU A 1 50  ? 7.399   4.257   -17.183 1.00 41.98 ? 50   GLU A CA    1 
ATOM   359  C  C     . GLU A 1 50  ? 7.275   2.794   -16.783 1.00 42.80 ? 50   GLU A C     1 
ATOM   360  O  O     . GLU A 1 50  ? 8.176   2.250   -16.112 1.00 38.79 ? 50   GLU A O     1 
ATOM   361  C  CB    . GLU A 1 50  ? 8.568   4.462   -18.155 1.00 44.17 ? 50   GLU A CB    1 
ATOM   362  C  CG    . GLU A 1 50  ? 8.185   4.541   -19.613 1.00 46.25 ? 50   GLU A CG    1 
ATOM   363  C  CD    . GLU A 1 50  ? 9.404   4.670   -20.483 1.00 46.76 ? 50   GLU A CD    1 
ATOM   364  O  OE1   . GLU A 1 50  ? 10.315  3.832   -20.345 1.00 48.94 ? 50   GLU A OE1   1 
ATOM   365  O  OE2   . GLU A 1 50  ? 9.470   5.614   -21.282 1.00 49.17 ? 50   GLU A OE2   1 
ATOM   366  N  N     . VAL A 1 51  ? 6.137   2.186   -17.151 1.00 44.65 ? 51   VAL A N     1 
ATOM   367  C  CA    . VAL A 1 51  ? 5.862   0.774   -16.880 1.00 46.32 ? 51   VAL A CA    1 
ATOM   368  C  C     . VAL A 1 51  ? 5.446   0.075   -18.186 1.00 49.38 ? 51   VAL A C     1 
ATOM   369  O  O     . VAL A 1 51  ? 4.365   0.336   -18.723 1.00 49.55 ? 51   VAL A O     1 
ATOM   370  C  CB    . VAL A 1 51  ? 4.736   0.578   -15.803 1.00 44.56 ? 51   VAL A CB    1 
ATOM   371  C  CG1   . VAL A 1 51  ? 4.230   -0.862  -15.815 1.00 40.08 ? 51   VAL A CG1   1 
ATOM   372  C  CG2   . VAL A 1 51  ? 5.246   0.950   -14.408 1.00 42.81 ? 51   VAL A CG2   1 
ATOM   373  N  N     . ASP A 1 52  ? 6.299   -0.836  -18.654 1.00 53.51 ? 52   ASP A N     1 
ATOM   374  C  CA    . ASP A 1 52  ? 6.108   -1.533  -19.929 1.00 56.91 ? 52   ASP A CA    1 
ATOM   375  C  C     . ASP A 1 52  ? 6.175   -0.484  -21.052 1.00 59.63 ? 52   ASP A C     1 
ATOM   376  O  O     . ASP A 1 52  ? 5.274   -0.405  -21.916 1.00 61.32 ? 52   ASP A O     1 
ATOM   377  C  CB    . ASP A 1 52  ? 4.784   -2.336  -19.959 1.00 56.95 ? 52   ASP A CB    1 
ATOM   378  C  CG    . ASP A 1 52  ? 4.621   -3.283  -18.746 1.00 56.07 ? 52   ASP A CG    1 
ATOM   379  O  OD1   . ASP A 1 52  ? 5.650   -3.805  -18.219 1.00 54.60 ? 52   ASP A OD1   1 
ATOM   380  O  OD2   . ASP A 1 52  ? 3.451   -3.494  -18.325 1.00 54.01 ? 52   ASP A OD2   1 
ATOM   381  N  N     . GLY A 1 53  ? 7.237   0.342   -20.995 1.00 59.02 ? 53   GLY A N     1 
ATOM   382  C  CA    . GLY A 1 53  ? 7.389   1.525   -21.868 1.00 59.19 ? 53   GLY A CA    1 
ATOM   383  C  C     . GLY A 1 53  ? 6.169   2.460   -21.974 1.00 59.00 ? 53   GLY A C     1 
ATOM   384  O  O     . GLY A 1 53  ? 6.028   3.199   -22.959 1.00 58.70 ? 53   GLY A O     1 
ATOM   385  N  N     . ARG A 1 54  ? 5.301   2.428   -20.955 1.00 58.01 ? 54   ARG A N     1 
ATOM   386  C  CA    . ARG A 1 54  ? 4.104   3.280   -20.881 1.00 56.29 ? 54   ARG A CA    1 
ATOM   387  C  C     . ARG A 1 54  ? 4.259   4.360   -19.780 1.00 53.94 ? 54   ARG A C     1 
ATOM   388  O  O     . ARG A 1 54  ? 4.666   4.059   -18.641 1.00 51.37 ? 54   ARG A O     1 
ATOM   389  C  CB    . ARG A 1 54  ? 2.887   2.423   -20.610 1.00 57.41 ? 54   ARG A CB    1 
ATOM   390  C  CG    . ARG A 1 54  ? 1.591   3.121   -20.828 1.00 59.67 ? 54   ARG A CG    1 
ATOM   391  C  CD    . ARG A 1 54  ? 0.516   2.107   -20.883 1.00 62.54 ? 54   ARG A CD    1 
ATOM   392  N  NE    . ARG A 1 54  ? -0.823  2.678   -20.943 1.00 63.67 ? 54   ARG A NE    1 
ATOM   393  C  CZ    . ARG A 1 54  ? -1.918  1.939   -21.085 1.00 65.60 ? 54   ARG A CZ    1 
ATOM   394  N  NH1   . ARG A 1 54  ? -1.814  0.606   -21.185 1.00 67.01 ? 54   ARG A NH1   1 
ATOM   395  N  NH2   . ARG A 1 54  ? -3.120  2.519   -21.133 1.00 66.56 ? 54   ARG A NH2   1 
ATOM   396  N  N     . PHE A 1 55  ? 3.934   5.610   -20.137 1.00 51.64 ? 55   PHE A N     1 
ATOM   397  C  CA    . PHE A 1 55  ? 4.201   6.781   -19.263 1.00 48.27 ? 55   PHE A CA    1 
ATOM   398  C  C     . PHE A 1 55  ? 3.018   6.994   -18.334 1.00 44.38 ? 55   PHE A C     1 
ATOM   399  O  O     . PHE A 1 55  ? 1.883   7.184   -18.784 1.00 45.89 ? 55   PHE A O     1 
ATOM   400  C  CB    . PHE A 1 55  ? 4.501   8.051   -20.091 1.00 43.67 ? 55   PHE A CB    1 
ATOM   401  C  CG    . PHE A 1 55  ? 4.935   9.266   -19.263 1.00 42.04 ? 55   PHE A CG    1 
ATOM   402  C  CD1   . PHE A 1 55  ? 5.861   9.145   -18.231 1.00 39.19 ? 55   PHE A CD1   1 
ATOM   403  C  CD2   . PHE A 1 55  ? 4.448   10.520  -19.555 1.00 40.16 ? 55   PHE A CD2   1 
ATOM   404  C  CE1   . PHE A 1 55  ? 6.233   10.237  -17.482 1.00 38.69 ? 55   PHE A CE1   1 
ATOM   405  C  CE2   . PHE A 1 55  ? 4.848   11.633  -18.819 1.00 38.94 ? 55   PHE A CE2   1 
ATOM   406  C  CZ    . PHE A 1 55  ? 5.742   11.486  -17.787 1.00 38.71 ? 55   PHE A CZ    1 
ATOM   407  N  N     . VAL A 1 56  ? 3.303   6.932   -17.036 1.00 41.18 ? 56   VAL A N     1 
ATOM   408  C  CA    . VAL A 1 56  ? 2.273   7.025   -16.000 1.00 40.83 ? 56   VAL A CA    1 
ATOM   409  C  C     . VAL A 1 56  ? 2.650   8.077   -14.951 1.00 34.43 ? 56   VAL A C     1 
ATOM   410  O  O     . VAL A 1 56  ? 3.806   8.190   -14.561 1.00 35.00 ? 56   VAL A O     1 
ATOM   411  C  CB    . VAL A 1 56  ? 2.064   5.649   -15.270 1.00 38.22 ? 56   VAL A CB    1 
ATOM   412  C  CG1   . VAL A 1 56  ? 0.879   5.709   -14.272 1.00 35.58 ? 56   VAL A CG1   1 
ATOM   413  C  CG2   . VAL A 1 56  ? 1.881   4.515   -16.273 1.00 37.82 ? 56   VAL A CG2   1 
ATOM   414  N  N     . THR A 1 57  ? 1.655   8.825   -14.514 1.00 38.01 ? 57   THR A N     1 
ATOM   415  C  CA    . THR A 1 57  ? 1.732   9.556   -13.243 1.00 39.79 ? 57   THR A CA    1 
ATOM   416  C  C     . THR A 1 57  ? 0.982   8.808   -12.143 1.00 36.21 ? 57   THR A C     1 
ATOM   417  O  O     . THR A 1 57  ? -0.240  8.701   -12.140 1.00 34.30 ? 57   THR A O     1 
ATOM   418  C  CB    . THR A 1 57  ? 1.186   10.974  -13.353 1.00 41.04 ? 57   THR A CB    1 
ATOM   419  O  OG1   . THR A 1 57  ? 1.925   11.671  -14.363 1.00 40.25 ? 57   THR A OG1   1 
ATOM   420  C  CG2   . THR A 1 57  ? 1.326   11.719  -11.972 1.00 39.06 ? 57   THR A CG2   1 
ATOM   421  N  N     . LEU A 1 58  ? 1.747   8.302   -11.196 1.00 34.78 ? 58   LEU A N     1 
ATOM   422  C  CA    . LEU A 1 58  ? 1.176   7.692   -10.016 1.00 33.93 ? 58   LEU A CA    1 
ATOM   423  C  C     . LEU A 1 58  ? 0.926   8.748   -8.898  1.00 32.88 ? 58   LEU A C     1 
ATOM   424  O  O     . LEU A 1 58  ? 1.852   9.387   -8.388  1.00 30.76 ? 58   LEU A O     1 
ATOM   425  C  CB    . LEU A 1 58  ? 2.099   6.583   -9.545  1.00 35.75 ? 58   LEU A CB    1 
ATOM   426  C  CG    . LEU A 1 58  ? 1.553   5.503   -8.628  1.00 36.60 ? 58   LEU A CG    1 
ATOM   427  C  CD1   . LEU A 1 58  ? 0.335   4.835   -9.227  1.00 36.41 ? 58   LEU A CD1   1 
ATOM   428  C  CD2   . LEU A 1 58  ? 2.697   4.510   -8.394  1.00 35.66 ? 58   LEU A CD2   1 
ATOM   429  N  N     . GLN A 1 59  ? -0.344  8.930   -8.560  1.00 32.21 ? 59   GLN A N     1 
ATOM   430  C  CA    . GLN A 1 59  ? -0.751  9.749   -7.433  1.00 31.92 ? 59   GLN A CA    1 
ATOM   431  C  C     . GLN A 1 59  ? -0.960  8.852   -6.192  1.00 27.90 ? 59   GLN A C     1 
ATOM   432  O  O     . GLN A 1 59  ? -1.938  8.126   -6.088  1.00 29.10 ? 59   GLN A O     1 
ATOM   433  C  CB    . GLN A 1 59  ? -2.002  10.515  -7.772  1.00 32.18 ? 59   GLN A CB    1 
ATOM   434  C  CG    . GLN A 1 59  ? -2.331  11.607  -6.765  1.00 36.28 ? 59   GLN A CG    1 
ATOM   435  C  CD    . GLN A 1 59  ? -3.486  12.431  -7.217  1.00 37.46 ? 59   GLN A CD    1 
ATOM   436  O  OE1   . GLN A 1 59  ? -4.643  12.151  -6.880  1.00 34.84 ? 59   GLN A OE1   1 
ATOM   437  N  NE2   . GLN A 1 59  ? -3.190  13.466  -8.013  1.00 39.76 ? 59   GLN A NE2   1 
ATOM   438  N  N     . ILE A 1 60  ? 0.008   8.909   -5.288  1.00 28.54 ? 60   ILE A N     1 
ATOM   439  C  CA    . ILE A 1 60  ? 0.085   8.050   -4.124  1.00 23.11 ? 60   ILE A CA    1 
ATOM   440  C  C     . ILE A 1 60  ? -0.592  8.783   -2.963  1.00 27.23 ? 60   ILE A C     1 
ATOM   441  O  O     . ILE A 1 60  ? -0.163  9.834   -2.554  1.00 24.59 ? 60   ILE A O     1 
ATOM   442  C  CB    . ILE A 1 60  ? 1.558   7.678   -3.851  1.00 26.53 ? 60   ILE A CB    1 
ATOM   443  C  CG1   . ILE A 1 60  ? 2.190   7.095   -5.156  1.00 25.34 ? 60   ILE A CG1   1 
ATOM   444  C  CG2   . ILE A 1 60  ? 1.689   6.745   -2.631  1.00 25.89 ? 60   ILE A CG2   1 
ATOM   445  C  CD1   . ILE A 1 60  ? 3.699   6.787   -5.092  1.00 27.59 ? 60   ILE A CD1   1 
ATOM   446  N  N     . TRP A 1 61  ? -1.712  8.236   -2.479  1.00 31.04 ? 61   TRP A N     1 
ATOM   447  C  CA    . TRP A 1 61  ? -2.372  8.765   -1.286  1.00 29.98 ? 61   TRP A CA    1 
ATOM   448  C  C     . TRP A 1 61  ? -1.898  8.033   -0.056  1.00 27.33 ? 61   TRP A C     1 
ATOM   449  O  O     . TRP A 1 61  ? -1.980  6.824   0.027   1.00 30.38 ? 61   TRP A O     1 
ATOM   450  C  CB    . TRP A 1 61  ? -3.896  8.698   -1.422  1.00 28.53 ? 61   TRP A CB    1 
ATOM   451  C  CG    . TRP A 1 61  ? -4.394  9.683   -2.416  1.00 27.21 ? 61   TRP A CG    1 
ATOM   452  C  CD1   . TRP A 1 61  ? -4.203  9.633   -3.734  1.00 28.43 ? 61   TRP A CD1   1 
ATOM   453  C  CD2   . TRP A 1 61  ? -5.154  10.862  -2.164  1.00 27.81 ? 61   TRP A CD2   1 
ATOM   454  N  NE1   . TRP A 1 61  ? -4.783  10.691  -4.352  1.00 28.11 ? 61   TRP A NE1   1 
ATOM   455  C  CE2   . TRP A 1 61  ? -5.377  11.479  -3.411  1.00 29.55 ? 61   TRP A CE2   1 
ATOM   456  C  CE3   . TRP A 1 61  ? -5.667  11.458  -1.008  1.00 28.59 ? 61   TRP A CE3   1 
ATOM   457  C  CZ2   . TRP A 1 61  ? -6.106  12.674  -3.554  1.00 27.15 ? 61   TRP A CZ2   1 
ATOM   458  C  CZ3   . TRP A 1 61  ? -6.377  12.629  -1.123  1.00 29.25 ? 61   TRP A CZ3   1 
ATOM   459  C  CH2   . TRP A 1 61  ? -6.599  13.242  -2.414  1.00 30.61 ? 61   TRP A CH2   1 
ATOM   460  N  N     . ASP A 1 62  ? -1.376  8.796   0.896   1.00 31.15 ? 62   ASP A N     1 
ATOM   461  C  CA    . ASP A 1 62  ? -0.974  8.301   2.220   1.00 28.17 ? 62   ASP A CA    1 
ATOM   462  C  C     . ASP A 1 62  ? -2.121  8.589   3.202   1.00 27.03 ? 62   ASP A C     1 
ATOM   463  O  O     . ASP A 1 62  ? -2.794  9.600   3.086   1.00 22.49 ? 62   ASP A O     1 
ATOM   464  C  CB    . ASP A 1 62  ? 0.319   9.004   2.660   1.00 28.66 ? 62   ASP A CB    1 
ATOM   465  C  CG    . ASP A 1 62  ? 0.955   8.380   3.920   1.00 27.78 ? 62   ASP A CG    1 
ATOM   466  O  OD1   . ASP A 1 62  ? 0.683   7.226   4.230   1.00 29.47 ? 62   ASP A OD1   1 
ATOM   467  O  OD2   . ASP A 1 62  ? 1.719   9.065   4.606   1.00 32.24 ? 62   ASP A OD2   1 
ATOM   468  N  N     . THR A 1 63  ? -2.346  7.683   4.149   1.00 26.49 ? 63   THR A N     1 
ATOM   469  C  CA    . THR A 1 63  ? -3.408  7.837   5.145   1.00 24.07 ? 63   THR A CA    1 
ATOM   470  C  C     . THR A 1 63  ? -2.894  7.559   6.589   1.00 27.76 ? 63   THR A C     1 
ATOM   471  O  O     . THR A 1 63  ? -1.893  6.854   6.806   1.00 24.12 ? 63   THR A O     1 
ATOM   472  C  CB    . THR A 1 63  ? -4.571  6.890   4.854   1.00 24.52 ? 63   THR A CB    1 
ATOM   473  O  OG1   . THR A 1 63  ? -4.156  5.522   5.014   1.00 20.75 ? 63   THR A OG1   1 
ATOM   474  C  CG2   . THR A 1 63  ? -5.107  7.078   3.437   1.00 19.74 ? 63   THR A CG2   1 
ATOM   475  N  N     . ALA A 1 64  ? -3.578  8.141   7.560   1.00 29.42 ? 64   ALA A N     1 
ATOM   476  C  CA    . ALA A 1 64  ? -3.408  7.791   8.974   1.00 26.02 ? 64   ALA A CA    1 
ATOM   477  C  C     . ALA A 1 64  ? -3.868  6.352   9.235   1.00 26.98 ? 64   ALA A C     1 
ATOM   478  O  O     . ALA A 1 64  ? -5.010  6.018   8.992   1.00 26.10 ? 64   ALA A O     1 
ATOM   479  C  CB    . ALA A 1 64  ? -4.224  8.760   9.845   1.00 29.06 ? 64   ALA A CB    1 
ATOM   480  N  N     . GLY A 1 65  ? -2.982  5.517   9.763   1.00 28.04 ? 65   GLY A N     1 
ATOM   481  C  CA    . GLY A 1 65  ? -3.299  4.154   10.051  1.00 27.67 ? 65   GLY A CA    1 
ATOM   482  C  C     . GLY A 1 65  ? -4.083  4.001   11.349  1.00 32.90 ? 65   GLY A C     1 
ATOM   483  O  O     . GLY A 1 65  ? -4.753  3.014   11.539  1.00 30.76 ? 65   GLY A O     1 
ATOM   484  N  N     . GLN A 1 66  ? -3.984  5.000   12.233  1.00 35.64 ? 66   GLN A N     1 
ATOM   485  C  CA    . GLN A 1 66  ? -4.652  4.971   13.542  1.00 37.64 ? 66   GLN A CA    1 
ATOM   486  C  C     . GLN A 1 66  ? -6.170  5.158   13.434  1.00 36.17 ? 66   GLN A C     1 
ATOM   487  O  O     . GLN A 1 66  ? -6.664  6.014   12.654  1.00 31.03 ? 66   GLN A O     1 
ATOM   488  C  CB    . GLN A 1 66  ? -4.059  6.029   14.457  1.00 38.39 ? 66   GLN A CB    1 
ATOM   489  C  CG    . GLN A 1 66  ? -2.623  5.754   14.859  1.00 40.66 ? 66   GLN A CG    1 
ATOM   490  C  CD    . GLN A 1 66  ? -2.032  6.859   15.733  1.00 39.73 ? 66   GLN A CD    1 
ATOM   491  O  OE1   . GLN A 1 66  ? -1.858  6.680   16.925  1.00 42.80 ? 66   GLN A OE1   1 
ATOM   492  N  NE2   . GLN A 1 66  ? -1.716  7.983   15.135  1.00 42.06 ? 66   GLN A NE2   1 
ATOM   493  N  N     . GLU A 1 67  ? -6.889  4.343   14.207  1.00 40.09 ? 67   GLU A N     1 
ATOM   494  C  CA    . GLU A 1 67  ? -8.380  4.320   14.226  1.00 43.61 ? 67   GLU A CA    1 
ATOM   495  C  C     . GLU A 1 67  ? -9.029  5.656   14.570  1.00 43.70 ? 67   GLU A C     1 
ATOM   496  O  O     . GLU A 1 67  ? -10.129 5.943   14.109  1.00 46.82 ? 67   GLU A O     1 
ATOM   497  C  CB    . GLU A 1 67  ? -8.888  3.227   15.190  1.00 48.48 ? 67   GLU A CB    1 
ATOM   498  C  CG    . GLU A 1 67  ? -10.422 3.261   15.546  1.00 51.35 ? 67   GLU A CG    1 
ATOM   499  C  CD    . GLU A 1 67  ? -11.374 2.771   14.424  1.00 56.69 ? 67   GLU A CD    1 
ATOM   500  O  OE1   . GLU A 1 67  ? -12.619 2.945   14.582  1.00 57.39 ? 67   GLU A OE1   1 
ATOM   501  O  OE2   . GLU A 1 67  ? -10.896 2.205   13.403  1.00 59.79 ? 67   GLU A OE2   1 
ATOM   502  N  N     . ARG A 1 68  ? -8.333  6.490   15.337  1.00 44.54 ? 68   ARG A N     1 
ATOM   503  C  CA    . ARG A 1 68  ? -8.878  7.793   15.735  1.00 43.91 ? 68   ARG A CA    1 
ATOM   504  C  C     . ARG A 1 68  ? -9.015  8.750   14.558  1.00 43.29 ? 68   ARG A C     1 
ATOM   505  O  O     . ARG A 1 68  ? -9.827  9.680   14.606  1.00 42.36 ? 68   ARG A O     1 
ATOM   506  C  CB    . ARG A 1 68  ? -8.062  8.426   16.883  1.00 43.86 ? 68   ARG A CB    1 
ATOM   507  C  CG    . ARG A 1 68  ? -6.664  8.849   16.572  1.00 43.49 ? 68   ARG A CG    1 
ATOM   508  C  CD    . ARG A 1 68  ? -6.025  9.514   17.774  1.00 43.97 ? 68   ARG A CD    1 
ATOM   509  N  N     . PHE A 1 69  ? -8.276  8.497   13.474  1.00 39.70 ? 69   PHE A N     1 
ATOM   510  C  CA    . PHE A 1 69  ? -8.342  9.368   12.288  1.00 34.88 ? 69   PHE A CA    1 
ATOM   511  C  C     . PHE A 1 69  ? -9.077  8.767   11.107  1.00 31.61 ? 69   PHE A C     1 
ATOM   512  O  O     . PHE A 1 69  ? -8.987  9.278   9.996   1.00 34.15 ? 69   PHE A O     1 
ATOM   513  C  CB    . PHE A 1 69  ? -6.959  9.781   11.888  1.00 33.64 ? 69   PHE A CB    1 
ATOM   514  C  CG    . PHE A 1 69  ? -6.180  10.390  13.003  1.00 33.81 ? 69   PHE A CG    1 
ATOM   515  C  CD1   . PHE A 1 69  ? -6.660  11.527  13.663  1.00 35.72 ? 69   PHE A CD1   1 
ATOM   516  C  CD2   . PHE A 1 69  ? -4.958  9.868   13.375  1.00 33.47 ? 69   PHE A CD2   1 
ATOM   517  C  CE1   . PHE A 1 69  ? -5.934  12.117  14.681  1.00 34.09 ? 69   PHE A CE1   1 
ATOM   518  C  CE2   . PHE A 1 69  ? -4.222  10.449  14.379  1.00 37.16 ? 69   PHE A CE2   1 
ATOM   519  C  CZ    . PHE A 1 69  ? -4.716  11.589  15.045  1.00 37.21 ? 69   PHE A CZ    1 
ATOM   520  N  N     . LYS A 1 70  ? -9.827  7.707   11.369  1.00 32.14 ? 70   LYS A N     1 
ATOM   521  C  CA    . LYS A 1 70  ? -10.662 7.052   10.368  1.00 33.19 ? 70   LYS A CA    1 
ATOM   522  C  C     . LYS A 1 70  ? -11.567 7.999   9.589   1.00 34.53 ? 70   LYS A C     1 
ATOM   523  O  O     . LYS A 1 70  ? -11.776 7.792   8.381   1.00 34.99 ? 70   LYS A O     1 
ATOM   524  C  CB    . LYS A 1 70  ? -11.484 5.916   11.031  1.00 31.13 ? 70   LYS A CB    1 
ATOM   525  C  CG    . LYS A 1 70  ? -12.597 5.423   10.211  1.00 28.91 ? 70   LYS A CG    1 
ATOM   526  C  CD    . LYS A 1 70  ? -13.080 4.056   10.569  1.00 30.71 ? 70   LYS A CD    1 
ATOM   527  C  CE    . LYS A 1 70  ? -14.462 3.795   9.950   1.00 30.91 ? 70   LYS A CE    1 
ATOM   528  N  NZ    . LYS A 1 70  ? -14.777 2.353   9.961   1.00 35.80 ? 70   LYS A NZ    1 
ATOM   529  N  N     . SER A 1 71  ? -12.089 9.037   10.267  1.00 36.75 ? 71   SER A N     1 
ATOM   530  C  CA    . SER A 1 71  ? -13.095 9.949   9.675   1.00 35.73 ? 71   SER A CA    1 
ATOM   531  C  C     . SER A 1 71  ? -12.453 10.889  8.681   1.00 32.34 ? 71   SER A C     1 
ATOM   532  O  O     . SER A 1 71  ? -13.094 11.378  7.745   1.00 34.04 ? 71   SER A O     1 
ATOM   533  C  CB    . SER A 1 71  ? -13.832 10.750  10.783  1.00 37.38 ? 71   SER A CB    1 
ATOM   534  O  OG    . SER A 1 71  ? -12.933 11.521  11.561  1.00 37.76 ? 71   SER A OG    1 
ATOM   535  N  N     . LEU A 1 72  ? -11.182 11.158  8.911   1.00 33.32 ? 72   LEU A N     1 
ATOM   536  C  CA    . LEU A 1 72  ? -10.367 11.988  8.029   1.00 34.55 ? 72   LEU A CA    1 
ATOM   537  C  C     . LEU A 1 72  ? -9.935  11.266  6.742   1.00 34.09 ? 72   LEU A C     1 
ATOM   538  O  O     . LEU A 1 72  ? -9.786  11.913  5.707   1.00 37.41 ? 72   LEU A O     1 
ATOM   539  C  CB    . LEU A 1 72  ? -9.120  12.474  8.782   1.00 36.84 ? 72   LEU A CB    1 
ATOM   540  C  CG    . LEU A 1 72  ? -9.328  13.730  9.653   1.00 39.47 ? 72   LEU A CG    1 
ATOM   541  C  CD1   . LEU A 1 72  ? -10.135 13.415  10.905  1.00 40.76 ? 72   LEU A CD1   1 
ATOM   542  C  CD2   . LEU A 1 72  ? -7.987  14.309  10.004  1.00 39.74 ? 72   LEU A CD2   1 
ATOM   543  N  N     . ARG A 1 73  ? -9.746  9.937   6.793   1.00 32.48 ? 73   ARG A N     1 
ATOM   544  C  CA    . ARG A 1 73  ? -9.184  9.203   5.618   1.00 30.42 ? 73   ARG A CA    1 
ATOM   545  C  C     . ARG A 1 73  ? -10.243 8.614   4.718   1.00 28.93 ? 73   ARG A C     1 
ATOM   546  O  O     . ARG A 1 73  ? -10.147 8.724   3.483   1.00 25.37 ? 73   ARG A O     1 
ATOM   547  C  CB    . ARG A 1 73  ? -8.148  8.152   6.015   1.00 26.50 ? 73   ARG A CB    1 
ATOM   548  C  CG    . ARG A 1 73  ? -8.609  7.096   6.958   1.00 27.37 ? 73   ARG A CG    1 
ATOM   549  C  CD    . ARG A 1 73  ? -7.616  5.985   7.127   1.00 27.02 ? 73   ARG A CD    1 
ATOM   550  N  NE    . ARG A 1 73  ? -8.338  4.901   7.764   1.00 29.20 ? 73   ARG A NE    1 
ATOM   551  C  CZ    . ARG A 1 73  ? -8.354  4.638   9.064   1.00 24.66 ? 73   ARG A CZ    1 
ATOM   552  N  NH1   . ARG A 1 73  ? -7.607  5.309   9.915   1.00 27.83 ? 73   ARG A NH1   1 
ATOM   553  N  NH2   . ARG A 1 73  ? -9.099  3.655   9.499   1.00 27.25 ? 73   ARG A NH2   1 
ATOM   554  N  N     . THR A 1 74  ? -11.278 8.048   5.316   1.00 26.82 ? 74   THR A N     1 
ATOM   555  C  CA    . THR A 1 74  ? -12.321 7.371   4.531   1.00 28.65 ? 74   THR A CA    1 
ATOM   556  C  C     . THR A 1 74  ? -12.945 8.149   3.348   1.00 28.81 ? 74   THR A C     1 
ATOM   557  O  O     . THR A 1 74  ? -13.264 7.530   2.325   1.00 32.45 ? 74   THR A O     1 
ATOM   558  C  CB    . THR A 1 74  ? -13.397 6.771   5.414   1.00 25.86 ? 74   THR A CB    1 
ATOM   559  O  OG1   . THR A 1 74  ? -14.088 7.814   6.109   1.00 31.97 ? 74   THR A OG1   1 
ATOM   560  C  CG2   . THR A 1 74  ? -12.768 5.768   6.428   1.00 22.84 ? 74   THR A CG2   1 
ATOM   561  N  N     . PRO A 1 75  ? -13.154 9.482   3.464   1.00 28.03 ? 75   PRO A N     1 
ATOM   562  C  CA    . PRO A 1 75  ? -13.637 10.228  2.283   1.00 28.25 ? 75   PRO A CA    1 
ATOM   563  C  C     . PRO A 1 75  ? -12.717 10.258  1.041   1.00 28.16 ? 75   PRO A C     1 
ATOM   564  O  O     . PRO A 1 75  ? -13.166 10.602  -0.047  1.00 29.08 ? 75   PRO A O     1 
ATOM   565  C  CB    . PRO A 1 75  ? -13.826 11.666  2.836   1.00 30.65 ? 75   PRO A CB    1 
ATOM   566  C  CG    . PRO A 1 75  ? -13.983 11.506  4.280   1.00 25.28 ? 75   PRO A CG    1 
ATOM   567  C  CD    . PRO A 1 75  ? -13.076 10.370  4.645   1.00 29.79 ? 75   PRO A CD    1 
ATOM   568  N  N     . PHE A 1 76  ? -11.462 9.884   1.201   1.00 27.46 ? 76   PHE A N     1 
ATOM   569  C  CA    . PHE A 1 76  ? -10.470 9.987   0.150   1.00 32.91 ? 76   PHE A CA    1 
ATOM   570  C  C     . PHE A 1 76  ? -10.148 8.660   -0.523  1.00 32.43 ? 76   PHE A C     1 
ATOM   571  O  O     . PHE A 1 76  ? -9.319  8.609   -1.417  1.00 35.85 ? 76   PHE A O     1 
ATOM   572  C  CB    . PHE A 1 76  ? -9.224  10.669  0.736   1.00 35.54 ? 76   PHE A CB    1 
ATOM   573  C  CG    . PHE A 1 76  ? -9.514  12.058  1.193   1.00 35.54 ? 76   PHE A CG    1 
ATOM   574  C  CD1   . PHE A 1 76  ? -9.816  12.321  2.519   1.00 34.44 ? 76   PHE A CD1   1 
ATOM   575  C  CD2   . PHE A 1 76  ? -9.578  13.098  0.271   1.00 36.02 ? 76   PHE A CD2   1 
ATOM   576  C  CE1   . PHE A 1 76  ? -10.140 13.600  2.946   1.00 35.64 ? 76   PHE A CE1   1 
ATOM   577  C  CE2   . PHE A 1 76  ? -9.893  14.374  0.688   1.00 37.74 ? 76   PHE A CE2   1 
ATOM   578  C  CZ    . PHE A 1 76  ? -10.186 14.615  2.045   1.00 37.42 ? 76   PHE A CZ    1 
ATOM   579  N  N     . TYR A 1 77  ? -10.834 7.613   -0.089  1.00 33.02 ? 77   TYR A N     1 
ATOM   580  C  CA    . TYR A 1 77  ? -10.718 6.283   -0.657  1.00 31.34 ? 77   TYR A CA    1 
ATOM   581  C  C     . TYR A 1 77  ? -11.357 6.226   -2.046  1.00 29.90 ? 77   TYR A C     1 
ATOM   582  O  O     . TYR A 1 77  ? -10.832 5.567   -2.941  1.00 30.60 ? 77   TYR A O     1 
ATOM   583  C  CB    . TYR A 1 77  ? -11.455 5.298   0.214   1.00 25.95 ? 77   TYR A CB    1 
ATOM   584  C  CG    . TYR A 1 77  ? -10.887 4.926   1.558   1.00 26.54 ? 77   TYR A CG    1 
ATOM   585  C  CD1   . TYR A 1 77  ? -9.862  5.624   2.177   1.00 26.35 ? 77   TYR A CD1   1 
ATOM   586  C  CD2   . TYR A 1 77  ? -11.446 3.852   2.249   1.00 23.55 ? 77   TYR A CD2   1 
ATOM   587  C  CE1   . TYR A 1 77  ? -9.396  5.230   3.469   1.00 24.04 ? 77   TYR A CE1   1 
ATOM   588  C  CE2   . TYR A 1 77  ? -10.977 3.459   3.470   1.00 25.32 ? 77   TYR A CE2   1 
ATOM   589  C  CZ    . TYR A 1 77  ? -9.967  4.155   4.085   1.00 25.77 ? 77   TYR A CZ    1 
ATOM   590  O  OH    . TYR A 1 77  ? -9.580  3.713   5.319   1.00 25.05 ? 77   TYR A OH    1 
ATOM   591  N  N     . ARG A 1 78  ? -12.503 6.893   -2.217  1.00 32.35 ? 78   ARG A N     1 
ATOM   592  C  CA    . ARG A 1 78  ? -13.193 6.927   -3.525  1.00 30.41 ? 78   ARG A CA    1 
ATOM   593  C  C     . ARG A 1 78  ? -12.299 7.488   -4.630  1.00 31.69 ? 78   ARG A C     1 
ATOM   594  O  O     . ARG A 1 78  ? -11.663 8.529   -4.476  1.00 31.74 ? 78   ARG A O     1 
ATOM   595  C  CB    . ARG A 1 78  ? -14.520 7.707   -3.470  1.00 32.30 ? 78   ARG A CB    1 
ATOM   596  N  N     . GLY A 1 79  ? -12.283 6.789   -5.764  1.00 32.57 ? 79   GLY A N     1 
ATOM   597  C  CA    . GLY A 1 79  ? -11.483 7.172   -6.898  1.00 31.37 ? 79   GLY A CA    1 
ATOM   598  C  C     . GLY A 1 79  ? -10.155 6.459   -6.980  1.00 29.82 ? 79   GLY A C     1 
ATOM   599  O  O     . GLY A 1 79  ? -9.482  6.603   -7.967  1.00 29.21 ? 79   GLY A O     1 
ATOM   600  N  N     . ALA A 1 80  ? -9.772  5.690   -5.946  1.00 28.24 ? 80   ALA A N     1 
ATOM   601  C  CA    . ALA A 1 80  ? -8.546  4.931   -5.995  1.00 26.88 ? 80   ALA A CA    1 
ATOM   602  C  C     . ALA A 1 80  ? -8.673  3.822   -7.067  1.00 31.16 ? 80   ALA A C     1 
ATOM   603  O  O     . ALA A 1 80  ? -9.707  3.152   -7.164  1.00 31.66 ? 80   ALA A O     1 
ATOM   604  C  CB    . ALA A 1 80  ? -8.191  4.365   -4.631  1.00 26.25 ? 80   ALA A CB    1 
ATOM   605  N  N     . ASP A 1 81  ? -7.622  3.685   -7.878  1.00 30.34 ? 81   ASP A N     1 
ATOM   606  C  CA    . ASP A 1 81  ? -7.498  2.650   -8.916  1.00 28.86 ? 81   ASP A CA    1 
ATOM   607  C  C     . ASP A 1 81  ? -6.846  1.400   -8.344  1.00 27.68 ? 81   ASP A C     1 
ATOM   608  O  O     . ASP A 1 81  ? -6.875  0.358   -8.939  1.00 27.25 ? 81   ASP A O     1 
ATOM   609  C  CB    . ASP A 1 81  ? -6.632  3.175   -10.086 1.00 29.76 ? 81   ASP A CB    1 
ATOM   610  C  CG    . ASP A 1 81  ? -7.228  4.378   -10.764 1.00 31.41 ? 81   ASP A CG    1 
ATOM   611  O  OD1   . ASP A 1 81  ? -8.370  4.303   -11.275 1.00 28.16 ? 81   ASP A OD1   1 
ATOM   612  O  OD2   . ASP A 1 81  ? -6.571  5.422   -10.752 1.00 30.72 ? 81   ASP A OD2   1 
ATOM   613  N  N     . CYS A 1 82  ? -6.215  1.533   -7.193  1.00 29.76 ? 82   CYS A N     1 
ATOM   614  C  CA    . CYS A 1 82  ? -5.535  0.416   -6.551  1.00 29.20 ? 82   CYS A CA    1 
ATOM   615  C  C     . CYS A 1 82  ? -5.342  0.765   -5.086  1.00 26.37 ? 82   CYS A C     1 
ATOM   616  O  O     . CYS A 1 82  ? -5.256  1.930   -4.747  1.00 21.34 ? 82   CYS A O     1 
ATOM   617  C  CB    . CYS A 1 82  ? -4.191  0.130   -7.249  1.00 29.39 ? 82   CYS A CB    1 
ATOM   618  S  SG    . CYS A 1 82  ? -3.220  -1.242  -6.639  1.00 27.45 ? 82   CYS A SG    1 
ATOM   619  N  N     . CYS A 1 83  ? -5.370  -0.268  -4.243  1.00 27.35 ? 83   CYS A N     1 
ATOM   620  C  CA    . CYS A 1 83  ? -5.201  -0.162  -2.817  1.00 28.06 ? 83   CYS A CA    1 
ATOM   621  C  C     . CYS A 1 83  ? -3.996  -0.992  -2.391  1.00 23.73 ? 83   CYS A C     1 
ATOM   622  O  O     . CYS A 1 83  ? -3.882  -2.171  -2.703  1.00 27.66 ? 83   CYS A O     1 
ATOM   623  C  CB    . CYS A 1 83  ? -6.488  -0.612  -2.119  1.00 26.81 ? 83   CYS A CB    1 
ATOM   624  S  SG    . CYS A 1 83  ? -6.364  -0.624  -0.313  1.00 27.57 ? 83   CYS A SG    1 
ATOM   625  N  N     . LEU A 1 84  ? -3.036  -0.361  -1.770  1.00 24.78 ? 84   LEU A N     1 
ATOM   626  C  CA    . LEU A 1 84  ? -1.907  -1.096  -1.237  1.00 23.71 ? 84   LEU A CA    1 
ATOM   627  C  C     . LEU A 1 84  ? -2.195  -1.354  0.204   1.00 24.12 ? 84   LEU A C     1 
ATOM   628  O  O     . LEU A 1 84  ? -2.070  -0.462  1.023   1.00 28.95 ? 84   LEU A O     1 
ATOM   629  C  CB    . LEU A 1 84  ? -0.615  -0.315  -1.393  1.00 25.28 ? 84   LEU A CB    1 
ATOM   630  C  CG    . LEU A 1 84  ? -0.187  -0.031  -2.840  1.00 28.49 ? 84   LEU A CG    1 
ATOM   631  C  CD1   . LEU A 1 84  ? 0.805   1.078   -2.854  1.00 26.78 ? 84   LEU A CD1   1 
ATOM   632  C  CD2   . LEU A 1 84  ? 0.454   -1.225  -3.492  1.00 25.07 ? 84   LEU A CD2   1 
ATOM   633  N  N     . LEU A 1 85  ? -2.615  -2.582  0.502   1.00 23.83 ? 85   LEU A N     1 
ATOM   634  C  CA    . LEU A 1 85  ? -2.831  -3.039  1.852   1.00 24.50 ? 85   LEU A CA    1 
ATOM   635  C  C     . LEU A 1 85  ? -1.501  -3.365  2.483   1.00 27.25 ? 85   LEU A C     1 
ATOM   636  O  O     . LEU A 1 85  ? -0.820  -4.281  2.035   1.00 29.63 ? 85   LEU A O     1 
ATOM   637  C  CB    . LEU A 1 85  ? -3.702  -4.286  1.855   1.00 24.25 ? 85   LEU A CB    1 
ATOM   638  C  CG    . LEU A 1 85  ? -5.117  -4.050  1.364   1.00 25.36 ? 85   LEU A CG    1 
ATOM   639  C  CD1   . LEU A 1 85  ? -5.807  -5.363  1.058   1.00 23.90 ? 85   LEU A CD1   1 
ATOM   640  C  CD2   . LEU A 1 85  ? -5.880  -3.227  2.426   1.00 20.98 ? 85   LEU A CD2   1 
ATOM   641  N  N     . THR A 1 86  ? -1.136  -2.618  3.525   1.00 25.76 ? 86   THR A N     1 
ATOM   642  C  CA    . THR A 1 86  ? 0.218   -2.641  4.079   1.00 25.90 ? 86   THR A CA    1 
ATOM   643  C  C     . THR A 1 86  ? 0.234   -3.170  5.529   1.00 27.45 ? 86   THR A C     1 
ATOM   644  O  O     . THR A 1 86  ? -0.581  -2.754  6.378   1.00 31.02 ? 86   THR A O     1 
ATOM   645  C  CB    . THR A 1 86  ? 0.881   -1.237  3.992   1.00 25.15 ? 86   THR A CB    1 
ATOM   646  O  OG1   . THR A 1 86  ? 0.714   -0.691  2.664   1.00 29.95 ? 86   THR A OG1   1 
ATOM   647  C  CG2   . THR A 1 86  ? 2.324   -1.284  4.305   1.00 26.86 ? 86   THR A CG2   1 
ATOM   648  N  N     . PHE A 1 87  ? 1.145   -4.109  5.799   1.00 27.91 ? 87   PHE A N     1 
ATOM   649  C  CA    . PHE A 1 87  ? 1.479   -4.508  7.157   1.00 27.51 ? 87   PHE A CA    1 
ATOM   650  C  C     . PHE A 1 87  ? 2.996   -4.501  7.369   1.00 31.29 ? 87   PHE A C     1 
ATOM   651  O  O     . PHE A 1 87  ? 3.763   -4.128  6.476   1.00 29.32 ? 87   PHE A O     1 
ATOM   652  C  CB    . PHE A 1 87  ? 0.870   -5.856  7.498   1.00 27.36 ? 87   PHE A CB    1 
ATOM   653  C  CG    . PHE A 1 87  ? 1.527   -7.028  6.820   1.00 29.21 ? 87   PHE A CG    1 
ATOM   654  C  CD1   . PHE A 1 87  ? 1.254   -7.328  5.489   1.00 24.52 ? 87   PHE A CD1   1 
ATOM   655  C  CD2   . PHE A 1 87  ? 2.395   -7.847  7.516   1.00 27.72 ? 87   PHE A CD2   1 
ATOM   656  C  CE1   . PHE A 1 87  ? 1.849   -8.406  4.868   1.00 28.31 ? 87   PHE A CE1   1 
ATOM   657  C  CE2   . PHE A 1 87  ? 2.982   -8.960  6.903   1.00 30.33 ? 87   PHE A CE2   1 
ATOM   658  C  CZ    . PHE A 1 87  ? 2.708   -9.232  5.573   1.00 30.14 ? 87   PHE A CZ    1 
ATOM   659  N  N     . SER A 1 88  ? 3.407   -4.854  8.588   1.00 37.25 ? 88   SER A N     1 
ATOM   660  C  CA    . SER A 1 88  ? 4.808   -4.896  8.973   1.00 39.13 ? 88   SER A CA    1 
ATOM   661  C  C     . SER A 1 88  ? 5.109   -6.300  9.353   1.00 41.29 ? 88   SER A C     1 
ATOM   662  O  O     . SER A 1 88  ? 4.328   -6.897  10.120  1.00 43.77 ? 88   SER A O     1 
ATOM   663  C  CB    . SER A 1 88  ? 5.049   -4.002  10.170  1.00 40.67 ? 88   SER A CB    1 
ATOM   664  O  OG    . SER A 1 88  ? 6.406   -4.043  10.557  1.00 43.32 ? 88   SER A OG    1 
ATOM   665  N  N     . VAL A 1 89  ? 6.218   -6.857  8.831   1.00 41.87 ? 89   VAL A N     1 
ATOM   666  C  CA    . VAL A 1 89  ? 6.562   -8.267  9.134   1.00 45.50 ? 89   VAL A CA    1 
ATOM   667  C  C     . VAL A 1 89  ? 6.852   -8.512  10.655  1.00 45.21 ? 89   VAL A C     1 
ATOM   668  O  O     . VAL A 1 89  ? 6.702   -9.629  11.127  1.00 48.01 ? 89   VAL A O     1 
ATOM   669  C  CB    . VAL A 1 89  ? 7.721   -8.851  8.207   1.00 45.24 ? 89   VAL A CB    1 
ATOM   670  C  CG1   . VAL A 1 89  ? 7.232   -8.994  6.765   1.00 44.02 ? 89   VAL A CG1   1 
ATOM   671  C  CG2   . VAL A 1 89  ? 8.994   -8.011  8.279   1.00 44.48 ? 89   VAL A CG2   1 
ATOM   672  N  N     . ASP A 1 90  ? 7.201   -7.453  11.403  1.00 47.28 ? 90   ASP A N     1 
ATOM   673  C  CA    . ASP A 1 90  ? 7.450   -7.553  12.860  1.00 47.85 ? 90   ASP A CA    1 
ATOM   674  C  C     . ASP A 1 90  ? 6.236   -7.233  13.751  1.00 47.88 ? 90   ASP A C     1 
ATOM   675  O  O     . ASP A 1 90  ? 6.399   -7.011  14.957  1.00 49.28 ? 90   ASP A O     1 
ATOM   676  C  CB    . ASP A 1 90  ? 8.665   -6.686  13.280  1.00 48.88 ? 90   ASP A CB    1 
ATOM   677  C  CG    . ASP A 1 90  ? 8.399   -5.176  13.215  1.00 50.32 ? 90   ASP A CG    1 
ATOM   678  O  OD1   . ASP A 1 90  ? 7.221   -4.736  13.144  1.00 50.83 ? 90   ASP A OD1   1 
ATOM   679  O  OD2   . ASP A 1 90  ? 9.407   -4.424  13.243  1.00 47.50 ? 90   ASP A OD2   1 
ATOM   680  N  N     . ASP A 1 91  ? 5.033   -7.235  13.171  1.00 43.54 ? 91   ASP A N     1 
ATOM   681  C  CA    . ASP A 1 91  ? 3.841   -6.812  13.874  1.00 41.37 ? 91   ASP A CA    1 
ATOM   682  C  C     . ASP A 1 91  ? 2.712   -7.697  13.433  1.00 41.21 ? 91   ASP A C     1 
ATOM   683  O  O     . ASP A 1 91  ? 1.998   -7.392  12.477  1.00 41.43 ? 91   ASP A O     1 
ATOM   684  C  CB    . ASP A 1 91  ? 3.558   -5.328  13.572  1.00 43.73 ? 91   ASP A CB    1 
ATOM   685  C  CG    . ASP A 1 91  ? 2.282   -4.781  14.252  1.00 42.06 ? 91   ASP A CG    1 
ATOM   686  O  OD1   . ASP A 1 91  ? 1.454   -5.560  14.788  1.00 40.48 ? 91   ASP A OD1   1 
ATOM   687  O  OD2   . ASP A 1 91  ? 2.099   -3.542  14.186  1.00 40.58 ? 91   ASP A OD2   1 
ATOM   688  N  N     . ARG A 1 92  ? 2.563   -8.815  14.126  1.00 41.05 ? 92   ARG A N     1 
ATOM   689  C  CA    . ARG A 1 92  ? 1.518   -9.781  13.804  1.00 41.49 ? 92   ARG A CA    1 
ATOM   690  C  C     . ARG A 1 92  ? 0.114   -9.172  13.709  1.00 38.64 ? 92   ARG A C     1 
ATOM   691  O  O     . ARG A 1 92  ? -0.665  -9.612  12.900  1.00 31.64 ? 92   ARG A O     1 
ATOM   692  C  CB    . ARG A 1 92  ? 1.520   -10.908 14.823  1.00 43.36 ? 92   ARG A CB    1 
ATOM   693  C  CG    . ARG A 1 92  ? 0.367   -11.886 14.660  1.00 45.41 ? 92   ARG A CG    1 
ATOM   694  C  CD    . ARG A 1 92  ? 0.708   -13.226 15.223  1.00 46.97 ? 92   ARG A CD    1 
ATOM   695  N  NE    . ARG A 1 92  ? 1.698   -13.900 14.407  1.00 48.73 ? 92   ARG A NE    1 
ATOM   696  C  CZ    . ARG A 1 92  ? 1.444   -14.569 13.271  1.00 48.84 ? 92   ARG A CZ    1 
ATOM   697  N  NH1   . ARG A 1 92  ? 2.443   -15.126 12.632  1.00 50.63 ? 92   ARG A NH1   1 
ATOM   698  N  NH2   . ARG A 1 92  ? 0.221   -14.689 12.769  1.00 48.13 ? 92   ARG A NH2   1 
ATOM   699  N  N     . GLN A 1 93  ? -0.188  -8.155  14.534  1.00 40.34 ? 93   GLN A N     1 
ATOM   700  C  CA    . GLN A 1 93  ? -1.519  -7.553  14.564  1.00 39.31 ? 93   GLN A CA    1 
ATOM   701  C  C     . GLN A 1 93  ? -1.827  -6.805  13.257  1.00 38.25 ? 93   GLN A C     1 
ATOM   702  O  O     . GLN A 1 93  ? -2.956  -6.848  12.784  1.00 37.98 ? 93   GLN A O     1 
ATOM   703  C  CB    . GLN A 1 93  ? -1.674  -6.608  15.761  1.00 41.11 ? 93   GLN A CB    1 
ATOM   704  C  CG    . GLN A 1 93  ? -3.132  -6.063  15.957  1.00 44.16 ? 93   GLN A CG    1 
ATOM   705  C  CD    . GLN A 1 93  ? -4.164  -7.161  16.260  1.00 46.77 ? 93   GLN A CD    1 
ATOM   706  N  N     . SER A 1 94  ? -0.820  -6.120  12.705  1.00 37.09 ? 94   SER A N     1 
ATOM   707  C  CA    . SER A 1 94  ? -0.935  -5.412  11.418  1.00 36.88 ? 94   SER A CA    1 
ATOM   708  C  C     . SER A 1 94  ? -1.285  -6.362  10.296  1.00 36.80 ? 94   SER A C     1 
ATOM   709  O  O     . SER A 1 94  ? -2.115  -6.026  9.439   1.00 34.23 ? 94   SER A O     1 
ATOM   710  C  CB    . SER A 1 94  ? 0.354   -4.674  11.094  1.00 35.51 ? 94   SER A CB    1 
ATOM   711  O  OG    . SER A 1 94  ? 1.399   -5.562  10.764  1.00 38.50 ? 94   SER A OG    1 
ATOM   712  N  N     . PHE A 1 95  ? -0.662  -7.553  10.313  1.00 37.91 ? 95   PHE A N     1 
ATOM   713  C  CA    . PHE A 1 95  ? -1.006  -8.652  9.372   1.00 37.71 ? 95   PHE A CA    1 
ATOM   714  C  C     . PHE A 1 95  ? -2.432  -9.159  9.602   1.00 35.53 ? 95   PHE A C     1 
ATOM   715  O  O     . PHE A 1 95  ? -3.209  -9.359  8.667   1.00 32.95 ? 95   PHE A O     1 
ATOM   716  C  CB    . PHE A 1 95  ? 0.016   -9.818  9.461   1.00 38.38 ? 95   PHE A CB    1 
ATOM   717  C  CG    . PHE A 1 95  ? -0.388  -11.054 8.654   1.00 39.09 ? 95   PHE A CG    1 
ATOM   718  C  CD1   . PHE A 1 95  ? -0.346  -11.043 7.269   1.00 39.90 ? 95   PHE A CD1   1 
ATOM   719  C  CD2   . PHE A 1 95  ? -0.801  -12.230 9.296   1.00 40.32 ? 95   PHE A CD2   1 
ATOM   720  C  CE1   . PHE A 1 95  ? -0.741  -12.168 6.520   1.00 39.75 ? 95   PHE A CE1   1 
ATOM   721  C  CE2   . PHE A 1 95  ? -1.172  -13.356 8.562   1.00 39.58 ? 95   PHE A CE2   1 
ATOM   722  C  CZ    . PHE A 1 95  ? -1.142  -13.325 7.167   1.00 40.24 ? 95   PHE A CZ    1 
ATOM   723  N  N     . GLU A 1 96  ? -2.794  -9.338  10.859  1.00 39.16 ? 96   GLU A N     1 
ATOM   724  C  CA    . GLU A 1 96  ? -4.129  -9.818  11.193  1.00 39.76 ? 96   GLU A CA    1 
ATOM   725  C  C     . GLU A 1 96  ? -5.238  -8.830  10.801  1.00 37.17 ? 96   GLU A C     1 
ATOM   726  O  O     . GLU A 1 96  ? -6.381  -9.225  10.514  1.00 34.07 ? 96   GLU A O     1 
ATOM   727  C  CB    . GLU A 1 96  ? -4.177  -10.142 12.680  1.00 45.35 ? 96   GLU A CB    1 
ATOM   728  C  CG    . GLU A 1 96  ? -3.272  -11.334 13.063  1.00 46.94 ? 96   GLU A CG    1 
ATOM   729  C  CD    . GLU A 1 96  ? -3.364  -11.720 14.534  1.00 47.64 ? 96   GLU A CD    1 
ATOM   730  O  OE1   . GLU A 1 96  ? -3.721  -10.870 15.374  1.00 49.82 ? 96   GLU A OE1   1 
ATOM   731  O  OE2   . GLU A 1 96  ? -3.076  -12.891 14.843  1.00 53.75 ? 96   GLU A OE2   1 
ATOM   732  N  N     . ASN A 1 97  ? -4.887  -7.545  10.751  1.00 37.38 ? 97   ASN A N     1 
ATOM   733  C  CA    . ASN A 1 97  ? -5.825  -6.489  10.357  1.00 36.27 ? 97   ASN A CA    1 
ATOM   734  C  C     . ASN A 1 97  ? -6.025  -6.236  8.860   1.00 36.10 ? 97   ASN A C     1 
ATOM   735  O  O     . ASN A 1 97  ? -6.856  -5.400  8.502   1.00 36.69 ? 97   ASN A O     1 
ATOM   736  C  CB    . ASN A 1 97  ? -5.451  -5.183  11.049  1.00 35.91 ? 97   ASN A CB    1 
ATOM   737  C  CG    . ASN A 1 97  ? -5.905  -5.150  12.490  1.00 34.81 ? 97   ASN A CG    1 
ATOM   738  O  OD1   . ASN A 1 97  ? -6.955  -5.732  12.832  1.00 37.51 ? 97   ASN A OD1   1 
ATOM   739  N  ND2   . ASN A 1 97  ? -5.138  -4.458  13.346  1.00 28.98 ? 97   ASN A ND2   1 
ATOM   740  N  N     . LEU A 1 98  ? -5.313  -6.973  7.998   1.00 35.38 ? 98   LEU A N     1 
ATOM   741  C  CA    . LEU A 1 98  ? -5.466  -6.836  6.524   1.00 33.86 ? 98   LEU A CA    1 
ATOM   742  C  C     . LEU A 1 98  ? -6.896  -6.958  6.026   1.00 29.03 ? 98   LEU A C     1 
ATOM   743  O  O     . LEU A 1 98  ? -7.348  -6.140  5.232   1.00 33.03 ? 98   LEU A O     1 
ATOM   744  C  CB    . LEU A 1 98  ? -4.582  -7.866  5.772   1.00 35.04 ? 98   LEU A CB    1 
ATOM   745  C  CG    . LEU A 1 98  ? -3.066  -7.686  5.783   1.00 33.90 ? 98   LEU A CG    1 
ATOM   746  C  CD1   . LEU A 1 98  ? -2.375  -8.855  5.018   1.00 31.69 ? 98   LEU A CD1   1 
ATOM   747  C  CD2   . LEU A 1 98  ? -2.666  -6.316  5.242   1.00 31.93 ? 98   LEU A CD2   1 
ATOM   748  N  N     . GLY A 1 99  ? -7.609  -7.995  6.468   1.00 34.08 ? 99   GLY A N     1 
ATOM   749  C  CA    . GLY A 1 99  ? -9.008  -8.208  6.051   1.00 29.86 ? 99   GLY A CA    1 
ATOM   750  C  C     . GLY A 1 99  ? -9.906  -7.031  6.416   1.00 32.93 ? 99   GLY A C     1 
ATOM   751  O  O     . GLY A 1 99  ? -10.767 -6.613  5.619   1.00 35.03 ? 99   GLY A O     1 
ATOM   752  N  N     . ASN A 1 100 ? -9.695  -6.496  7.621   1.00 31.80 ? 100  ASN A N     1 
ATOM   753  C  CA    . ASN A 1 100 ? -10.383 -5.284  8.091   1.00 30.75 ? 100  ASN A CA    1 
ATOM   754  C  C     . ASN A 1 100 ? -10.127 -4.063  7.206   1.00 29.09 ? 100  ASN A C     1 
ATOM   755  O  O     . ASN A 1 100 ? -11.074 -3.342  6.866   1.00 27.64 ? 100  ASN A O     1 
ATOM   756  C  CB    . ASN A 1 100 ? -9.982  -4.948  9.543   1.00 29.84 ? 100  ASN A CB    1 
ATOM   757  C  CG    . ASN A 1 100 ? -10.505 -5.971  10.583  1.00 31.76 ? 100  ASN A CG    1 
ATOM   758  O  OD1   . ASN A 1 100 ? -11.503 -6.646  10.356  1.00 31.82 ? 100  ASN A OD1   1 
ATOM   759  N  ND2   . ASN A 1 100 ? -9.822  -6.050  11.745  1.00 29.26 ? 100  ASN A ND2   1 
ATOM   760  N  N     . TRP A 1 101 ? -8.851  -3.815  6.851   1.00 28.40 ? 101  TRP A N     1 
ATOM   761  C  CA    . TRP A 1 101 ? -8.513  -2.730  5.941   1.00 23.23 ? 101  TRP A CA    1 
ATOM   762  C  C     . TRP A 1 101 ? -9.155  -2.916  4.593   1.00 27.38 ? 101  TRP A C     1 
ATOM   763  O  O     . TRP A 1 101 ? -9.733  -1.973  4.038   1.00 25.59 ? 101  TRP A O     1 
ATOM   764  C  CB    . TRP A 1 101 ? -7.017  -2.607  5.776   1.00 24.81 ? 101  TRP A CB    1 
ATOM   765  C  CG    . TRP A 1 101 ? -6.382  -2.012  6.962   1.00 24.15 ? 101  TRP A CG    1 
ATOM   766  C  CD1   . TRP A 1 101 ? -5.549  -2.639  7.850   1.00 25.79 ? 101  TRP A CD1   1 
ATOM   767  C  CD2   . TRP A 1 101 ? -6.523  -0.663  7.425   1.00 23.96 ? 101  TRP A CD2   1 
ATOM   768  N  NE1   . TRP A 1 101 ? -5.162  -1.763  8.841   1.00 25.60 ? 101  TRP A NE1   1 
ATOM   769  C  CE2   . TRP A 1 101 ? -5.740  -0.543  8.609   1.00 25.09 ? 101  TRP A CE2   1 
ATOM   770  C  CE3   . TRP A 1 101 ? -7.233  0.455   6.963   1.00 23.23 ? 101  TRP A CE3   1 
ATOM   771  C  CZ2   . TRP A 1 101 ? -5.650  0.651   9.333   1.00 23.47 ? 101  TRP A CZ2   1 
ATOM   772  C  CZ3   . TRP A 1 101 ? -7.128  1.649   7.672   1.00 25.11 ? 101  TRP A CZ3   1 
ATOM   773  C  CH2   . TRP A 1 101 ? -6.349  1.735   8.850   1.00 23.65 ? 101  TRP A CH2   1 
ATOM   774  N  N     . GLN A 1 102 ? -9.074  -4.139  4.074   1.00 30.19 ? 102  GLN A N     1 
ATOM   775  C  CA    . GLN A 1 102 ? -9.646  -4.464  2.770   1.00 31.98 ? 102  GLN A CA    1 
ATOM   776  C  C     . GLN A 1 102 ? -11.127 -4.150  2.704   1.00 30.02 ? 102  GLN A C     1 
ATOM   777  O  O     . GLN A 1 102 ? -11.610 -3.558  1.737   1.00 25.94 ? 102  GLN A O     1 
ATOM   778  C  CB    . GLN A 1 102 ? -9.412  -5.942  2.461   1.00 37.70 ? 102  GLN A CB    1 
ATOM   779  C  CG    . GLN A 1 102 ? -9.612  -6.311  1.027   1.00 44.05 ? 102  GLN A CG    1 
ATOM   780  C  CD    . GLN A 1 102 ? -10.879 -7.106  0.751   1.00 50.55 ? 102  GLN A CD    1 
ATOM   781  O  OE1   . GLN A 1 102 ? -11.968 -6.791  1.232   1.00 53.21 ? 102  GLN A OE1   1 
ATOM   782  N  NE2   . GLN A 1 102 ? -10.728 -8.170  -0.052  1.00 58.37 ? 102  GLN A NE2   1 
ATOM   783  N  N     . LYS A 1 103 ? -11.848 -4.585  3.738   1.00 31.21 ? 103  LYS A N     1 
ATOM   784  C  CA    . LYS A 1 103 ? -13.303 -4.372  3.870   1.00 34.03 ? 103  LYS A CA    1 
ATOM   785  C  C     . LYS A 1 103 ? -13.696 -2.903  4.065   1.00 31.90 ? 103  LYS A C     1 
ATOM   786  O  O     . LYS A 1 103 ? -14.666 -2.396  3.452   1.00 28.49 ? 103  LYS A O     1 
ATOM   787  C  CB    . LYS A 1 103 ? -13.843 -5.256  5.036   1.00 35.66 ? 103  LYS A CB    1 
ATOM   788  C  CG    . LYS A 1 103 ? -13.878 -6.777  4.648   1.00 37.32 ? 103  LYS A CG    1 
ATOM   789  C  CD    . LYS A 1 103 ? -14.366 -7.683  5.775   1.00 41.21 ? 103  LYS A CD    1 
ATOM   790  N  N     . GLU A 1 104 ? -12.941 -2.199  4.906   1.00 30.00 ? 104  GLU A N     1 
ATOM   791  C  CA    . GLU A 1 104 ? -13.174 -0.765  5.082   1.00 26.91 ? 104  GLU A CA    1 
ATOM   792  C  C     . GLU A 1 104 ? -12.937 -0.014  3.739   1.00 27.75 ? 104  GLU A C     1 
ATOM   793  O  O     . GLU A 1 104 ? -13.640 0.928   3.400   1.00 28.35 ? 104  GLU A O     1 
ATOM   794  C  CB    . GLU A 1 104 ? -12.279 -0.231  6.170   1.00 26.46 ? 104  GLU A CB    1 
ATOM   795  C  CG    . GLU A 1 104 ? -12.539 1.214   6.529   1.00 29.48 ? 104  GLU A CG    1 
ATOM   796  C  CD    . GLU A 1 104 ? -11.556 1.733   7.518   1.00 28.96 ? 104  GLU A CD    1 
ATOM   797  O  OE1   . GLU A 1 104 ? -11.655 1.337   8.712   1.00 32.09 ? 104  GLU A OE1   1 
ATOM   798  O  OE2   . GLU A 1 104 ? -10.688 2.558   7.108   1.00 31.78 ? 104  GLU A OE2   1 
ATOM   799  N  N     . PHE A 1 105 ? -11.946 -0.437  2.980   1.00 28.64 ? 105  PHE A N     1 
ATOM   800  C  CA    . PHE A 1 105 ? -11.736 0.206   1.689   1.00 30.60 ? 105  PHE A CA    1 
ATOM   801  C  C     . PHE A 1 105 ? -12.937 0.033   0.752   1.00 26.01 ? 105  PHE A C     1 
ATOM   802  O  O     . PHE A 1 105 ? -13.425 1.007   0.159   1.00 29.76 ? 105  PHE A O     1 
ATOM   803  C  CB    . PHE A 1 105 ? -10.478 -0.307  0.987   1.00 28.26 ? 105  PHE A CB    1 
ATOM   804  C  CG    . PHE A 1 105 ? -10.321 0.267   -0.377  1.00 29.96 ? 105  PHE A CG    1 
ATOM   805  C  CD1   . PHE A 1 105 ? -9.900  1.597   -0.541  1.00 28.99 ? 105  PHE A CD1   1 
ATOM   806  C  CD2   . PHE A 1 105 ? -10.661 -0.479  -1.506  1.00 27.46 ? 105  PHE A CD2   1 
ATOM   807  C  CE1   . PHE A 1 105 ? -9.788  2.141   -1.810  1.00 27.79 ? 105  PHE A CE1   1 
ATOM   808  C  CE2   . PHE A 1 105 ? -10.539 0.082   -2.786  1.00 26.78 ? 105  PHE A CE2   1 
ATOM   809  C  CZ    . PHE A 1 105 ? -10.107 1.387   -2.926  1.00 25.50 ? 105  PHE A CZ    1 
ATOM   810  N  N     . ILE A 1 106 ? -13.361 -1.214  0.579   1.00 29.83 ? 106  ILE A N     1 
ATOM   811  C  CA    . ILE A 1 106 ? -14.475 -1.566  -0.340  1.00 31.76 ? 106  ILE A CA    1 
ATOM   812  C  C     . ILE A 1 106 ? -15.757 -0.836  -0.007  1.00 31.44 ? 106  ILE A C     1 
ATOM   813  O  O     . ILE A 1 106 ? -16.450 -0.335  -0.906  1.00 35.05 ? 106  ILE A O     1 
ATOM   814  C  CB    . ILE A 1 106 ? -14.722 -3.107  -0.356  1.00 32.82 ? 106  ILE A CB    1 
ATOM   815  C  CG1   . ILE A 1 106 ? -13.574 -3.792  -1.098  1.00 30.96 ? 106  ILE A CG1   1 
ATOM   816  C  CG2   . ILE A 1 106 ? -16.100 -3.433  -1.029  1.00 35.65 ? 106  ILE A CG2   1 
ATOM   817  C  CD1   . ILE A 1 106 ? -13.362 -5.263  -0.763  1.00 36.30 ? 106  ILE A CD1   1 
ATOM   818  N  N     . TYR A 1 107 ? -16.069 -0.734  1.285   1.00 32.00 ? 107  TYR A N     1 
ATOM   819  C  CA    . TYR A 1 107 ? -17.259 0.010   1.715   1.00 32.79 ? 107  TYR A CA    1 
ATOM   820  C  C     . TYR A 1 107 ? -17.166 1.518   1.451   1.00 31.97 ? 107  TYR A C     1 
ATOM   821  O  O     . TYR A 1 107 ? -18.018 2.087   0.762   1.00 31.22 ? 107  TYR A O     1 
ATOM   822  C  CB    . TYR A 1 107 ? -17.632 -0.276  3.192   1.00 32.11 ? 107  TYR A CB    1 
ATOM   823  C  CG    . TYR A 1 107 ? -18.842 0.517   3.630   1.00 31.42 ? 107  TYR A CG    1 
ATOM   824  C  CD1   . TYR A 1 107 ? -20.097 0.343   3.005   1.00 34.46 ? 107  TYR A CD1   1 
ATOM   825  C  CD2   . TYR A 1 107 ? -18.736 1.460   4.624   1.00 31.28 ? 107  TYR A CD2   1 
ATOM   826  C  CE1   . TYR A 1 107 ? -21.199 1.095   3.396   1.00 32.98 ? 107  TYR A CE1   1 
ATOM   827  C  CE2   . TYR A 1 107 ? -19.828 2.229   5.024   1.00 34.29 ? 107  TYR A CE2   1 
ATOM   828  C  CZ    . TYR A 1 107 ? -21.046 2.055   4.418   1.00 33.59 ? 107  TYR A CZ    1 
ATOM   829  O  OH    . TYR A 1 107 ? -22.094 2.861   4.840   1.00 31.86 ? 107  TYR A OH    1 
ATOM   830  N  N     . TYR A 1 108 ? -16.159 2.178   1.999   1.00 35.70 ? 108  TYR A N     1 
ATOM   831  C  CA    . TYR A 1 108 ? -16.045 3.652   1.828   1.00 34.37 ? 108  TYR A CA    1 
ATOM   832  C  C     . TYR A 1 108 ? -15.576 4.121   0.468   1.00 32.38 ? 108  TYR A C     1 
ATOM   833  O  O     . TYR A 1 108 ? -15.833 5.261   0.110   1.00 36.08 ? 108  TYR A O     1 
ATOM   834  C  CB    . TYR A 1 108 ? -15.167 4.263   2.917   1.00 38.27 ? 108  TYR A CB    1 
ATOM   835  C  CG    . TYR A 1 108 ? -15.784 4.122   4.280   1.00 40.57 ? 108  TYR A CG    1 
ATOM   836  C  CD1   . TYR A 1 108 ? -16.784 4.995   4.715   1.00 39.31 ? 108  TYR A CD1   1 
ATOM   837  C  CD2   . TYR A 1 108 ? -15.409 3.087   5.114   1.00 39.81 ? 108  TYR A CD2   1 
ATOM   838  C  CE1   . TYR A 1 108 ? -17.358 4.848   5.970   1.00 40.83 ? 108  TYR A CE1   1 
ATOM   839  C  CE2   . TYR A 1 108 ? -15.966 2.931   6.340   1.00 42.56 ? 108  TYR A CE2   1 
ATOM   840  C  CZ    . TYR A 1 108 ? -16.944 3.811   6.781   1.00 41.66 ? 108  TYR A CZ    1 
ATOM   841  O  OH    . TYR A 1 108 ? -17.478 3.606   8.047   1.00 43.41 ? 108  TYR A OH    1 
ATOM   842  N  N     . ALA A 1 109 ? -14.865 3.273   -0.276  1.00 33.91 ? 109  ALA A N     1 
ATOM   843  C  CA    . ALA A 1 109 ? -14.484 3.598   -1.653  1.00 34.68 ? 109  ALA A CA    1 
ATOM   844  C  C     . ALA A 1 109 ? -15.643 3.341   -2.615  1.00 38.13 ? 109  ALA A C     1 
ATOM   845  O  O     . ALA A 1 109 ? -15.568 3.722   -3.793  1.00 40.03 ? 109  ALA A O     1 
ATOM   846  C  CB    . ALA A 1 109 ? -13.236 2.811   -2.095  1.00 29.32 ? 109  ALA A CB    1 
ATOM   847  N  N     . ASP A 1 110 ? -16.705 2.684   -2.123  1.00 44.36 ? 110  ASP A N     1 
ATOM   848  C  CA    . ASP A 1 110 ? -17.883 2.417   -2.911  1.00 49.42 ? 110  ASP A CA    1 
ATOM   849  C  C     . ASP A 1 110 ? -17.503 1.521   -4.096  1.00 51.88 ? 110  ASP A C     1 
ATOM   850  O  O     . ASP A 1 110 ? -17.861 1.808   -5.239  1.00 52.14 ? 110  ASP A O     1 
ATOM   851  C  CB    . ASP A 1 110 ? -18.510 3.745   -3.380  1.00 53.89 ? 110  ASP A CB    1 
ATOM   852  C  CG    . ASP A 1 110 ? -19.985 3.607   -3.793  1.00 59.38 ? 110  ASP A CG    1 
ATOM   853  O  OD1   . ASP A 1 110 ? -20.640 4.680   -3.939  1.00 63.20 ? 110  ASP A OD1   1 
ATOM   854  O  OD2   . ASP A 1 110 ? -20.483 2.450   -3.973  1.00 60.03 ? 110  ASP A OD2   1 
ATOM   855  N  N     . VAL A 1 111 ? -16.769 0.442   -3.806  1.00 53.65 ? 111  VAL A N     1 
ATOM   856  C  CA    . VAL A 1 111 ? -16.208 -0.413  -4.868  1.00 58.63 ? 111  VAL A CA    1 
ATOM   857  C  C     . VAL A 1 111 ? -17.279 -1.382  -5.413  1.00 62.21 ? 111  VAL A C     1 
ATOM   858  O  O     . VAL A 1 111 ? -17.642 -2.372  -4.750  1.00 63.58 ? 111  VAL A O     1 
ATOM   859  C  CB    . VAL A 1 111 ? -14.912 -1.164  -4.390  1.00 57.65 ? 111  VAL A CB    1 
ATOM   860  C  CG1   . VAL A 1 111 ? -14.556 -2.312  -5.320  1.00 56.43 ? 111  VAL A CG1   1 
ATOM   861  C  CG2   . VAL A 1 111 ? -13.724 -0.167  -4.278  1.00 56.67 ? 111  VAL A CG2   1 
ATOM   862  N  N     . LYS A 1 112 ? -17.799 -1.063  -6.605  1.00 63.36 ? 112  LYS A N     1 
ATOM   863  C  CA    . LYS A 1 112 ? -18.836 -1.874  -7.254  1.00 64.91 ? 112  LYS A CA    1 
ATOM   864  C  C     . LYS A 1 112 ? -18.392 -3.349  -7.446  1.00 65.48 ? 112  LYS A C     1 
ATOM   865  O  O     . LYS A 1 112 ? -19.135 -4.274  -7.085  1.00 67.01 ? 112  LYS A O     1 
ATOM   866  C  CB    . LYS A 1 112 ? -19.251 -1.246  -8.603  1.00 64.76 ? 112  LYS A CB    1 
ATOM   867  N  N     . ASP A 1 113 ? -17.181 -3.556  -7.976  1.00 63.48 ? 113  ASP A N     1 
ATOM   868  C  CA    . ASP A 1 113 ? -16.707 -4.892  -8.366  1.00 62.70 ? 113  ASP A CA    1 
ATOM   869  C  C     . ASP A 1 113 ? -15.465 -5.290  -7.555  1.00 60.91 ? 113  ASP A C     1 
ATOM   870  O  O     . ASP A 1 113 ? -14.359 -5.315  -8.091  1.00 61.73 ? 113  ASP A O     1 
ATOM   871  C  CB    . ASP A 1 113 ? -16.406 -4.897  -9.885  1.00 63.78 ? 113  ASP A CB    1 
ATOM   872  C  CG    . ASP A 1 113 ? -16.158 -6.305  -10.456 1.00 62.64 ? 113  ASP A CG    1 
ATOM   873  O  OD1   . ASP A 1 113 ? -16.290 -7.328  -9.723  1.00 63.56 ? 113  ASP A OD1   1 
ATOM   874  O  OD2   . ASP A 1 113 ? -15.826 -6.372  -11.654 1.00 58.24 ? 113  ASP A OD2   1 
ATOM   875  N  N     . PRO A 1 114 ? -15.651 -5.612  -6.256  1.00 59.56 ? 114  PRO A N     1 
ATOM   876  C  CA    . PRO A 1 114 ? -14.528 -5.857  -5.341  1.00 60.05 ? 114  PRO A CA    1 
ATOM   877  C  C     . PRO A 1 114 ? -13.751 -7.120  -5.636  1.00 59.05 ? 114  PRO A C     1 
ATOM   878  O  O     . PRO A 1 114 ? -12.570 -7.245  -5.218  1.00 58.01 ? 114  PRO A O     1 
ATOM   879  C  CB    . PRO A 1 114 ? -15.216 -5.979  -3.979  1.00 60.34 ? 114  PRO A CB    1 
ATOM   880  C  CG    . PRO A 1 114 ? -16.571 -6.459  -4.306  1.00 59.82 ? 114  PRO A CG    1 
ATOM   881  C  CD    . PRO A 1 114 ? -16.938 -5.749  -5.557  1.00 59.34 ? 114  PRO A CD    1 
ATOM   882  N  N     . GLU A 1 115 ? -14.400 -8.051  -6.338  1.00 56.93 ? 115  GLU A N     1 
ATOM   883  C  CA    . GLU A 1 115 ? -13.778 -9.312  -6.685  1.00 56.39 ? 115  GLU A CA    1 
ATOM   884  C  C     . GLU A 1 115 ? -12.653 -9.073  -7.672  1.00 54.26 ? 115  GLU A C     1 
ATOM   885  O  O     . GLU A 1 115 ? -11.647 -9.788  -7.638  1.00 52.86 ? 115  GLU A O     1 
ATOM   886  C  CB    . GLU A 1 115 ? -14.810 -10.301 -7.261  1.00 59.86 ? 115  GLU A CB    1 
ATOM   887  N  N     . HIS A 1 116 ? -12.818 -8.061  -8.535  1.00 49.98 ? 116  HIS A N     1 
ATOM   888  C  CA    . HIS A 1 116 ? -11.803 -7.722  -9.544  1.00 48.04 ? 116  HIS A CA    1 
ATOM   889  C  C     . HIS A 1 116 ? -10.995 -6.419  -9.259  1.00 45.46 ? 116  HIS A C     1 
ATOM   890  O  O     . HIS A 1 116 ? -10.112 -6.070  -10.048 1.00 47.58 ? 116  HIS A O     1 
ATOM   891  C  CB    . HIS A 1 116 ? -12.446 -7.661  -10.935 1.00 53.53 ? 116  HIS A CB    1 
ATOM   892  C  CG    . HIS A 1 116 ? -13.151 -8.932  -11.322 1.00 58.07 ? 116  HIS A CG    1 
ATOM   893  N  ND1   . HIS A 1 116 ? -14.515 -8.997  -11.530 1.00 59.83 ? 116  HIS A ND1   1 
ATOM   894  C  CD2   . HIS A 1 116 ? -12.683 -10.193 -11.498 1.00 59.84 ? 116  HIS A CD2   1 
ATOM   895  C  CE1   . HIS A 1 116 ? -14.853 -10.239 -11.833 1.00 61.02 ? 116  HIS A CE1   1 
ATOM   896  N  NE2   . HIS A 1 116 ? -13.761 -10.987 -11.816 1.00 62.19 ? 116  HIS A NE2   1 
ATOM   897  N  N     . PHE A 1 117 ? -11.277 -5.732  -8.144  1.00 39.27 ? 117  PHE A N     1 
ATOM   898  C  CA    . PHE A 1 117 ? -10.563 -4.505  -7.809  1.00 36.54 ? 117  PHE A CA    1 
ATOM   899  C  C     . PHE A 1 117 ? -9.092  -4.809  -7.478  1.00 32.85 ? 117  PHE A C     1 
ATOM   900  O  O     . PHE A 1 117 ? -8.799  -5.780  -6.777  1.00 33.28 ? 117  PHE A O     1 
ATOM   901  C  CB    . PHE A 1 117 ? -11.223 -3.721  -6.661  1.00 33.65 ? 117  PHE A CB    1 
ATOM   902  C  CG    . PHE A 1 117 ? -10.623 -2.314  -6.476  1.00 34.15 ? 117  PHE A CG    1 
ATOM   903  C  CD1   . PHE A 1 117 ? -9.526  -2.113  -5.628  1.00 32.65 ? 117  PHE A CD1   1 
ATOM   904  C  CD2   . PHE A 1 117 ? -11.083 -1.235  -7.232  1.00 30.78 ? 117  PHE A CD2   1 
ATOM   905  C  CE1   . PHE A 1 117 ? -8.943  -0.845  -5.479  1.00 30.92 ? 117  PHE A CE1   1 
ATOM   906  C  CE2   . PHE A 1 117 ? -10.522 0.019   -7.085  1.00 31.12 ? 117  PHE A CE2   1 
ATOM   907  C  CZ    . PHE A 1 117 ? -9.436  0.210   -6.190  1.00 30.60 ? 117  PHE A CZ    1 
ATOM   908  N  N     . PRO A 1 118 ? -8.153  -4.014  -8.033  1.00 30.88 ? 118  PRO A N     1 
ATOM   909  C  CA    . PRO A 1 118 ? -6.714  -4.260  -7.745  1.00 30.57 ? 118  PRO A CA    1 
ATOM   910  C  C     . PRO A 1 118 ? -6.222  -3.929  -6.299  1.00 30.46 ? 118  PRO A C     1 
ATOM   911  O  O     . PRO A 1 118 ? -6.202  -2.772  -5.893  1.00 32.50 ? 118  PRO A O     1 
ATOM   912  C  CB    . PRO A 1 118 ? -5.992  -3.388  -8.782  1.00 30.55 ? 118  PRO A CB    1 
ATOM   913  C  CG    . PRO A 1 118 ? -7.057  -2.903  -9.734  1.00 30.50 ? 118  PRO A CG    1 
ATOM   914  C  CD    . PRO A 1 118 ? -8.335  -2.906  -8.990  1.00 29.66 ? 118  PRO A CD    1 
ATOM   915  N  N     . PHE A 1 119 ? -5.856  -4.966  -5.555  1.00 28.62 ? 119  PHE A N     1 
ATOM   916  C  CA    . PHE A 1 119 ? -5.167  -4.838  -4.283  1.00 28.43 ? 119  PHE A CA    1 
ATOM   917  C  C     . PHE A 1 119 ? -3.760  -5.419  -4.370  1.00 27.24 ? 119  PHE A C     1 
ATOM   918  O  O     . PHE A 1 119 ? -3.542  -6.470  -4.969  1.00 28.98 ? 119  PHE A O     1 
ATOM   919  C  CB    . PHE A 1 119 ? -5.883  -5.619  -3.170  1.00 29.61 ? 119  PHE A CB    1 
ATOM   920  C  CG    . PHE A 1 119 ? -7.280  -5.120  -2.834  1.00 29.85 ? 119  PHE A CG    1 
ATOM   921  C  CD1   . PHE A 1 119 ? -7.473  -4.172  -1.861  1.00 32.30 ? 119  PHE A CD1   1 
ATOM   922  C  CD2   . PHE A 1 119 ? -8.377  -5.639  -3.463  1.00 31.81 ? 119  PHE A CD2   1 
ATOM   923  C  CE1   . PHE A 1 119 ? -8.757  -3.752  -1.512  1.00 34.85 ? 119  PHE A CE1   1 
ATOM   924  C  CE2   . PHE A 1 119 ? -9.669  -5.215  -3.134  1.00 33.88 ? 119  PHE A CE2   1 
ATOM   925  C  CZ    . PHE A 1 119 ? -9.853  -4.274  -2.156  1.00 32.34 ? 119  PHE A CZ    1 
ATOM   926  N  N     . VAL A 1 120 ? -2.816  -4.768  -3.729  1.00 25.44 ? 120  VAL A N     1 
ATOM   927  C  CA    . VAL A 1 120 ? -1.483  -5.336  -3.582  1.00 27.08 ? 120  VAL A CA    1 
ATOM   928  C  C     . VAL A 1 120 ? -1.171  -5.354  -2.074  1.00 27.45 ? 120  VAL A C     1 
ATOM   929  O  O     . VAL A 1 120 ? -1.535  -4.439  -1.332  1.00 28.44 ? 120  VAL A O     1 
ATOM   930  C  CB    . VAL A 1 120 ? -0.469  -4.548  -4.456  1.00 26.56 ? 120  VAL A CB    1 
ATOM   931  C  CG1   . VAL A 1 120 ? 1.040   -4.942  -4.147  1.00 23.85 ? 120  VAL A CG1   1 
ATOM   932  C  CG2   . VAL A 1 120 ? -0.822  -4.736  -5.948  1.00 21.78 ? 120  VAL A CG2   1 
ATOM   933  N  N     . VAL A 1 121 ? -0.536  -6.408  -1.604  1.00 29.26 ? 121  VAL A N     1 
ATOM   934  C  CA    . VAL A 1 121 ? -0.204  -6.487  -0.196  1.00 24.68 ? 121  VAL A CA    1 
ATOM   935  C  C     . VAL A 1 121 ? 1.267   -6.305  -0.033  1.00 28.16 ? 121  VAL A C     1 
ATOM   936  O  O     . VAL A 1 121 ? 2.077   -6.957  -0.735  1.00 29.51 ? 121  VAL A O     1 
ATOM   937  C  CB    . VAL A 1 121 ? -0.629  -7.794  0.367   1.00 28.47 ? 121  VAL A CB    1 
ATOM   938  C  CG1   . VAL A 1 121 ? -0.165  -7.944  1.850   1.00 25.80 ? 121  VAL A CG1   1 
ATOM   939  C  CG2   . VAL A 1 121 ? -2.121  -7.951  0.218   1.00 26.26 ? 121  VAL A CG2   1 
ATOM   940  N  N     . LEU A 1 122 ? 1.641   -5.396  0.871   1.00 23.76 ? 122  LEU A N     1 
ATOM   941  C  CA    . LEU A 1 122 ? 3.024   -5.166  1.180   1.00 26.45 ? 122  LEU A CA    1 
ATOM   942  C  C     . LEU A 1 122 ? 3.304   -5.580  2.622   1.00 27.63 ? 122  LEU A C     1 
ATOM   943  O  O     . LEU A 1 122 ? 2.671   -5.078  3.539   1.00 29.42 ? 122  LEU A O     1 
ATOM   944  C  CB    . LEU A 1 122 ? 3.394   -3.700  0.947   1.00 26.62 ? 122  LEU A CB    1 
ATOM   945  C  CG    . LEU A 1 122 ? 3.005   -3.061  -0.405  1.00 27.82 ? 122  LEU A CG    1 
ATOM   946  C  CD1   . LEU A 1 122 ? 3.526   -1.592  -0.481  1.00 27.91 ? 122  LEU A CD1   1 
ATOM   947  C  CD2   . LEU A 1 122 ? 3.540   -3.854  -1.591  1.00 26.05 ? 122  LEU A CD2   1 
ATOM   948  N  N     . GLY A 1 123 ? 4.256   -6.498  2.800   1.00 29.52 ? 123  GLY A N     1 
ATOM   949  C  CA    . GLY A 1 123 ? 4.829   -6.807  4.092   1.00 25.84 ? 123  GLY A CA    1 
ATOM   950  C  C     . GLY A 1 123 ? 6.094   -6.022  4.265   1.00 28.07 ? 123  GLY A C     1 
ATOM   951  O  O     . GLY A 1 123 ? 7.124   -6.411  3.755   1.00 28.97 ? 123  GLY A O     1 
ATOM   952  N  N     . ASN A 1 124 ? 6.023   -4.909  5.000   1.00 28.09 ? 124  ASN A N     1 
ATOM   953  C  CA    . ASN A 1 124 ? 7.165   -3.992  5.132   1.00 29.04 ? 124  ASN A CA    1 
ATOM   954  C  C     . ASN A 1 124 ? 8.074   -4.364  6.323   1.00 28.39 ? 124  ASN A C     1 
ATOM   955  O  O     . ASN A 1 124 ? 7.693   -5.176  7.150   1.00 25.15 ? 124  ASN A O     1 
ATOM   956  C  CB    . ASN A 1 124 ? 6.659   -2.560  5.278   1.00 28.66 ? 124  ASN A CB    1 
ATOM   957  C  CG    . ASN A 1 124 ? 7.739   -1.518  5.044   1.00 31.50 ? 124  ASN A CG    1 
ATOM   958  O  OD1   . ASN A 1 124 ? 8.569   -1.672  4.185   1.00 32.31 ? 124  ASN A OD1   1 
ATOM   959  N  ND2   . ASN A 1 124 ? 7.715   -0.453  5.825   1.00 30.27 ? 124  ASN A ND2   1 
ATOM   960  N  N     . LYS A 1 125 ? 9.253   -3.735  6.374   1.00 33.48 ? 125  LYS A N     1 
ATOM   961  C  CA    . LYS A 1 125 ? 10.215  -3.862  7.476   1.00 36.74 ? 125  LYS A CA    1 
ATOM   962  C  C     . LYS A 1 125 ? 10.921  -5.208  7.415   1.00 39.11 ? 125  LYS A C     1 
ATOM   963  O  O     . LYS A 1 125 ? 11.106  -5.864  8.441   1.00 39.82 ? 125  LYS A O     1 
ATOM   964  C  CB    . LYS A 1 125 ? 9.535   -3.663  8.864   1.00 36.77 ? 125  LYS A CB    1 
ATOM   965  C  CG    . LYS A 1 125 ? 8.700   -2.395  8.977   1.00 35.47 ? 125  LYS A CG    1 
ATOM   966  C  CD    . LYS A 1 125 ? 8.708   -1.832  10.381  1.00 33.60 ? 125  LYS A CD    1 
ATOM   967  C  CE    . LYS A 1 125 ? 7.771   -0.668  10.475  1.00 35.37 ? 125  LYS A CE    1 
ATOM   968  N  NZ    . LYS A 1 125 ? 8.091   0.288   11.582  1.00 38.60 ? 125  LYS A NZ    1 
ATOM   969  N  N     . VAL A 1 126 ? 11.291  -5.626  6.202   1.00 41.49 ? 126  VAL A N     1 
ATOM   970  C  CA    . VAL A 1 126 ? 11.829  -6.979  5.984   1.00 45.39 ? 126  VAL A CA    1 
ATOM   971  C  C     . VAL A 1 126 ? 13.297  -7.025  6.457   1.00 47.05 ? 126  VAL A C     1 
ATOM   972  O  O     . VAL A 1 126 ? 13.777  -8.056  6.891   1.00 49.44 ? 126  VAL A O     1 
ATOM   973  C  CB    . VAL A 1 126 ? 11.655  -7.435  4.482   1.00 42.75 ? 126  VAL A CB    1 
ATOM   974  C  CG1   . VAL A 1 126 ? 12.726  -6.807  3.583   1.00 40.41 ? 126  VAL A CG1   1 
ATOM   975  C  CG2   . VAL A 1 126 ? 11.673  -8.942  4.378   1.00 43.09 ? 126  VAL A CG2   1 
ATOM   976  N  N     . ASP A 1 127 ? 13.959  -5.870  6.387   1.00 51.62 ? 127  ASP A N     1 
ATOM   977  C  CA    . ASP A 1 127 ? 15.301  -5.633  6.942   1.00 52.16 ? 127  ASP A CA    1 
ATOM   978  C  C     . ASP A 1 127 ? 15.470  -5.915  8.433   1.00 57.57 ? 127  ASP A C     1 
ATOM   979  O  O     . ASP A 1 127 ? 16.577  -6.180  8.880   1.00 57.15 ? 127  ASP A O     1 
ATOM   980  C  CB    . ASP A 1 127 ? 15.722  -4.190  6.670   1.00 50.72 ? 127  ASP A CB    1 
ATOM   981  C  CG    . ASP A 1 127 ? 14.767  -3.164  7.287   1.00 53.70 ? 127  ASP A CG    1 
ATOM   982  O  OD1   . ASP A 1 127 ? 13.841  -2.699  6.566   1.00 50.07 ? 127  ASP A OD1   1 
ATOM   983  O  OD2   . ASP A 1 127 ? 14.946  -2.824  8.485   1.00 51.68 ? 127  ASP A OD2   1 
ATOM   984  N  N     . LYS A 1 128 ? 14.382  -5.845  9.198   1.00 64.53 ? 128  LYS A N     1 
ATOM   985  C  CA    . LYS A 1 128 ? 14.445  -6.037  10.657  1.00 66.38 ? 128  LYS A CA    1 
ATOM   986  C  C     . LYS A 1 128 ? 14.572  -7.508  11.013  1.00 68.13 ? 128  LYS A C     1 
ATOM   987  O  O     . LYS A 1 128 ? 14.024  -8.373  10.312  1.00 66.73 ? 128  LYS A O     1 
ATOM   988  C  CB    . LYS A 1 128 ? 13.218  -5.404  11.344  1.00 66.71 ? 128  LYS A CB    1 
ATOM   989  C  CG    . LYS A 1 128 ? 13.191  -3.871  11.223  1.00 67.01 ? 128  LYS A CG    1 
ATOM   990  C  CD    . LYS A 1 128 ? 11.948  -3.237  11.849  1.00 66.97 ? 128  LYS A CD    1 
ATOM   991  C  CE    . LYS A 1 128 ? 12.091  -3.018  13.350  1.00 67.07 ? 128  LYS A CE    1 
ATOM   992  N  NZ    . LYS A 1 128 ? 10.960  -2.213  13.900  1.00 67.09 ? 128  LYS A NZ    1 
ATOM   993  N  N     . GLU A 1 129 ? 15.276  -7.772  12.123  1.00 70.71 ? 129  GLU A N     1 
ATOM   994  C  CA    . GLU A 1 129 ? 15.737  -9.127  12.478  1.00 73.41 ? 129  GLU A CA    1 
ATOM   995  C  C     . GLU A 1 129 ? 14.627  -10.022 13.024  1.00 75.11 ? 129  GLU A C     1 
ATOM   996  O  O     . GLU A 1 129 ? 14.447  -11.163 12.548  1.00 77.91 ? 129  GLU A O     1 
ATOM   997  C  CB    . GLU A 1 129 ? 16.902  -9.067  13.485  1.00 73.85 ? 129  GLU A CB    1 
ATOM   998  N  N     . ASP A 1 130 ? 13.883  -9.521  14.008  1.00 73.42 ? 130  ASP A N     1 
ATOM   999  C  CA    . ASP A 1 130 ? 12.845  -10.323 14.657  1.00 72.89 ? 130  ASP A CA    1 
ATOM   1000 C  C     . ASP A 1 130 ? 11.505  -10.224 13.920  1.00 68.40 ? 130  ASP A C     1 
ATOM   1001 O  O     . ASP A 1 130 ? 10.658  -9.403  14.278  1.00 69.14 ? 130  ASP A O     1 
ATOM   1002 C  CB    . ASP A 1 130 ? 12.677  -9.907  16.138  1.00 76.76 ? 130  ASP A CB    1 
ATOM   1003 C  CG    . ASP A 1 130 ? 13.671  -10.612 17.081  1.00 79.69 ? 130  ASP A CG    1 
ATOM   1004 O  OD1   . ASP A 1 130 ? 14.734  -11.111 16.624  1.00 81.16 ? 130  ASP A OD1   1 
ATOM   1005 O  OD2   . ASP A 1 130 ? 13.376  -10.652 18.301  1.00 81.86 ? 130  ASP A OD2   1 
ATOM   1006 N  N     . ARG A 1 131 ? 11.324  -11.064 12.893  1.00 62.21 ? 131  ARG A N     1 
ATOM   1007 C  CA    . ARG A 1 131 ? 10.034  -11.183 12.209  1.00 56.79 ? 131  ARG A CA    1 
ATOM   1008 C  C     . ARG A 1 131 ? 9.067   -11.926 13.094  1.00 52.74 ? 131  ARG A C     1 
ATOM   1009 O  O     . ARG A 1 131 ? 9.462   -12.869 13.782  1.00 50.02 ? 131  ARG A O     1 
ATOM   1010 C  CB    . ARG A 1 131 ? 10.135  -12.011 10.933  1.00 56.82 ? 131  ARG A CB    1 
ATOM   1011 C  CG    . ARG A 1 131 ? 10.986  -11.466 9.839   1.00 56.58 ? 131  ARG A CG    1 
ATOM   1012 C  CD    . ARG A 1 131 ? 11.014  -12.475 8.694   1.00 54.35 ? 131  ARG A CD    1 
ATOM   1013 N  NE    . ARG A 1 131 ? 9.671   -12.632 8.126   1.00 51.49 ? 131  ARG A NE    1 
ATOM   1014 C  CZ    . ARG A 1 131 ? 9.312   -12.253 6.900   1.00 49.06 ? 131  ARG A CZ    1 
ATOM   1015 N  NH1   . ARG A 1 131 ? 10.194  -11.732 6.044   1.00 48.38 ? 131  ARG A NH1   1 
ATOM   1016 N  NH2   . ARG A 1 131 ? 8.053   -12.409 6.517   1.00 50.05 ? 131  ARG A NH2   1 
ATOM   1017 N  N     . GLN A 1 132 ? 7.800   -11.527 13.043  1.00 49.08 ? 132  GLN A N     1 
ATOM   1018 C  CA    A GLN A 1 132 ? 6.733   -12.198 13.797  0.50 48.28 ? 132  GLN A CA    1 
ATOM   1019 C  CA    B GLN A 1 132 ? 6.745   -12.211 13.786  0.50 48.36 ? 132  GLN A CA    1 
ATOM   1020 C  C     . GLN A 1 132 ? 5.727   -12.847 12.840  1.00 49.32 ? 132  GLN A C     1 
ATOM   1021 O  O     . GLN A 1 132 ? 4.808   -13.556 13.283  1.00 48.11 ? 132  GLN A O     1 
ATOM   1022 C  CB    A GLN A 1 132 ? 6.021   -11.199 14.741  0.50 48.08 ? 132  GLN A CB    1 
ATOM   1023 C  CB    B GLN A 1 132 ? 6.059   -11.225 14.740  0.50 48.14 ? 132  GLN A CB    1 
ATOM   1024 C  CG    A GLN A 1 132 ? 5.416   -11.831 16.032  0.50 47.59 ? 132  GLN A CG    1 
ATOM   1025 C  CG    B GLN A 1 132 ? 7.030   -10.440 15.644  0.50 47.58 ? 132  GLN A CG    1 
ATOM   1026 C  CD    A GLN A 1 132 ? 4.589   -10.840 16.888  0.50 47.69 ? 132  GLN A CD    1 
ATOM   1027 C  CD    B GLN A 1 132 ? 8.008   -11.343 16.383  0.50 48.01 ? 132  GLN A CD    1 
ATOM   1028 O  OE1   A GLN A 1 132 ? 4.506   -9.629  16.589  0.50 42.68 ? 132  GLN A OE1   1 
ATOM   1029 O  OE1   B GLN A 1 132 ? 7.602   -12.235 17.134  0.50 47.13 ? 132  GLN A OE1   1 
ATOM   1030 N  NE2   A GLN A 1 132 ? 3.965   -11.364 17.956  0.50 45.52 ? 132  GLN A NE2   1 
ATOM   1031 N  NE2   B GLN A 1 132 ? 9.301   -11.125 16.163  0.50 47.51 ? 132  GLN A NE2   1 
ATOM   1032 N  N     . VAL A 1 133 ? 5.899   -12.599 11.526  1.00 48.10 ? 133  VAL A N     1 
ATOM   1033 C  CA    . VAL A 1 133 ? 4.976   -13.099 10.484  1.00 46.19 ? 133  VAL A CA    1 
ATOM   1034 C  C     . VAL A 1 133 ? 5.818   -13.720 9.352   1.00 46.73 ? 133  VAL A C     1 
ATOM   1035 O  O     . VAL A 1 133 ? 6.777   -13.097 8.872   1.00 45.60 ? 133  VAL A O     1 
ATOM   1036 C  CB    . VAL A 1 133 ? 4.059   -11.956 9.896   1.00 42.63 ? 133  VAL A CB    1 
ATOM   1037 C  CG1   . VAL A 1 133 ? 3.010   -12.515 8.912   1.00 39.85 ? 133  VAL A CG1   1 
ATOM   1038 C  CG2   . VAL A 1 133 ? 3.370   -11.208 10.988  1.00 40.22 ? 133  VAL A CG2   1 
ATOM   1039 N  N     . THR A 1 134 ? 5.464   -14.940 8.940   1.00 46.26 ? 134  THR A N     1 
ATOM   1040 C  CA    . THR A 1 134 ? 6.253   -15.683 7.949   1.00 45.81 ? 134  THR A CA    1 
ATOM   1041 C  C     . THR A 1 134 ? 5.836   -15.363 6.510   1.00 44.60 ? 134  THR A C     1 
ATOM   1042 O  O     . THR A 1 134 ? 4.667   -15.123 6.231   1.00 45.30 ? 134  THR A O     1 
ATOM   1043 C  CB    . THR A 1 134 ? 6.164   -17.221 8.161   1.00 44.21 ? 134  THR A CB    1 
ATOM   1044 O  OG1   . THR A 1 134 ? 4.856   -17.683 7.811   1.00 44.10 ? 134  THR A OG1   1 
ATOM   1045 C  CG2   . THR A 1 134 ? 6.493   -17.601 9.609   1.00 44.60 ? 134  THR A CG2   1 
ATOM   1046 N  N     . THR A 1 135 ? 6.818   -15.362 5.602   1.00 44.51 ? 135  THR A N     1 
ATOM   1047 C  CA    . THR A 1 135 ? 6.560   -15.197 4.186   1.00 40.44 ? 135  THR A CA    1 
ATOM   1048 C  C     . THR A 1 135 ? 5.450   -16.139 3.709   1.00 41.86 ? 135  THR A C     1 
ATOM   1049 O  O     . THR A 1 135 ? 4.561   -15.731 2.935   1.00 38.05 ? 135  THR A O     1 
ATOM   1050 C  CB    . THR A 1 135 ? 7.832   -15.417 3.363   1.00 41.40 ? 135  THR A CB    1 
ATOM   1051 O  OG1   . THR A 1 135 ? 8.910   -14.634 3.921   1.00 41.50 ? 135  THR A OG1   1 
ATOM   1052 C  CG2   . THR A 1 135 ? 7.614   -15.012 1.900   1.00 38.46 ? 135  THR A CG2   1 
ATOM   1053 N  N     . GLU A 1 136 ? 5.482   -17.385 4.193   1.00 43.29 ? 136  GLU A N     1 
ATOM   1054 C  CA    . GLU A 1 136 ? 4.501   -18.399 3.805   1.00 41.49 ? 136  GLU A CA    1 
ATOM   1055 C  C     . GLU A 1 136 ? 3.074   -18.066 4.218   1.00 37.42 ? 136  GLU A C     1 
ATOM   1056 O  O     . GLU A 1 136 ? 2.144   -18.260 3.434   1.00 38.24 ? 136  GLU A O     1 
ATOM   1057 C  CB    . GLU A 1 136 ? 4.863   -19.772 4.383   1.00 44.38 ? 136  GLU A CB    1 
ATOM   1058 C  CG    . GLU A 1 136 ? 3.750   -20.846 4.149   1.00 44.75 ? 136  GLU A CG    1 
ATOM   1059 C  CD    . GLU A 1 136 ? 4.122   -22.253 4.598   1.00 45.73 ? 136  GLU A CD    1 
ATOM   1060 O  OE1   . GLU A 1 136 ? 3.340   -23.173 4.241   1.00 47.58 ? 136  GLU A OE1   1 
ATOM   1061 O  OE2   . GLU A 1 136 ? 5.164   -22.440 5.287   1.00 42.67 ? 136  GLU A OE2   1 
ATOM   1062 N  N     . GLU A 1 137 ? 2.876   -17.607 5.454   1.00 40.04 ? 137  GLU A N     1 
ATOM   1063 C  CA    . GLU A 1 137 ? 1.492   -17.334 5.906   1.00 40.84 ? 137  GLU A CA    1 
ATOM   1064 C  C     . GLU A 1 137 ? 0.941   -16.056 5.249   1.00 34.85 ? 137  GLU A C     1 
ATOM   1065 O  O     . GLU A 1 137 ? -0.232  -15.990 4.898   1.00 36.04 ? 137  GLU A O     1 
ATOM   1066 C  CB    . GLU A 1 137 ? 1.394   -17.285 7.420   1.00 42.10 ? 137  GLU A CB    1 
ATOM   1067 C  CG    . GLU A 1 137 ? 1.989   -16.066 8.053   1.00 43.96 ? 137  GLU A CG    1 
ATOM   1068 C  CD    . GLU A 1 137 ? 2.040   -16.195 9.554   1.00 44.33 ? 137  GLU A CD    1 
ATOM   1069 O  OE1   . GLU A 1 137 ? 3.113   -15.867 10.134  1.00 44.47 ? 137  GLU A OE1   1 
ATOM   1070 O  OE2   . GLU A 1 137 ? 1.021   -16.634 10.136  1.00 42.95 ? 137  GLU A OE2   1 
ATOM   1071 N  N     . ALA A 1 138 ? 1.813   -15.081 5.044   1.00 32.94 ? 138  ALA A N     1 
ATOM   1072 C  CA    . ALA A 1 138 ? 1.475   -13.847 4.301   1.00 28.31 ? 138  ALA A CA    1 
ATOM   1073 C  C     . ALA A 1 138 ? 1.013   -14.182 2.903   1.00 29.97 ? 138  ALA A C     1 
ATOM   1074 O  O     . ALA A 1 138 ? -0.034  -13.708 2.438   1.00 27.84 ? 138  ALA A O     1 
ATOM   1075 C  CB    . ALA A 1 138 ? 2.652   -12.932 4.255   1.00 29.31 ? 138  ALA A CB    1 
ATOM   1076 N  N     . GLN A 1 139 ? 1.773   -15.049 2.247   1.00 33.71 ? 139  GLN A N     1 
ATOM   1077 C  CA    . GLN A 1 139 ? 1.532   -15.412 0.850   1.00 35.20 ? 139  GLN A CA    1 
ATOM   1078 C  C     . GLN A 1 139 ? 0.250   -16.276 0.687   1.00 34.11 ? 139  GLN A C     1 
ATOM   1079 O  O     . GLN A 1 139 ? -0.562  -16.032 -0.196  1.00 31.28 ? 139  GLN A O     1 
ATOM   1080 C  CB    . GLN A 1 139 ? 2.817   -16.068 0.264   1.00 37.29 ? 139  GLN A CB    1 
ATOM   1081 C  CG    . GLN A 1 139 ? 2.731   -16.579 -1.173  1.00 40.43 ? 139  GLN A CG    1 
ATOM   1082 C  CD    . GLN A 1 139 ? 2.440   -15.500 -2.203  1.00 42.15 ? 139  GLN A CD    1 
ATOM   1083 O  OE1   . GLN A 1 139 ? 3.113   -14.488 -2.261  1.00 47.34 ? 139  GLN A OE1   1 
ATOM   1084 N  NE2   . GLN A 1 139 ? 1.449   -15.740 -3.045  1.00 44.08 ? 139  GLN A NE2   1 
ATOM   1085 N  N     . THR A 1 140 ? 0.077   -17.246 1.573   1.00 35.39 ? 140  THR A N     1 
ATOM   1086 C  CA    . THR A 1 140 ? -1.132  -18.056 1.688   1.00 34.77 ? 140  THR A CA    1 
ATOM   1087 C  C     . THR A 1 140 ? -2.423  -17.246 1.913   1.00 36.14 ? 140  THR A C     1 
ATOM   1088 O  O     . THR A 1 140 ? -3.439  -17.531 1.291   1.00 32.78 ? 140  THR A O     1 
ATOM   1089 C  CB    . THR A 1 140 ? -0.953  -19.022 2.894   1.00 37.87 ? 140  THR A CB    1 
ATOM   1090 O  OG1   . THR A 1 140 ? 0.324   -19.678 2.779   1.00 39.59 ? 140  THR A OG1   1 
ATOM   1091 C  CG2   . THR A 1 140 ? -2.083  -20.044 2.983   1.00 33.49 ? 140  THR A CG2   1 
ATOM   1092 N  N     . TRP A 1 141 ? -2.380  -16.268 2.832   1.00 38.42 ? 141  TRP A N     1 
ATOM   1093 C  CA    . TRP A 1 141 ? -3.492  -15.328 3.028   1.00 37.12 ? 141  TRP A CA    1 
ATOM   1094 C  C     . TRP A 1 141 ? -3.842  -14.613 1.714   1.00 35.94 ? 141  TRP A C     1 
ATOM   1095 O  O     . TRP A 1 141 ? -5.008  -14.500 1.333   1.00 34.94 ? 141  TRP A O     1 
ATOM   1096 C  CB    . TRP A 1 141 ? -3.189  -14.286 4.139   1.00 37.85 ? 141  TRP A CB    1 
ATOM   1097 C  CG    . TRP A 1 141 ? -4.422  -13.441 4.458   1.00 39.10 ? 141  TRP A CG    1 
ATOM   1098 C  CD1   . TRP A 1 141 ? -5.400  -13.747 5.352   1.00 39.03 ? 141  TRP A CD1   1 
ATOM   1099 C  CD2   . TRP A 1 141 ? -4.834  -12.203 3.827   1.00 38.86 ? 141  TRP A CD2   1 
ATOM   1100 N  NE1   . TRP A 1 141 ? -6.376  -12.782 5.337   1.00 39.19 ? 141  TRP A NE1   1 
ATOM   1101 C  CE2   . TRP A 1 141 ? -6.055  -11.820 4.420   1.00 37.86 ? 141  TRP A CE2   1 
ATOM   1102 C  CE3   . TRP A 1 141 ? -4.283  -11.383 2.834   1.00 38.82 ? 141  TRP A CE3   1 
ATOM   1103 C  CZ2   . TRP A 1 141 ? -6.749  -10.648 4.052   1.00 39.17 ? 141  TRP A CZ2   1 
ATOM   1104 C  CZ3   . TRP A 1 141 ? -4.969  -10.201 2.474   1.00 38.84 ? 141  TRP A CZ3   1 
ATOM   1105 C  CH2   . TRP A 1 141 ? -6.196  -9.861  3.073   1.00 37.84 ? 141  TRP A CH2   1 
ATOM   1106 N  N     . CYS A 1 142 ? -2.821  -14.165 1.008   1.00 36.90 ? 142  CYS A N     1 
ATOM   1107 C  CA    . CYS A 1 142 ? -3.027  -13.445 -0.249  1.00 37.08 ? 142  CYS A CA    1 
ATOM   1108 C  C     . CYS A 1 142 ? -3.623  -14.325 -1.343  1.00 38.86 ? 142  CYS A C     1 
ATOM   1109 O  O     . CYS A 1 142 ? -4.474  -13.877 -2.107  1.00 36.04 ? 142  CYS A O     1 
ATOM   1110 C  CB    . CYS A 1 142 ? -1.724  -12.809 -0.715  1.00 31.36 ? 142  CYS A CB    1 
ATOM   1111 S  SG    . CYS A 1 142 ? -1.249  -11.454 0.328   1.00 32.28 ? 142  CYS A SG    1 
ATOM   1112 N  N     . MET A 1 143 ? -3.191  -15.584 -1.400  1.00 42.08 ? 143  MET A N     1 
ATOM   1113 C  CA    . MET A 1 143 ? -3.773  -16.554 -2.358  1.00 44.58 ? 143  MET A CA    1 
ATOM   1114 C  C     . MET A 1 143 ? -5.223  -16.822 -2.020  1.00 43.69 ? 143  MET A C     1 
ATOM   1115 O  O     . MET A 1 143 ? -6.077  -16.789 -2.892  1.00 40.48 ? 143  MET A O     1 
ATOM   1116 C  CB    . MET A 1 143 ? -2.996  -17.880 -2.343  1.00 45.80 ? 143  MET A CB    1 
ATOM   1117 C  CG    . MET A 1 143 ? -1.513  -17.712 -2.609  1.00 46.67 ? 143  MET A CG    1 
ATOM   1118 S  SD    . MET A 1 143 ? -0.563  -19.239 -2.715  1.00 45.37 ? 143  MET A SD    1 
ATOM   1119 C  CE    . MET A 1 143 ? -0.695  -19.470 -4.484  1.00 43.09 ? 143  MET A CE    1 
ATOM   1120 N  N     . GLU A 1 144 ? -5.485  -17.088 -0.734  1.00 46.76 ? 144  GLU A N     1 
ATOM   1121 C  CA    . GLU A 1 144 ? -6.834  -17.432 -0.253  1.00 50.85 ? 144  GLU A CA    1 
ATOM   1122 C  C     . GLU A 1 144 ? -7.826  -16.272 -0.275  1.00 52.23 ? 144  GLU A C     1 
ATOM   1123 O  O     . GLU A 1 144 ? -9.022  -16.500 -0.433  1.00 53.74 ? 144  GLU A O     1 
ATOM   1124 C  CB    . GLU A 1 144 ? -6.757  -17.969 1.166   1.00 52.38 ? 144  GLU A CB    1 
ATOM   1125 C  CG    . GLU A 1 144 ? -6.100  -19.342 1.270   1.00 55.77 ? 144  GLU A CG    1 
ATOM   1126 C  CD    . GLU A 1 144 ? -5.862  -19.777 2.710   1.00 58.13 ? 144  GLU A CD    1 
ATOM   1127 O  OE1   . GLU A 1 144 ? -5.792  -21.011 2.939   1.00 61.92 ? 144  GLU A OE1   1 
ATOM   1128 O  OE2   . GLU A 1 144 ? -5.743  -18.892 3.608   1.00 60.05 ? 144  GLU A OE2   1 
ATOM   1129 N  N     . ASN A 1 145 ? -7.335  -15.035 -0.102  1.00 53.25 ? 145  ASN A N     1 
ATOM   1130 C  CA    . ASN A 1 145 ? -8.215  -13.865 0.064   1.00 52.04 ? 145  ASN A CA    1 
ATOM   1131 C  C     . ASN A 1 145 ? -8.225  -12.959 -1.136  1.00 50.85 ? 145  ASN A C     1 
ATOM   1132 O  O     . ASN A 1 145 ? -8.260  -11.756 -0.974  1.00 54.27 ? 145  ASN A O     1 
ATOM   1133 C  CB    . ASN A 1 145 ? -7.823  -13.059 1.309   1.00 49.88 ? 145  ASN A CB    1 
ATOM   1134 C  CG    . ASN A 1 145 ? -8.331  -13.672 2.596   1.00 51.79 ? 145  ASN A CG    1 
ATOM   1135 O  OD1   . ASN A 1 145 ? -7.617  -14.432 3.279   1.00 52.09 ? 145  ASN A OD1   1 
ATOM   1136 N  ND2   . ASN A 1 145 ? -9.570  -13.337 2.953   1.00 53.83 ? 145  ASN A ND2   1 
ATOM   1137 N  N     . GLY A 1 146 ? -8.217  -13.537 -2.337  1.00 50.07 ? 146  GLY A N     1 
ATOM   1138 C  CA    . GLY A 1 146 ? -8.387  -12.779 -3.581  1.00 47.10 ? 146  GLY A CA    1 
ATOM   1139 C  C     . GLY A 1 146 ? -7.289  -12.961 -4.630  1.00 47.55 ? 146  GLY A C     1 
ATOM   1140 O  O     . GLY A 1 146 ? -7.401  -12.435 -5.732  1.00 49.23 ? 146  GLY A O     1 
ATOM   1141 N  N     . ASP A 1 147 ? -6.235  -13.694 -4.294  1.00 44.85 ? 147  ASP A N     1 
ATOM   1142 C  CA    . ASP A 1 147 ? -5.081  -13.910 -5.200  1.00 46.58 ? 147  ASP A CA    1 
ATOM   1143 C  C     . ASP A 1 147 ? -4.305  -12.586 -5.466  1.00 46.28 ? 147  ASP A C     1 
ATOM   1144 O  O     . ASP A 1 147 ? -3.896  -12.253 -6.605  1.00 46.59 ? 147  ASP A O     1 
ATOM   1145 C  CB    . ASP A 1 147 ? -5.533  -14.595 -6.484  1.00 48.99 ? 147  ASP A CB    1 
ATOM   1146 C  CG    . ASP A 1 147 ? -4.428  -15.445 -7.138  1.00 51.57 ? 147  ASP A CG    1 
ATOM   1147 O  OD1   . ASP A 1 147 ? -3.608  -16.100 -6.439  1.00 53.81 ? 147  ASP A OD1   1 
ATOM   1148 O  OD2   . ASP A 1 147 ? -4.409  -15.467 -8.385  1.00 56.24 ? 147  ASP A OD2   1 
ATOM   1149 N  N     . TYR A 1 148 ? -4.090  -11.847 -4.383  1.00 40.63 ? 148  TYR A N     1 
ATOM   1150 C  CA    . TYR A 1 148 ? -3.399  -10.583 -4.453  1.00 34.80 ? 148  TYR A CA    1 
ATOM   1151 C  C     . TYR A 1 148 ? -1.916  -10.808 -4.561  1.00 27.73 ? 148  TYR A C     1 
ATOM   1152 O  O     . TYR A 1 148 ? -1.377  -11.632 -3.883  1.00 32.53 ? 148  TYR A O     1 
ATOM   1153 C  CB    . TYR A 1 148 ? -3.656  -9.762  -3.188  1.00 34.19 ? 148  TYR A CB    1 
ATOM   1154 C  CG    . TYR A 1 148 ? -5.109  -9.501  -2.861  1.00 33.73 ? 148  TYR A CG    1 
ATOM   1155 C  CD1   . TYR A 1 148 ? -6.076  -9.365  -3.865  1.00 34.70 ? 148  TYR A CD1   1 
ATOM   1156 C  CD2   . TYR A 1 148 ? -5.504  -9.344  -1.540  1.00 33.06 ? 148  TYR A CD2   1 
ATOM   1157 C  CE1   . TYR A 1 148 ? -7.397  -9.098  -3.538  1.00 32.81 ? 148  TYR A CE1   1 
ATOM   1158 C  CE2   . TYR A 1 148 ? -6.777  -9.077  -1.212  1.00 31.42 ? 148  TYR A CE2   1 
ATOM   1159 C  CZ    . TYR A 1 148 ? -7.736  -8.952  -2.203  1.00 32.74 ? 148  TYR A CZ    1 
ATOM   1160 O  OH    . TYR A 1 148 ? -9.014  -8.681  -1.811  1.00 32.85 ? 148  TYR A OH    1 
ATOM   1161 N  N     . PRO A 1 149 ? -1.246  -10.041 -5.400  1.00 26.43 ? 149  PRO A N     1 
ATOM   1162 C  CA    . PRO A 1 149 ? 0.194   -10.063 -5.360  1.00 27.02 ? 149  PRO A CA    1 
ATOM   1163 C  C     . PRO A 1 149 ? 0.689   -9.600  -4.000  1.00 29.31 ? 149  PRO A C     1 
ATOM   1164 O  O     . PRO A 1 149 ? 0.163   -8.605  -3.459  1.00 24.25 ? 149  PRO A O     1 
ATOM   1165 C  CB    . PRO A 1 149 ? 0.618   -9.049  -6.431  1.00 28.13 ? 149  PRO A CB    1 
ATOM   1166 C  CG    . PRO A 1 149 ? -0.572  -8.567  -7.059  1.00 27.33 ? 149  PRO A CG    1 
ATOM   1167 C  CD    . PRO A 1 149 ? -1.780  -9.088  -6.361  1.00 24.61 ? 149  PRO A CD    1 
ATOM   1168 N  N     . TYR A 1 150 ? 1.679   -10.325 -3.471  1.00 29.85 ? 150  TYR A N     1 
ATOM   1169 C  CA    . TYR A 1 150 ? 2.349   -10.010 -2.229  1.00 27.66 ? 150  TYR A CA    1 
ATOM   1170 C  C     . TYR A 1 150 ? 3.829   -9.658  -2.455  1.00 31.21 ? 150  TYR A C     1 
ATOM   1171 O  O     . TYR A 1 150 ? 4.540   -10.351 -3.196  1.00 36.15 ? 150  TYR A O     1 
ATOM   1172 C  CB    . TYR A 1 150 ? 2.249   -11.225 -1.298  1.00 28.28 ? 150  TYR A CB    1 
ATOM   1173 C  CG    . TYR A 1 150 ? 3.002   -11.108 -0.021  1.00 24.80 ? 150  TYR A CG    1 
ATOM   1174 C  CD1   . TYR A 1 150 ? 2.764   -10.051 0.850   1.00 26.43 ? 150  TYR A CD1   1 
ATOM   1175 C  CD2   . TYR A 1 150 ? 3.941   -12.068 0.345   1.00 28.86 ? 150  TYR A CD2   1 
ATOM   1176 C  CE1   . TYR A 1 150 ? 3.477   -9.931  2.051   1.00 30.60 ? 150  TYR A CE1   1 
ATOM   1177 C  CE2   . TYR A 1 150 ? 4.652   -11.978 1.567   1.00 30.66 ? 150  TYR A CE2   1 
ATOM   1178 C  CZ    . TYR A 1 150 ? 4.416   -10.900 2.413   1.00 30.97 ? 150  TYR A CZ    1 
ATOM   1179 O  OH    . TYR A 1 150 ? 5.104   -10.789 3.606   1.00 28.99 ? 150  TYR A OH    1 
ATOM   1180 N  N     . LEU A 1 151 ? 4.289   -8.600  -1.797  1.00 28.20 ? 151  LEU A N     1 
ATOM   1181 C  CA    . LEU A 1 151 ? 5.690   -8.215  -1.811  1.00 32.22 ? 151  LEU A CA    1 
ATOM   1182 C  C     . LEU A 1 151 ? 6.187   -7.875  -0.422  1.00 35.94 ? 151  LEU A C     1 
ATOM   1183 O  O     . LEU A 1 151 ? 5.482   -7.225  0.361   1.00 38.02 ? 151  LEU A O     1 
ATOM   1184 C  CB    . LEU A 1 151 ? 5.932   -6.993  -2.687  1.00 30.85 ? 151  LEU A CB    1 
ATOM   1185 C  CG    . LEU A 1 151 ? 5.699   -7.154  -4.180  1.00 30.98 ? 151  LEU A CG    1 
ATOM   1186 C  CD1   . LEU A 1 151 ? 4.467   -6.387  -4.633  1.00 32.76 ? 151  LEU A CD1   1 
ATOM   1187 C  CD2   . LEU A 1 151 ? 6.916   -6.688  -4.906  1.00 28.24 ? 151  LEU A CD2   1 
ATOM   1188 N  N     . GLU A 1 152 ? 7.424   -8.289  -0.141  1.00 36.07 ? 152  GLU A N     1 
ATOM   1189 C  CA    . GLU A 1 152 ? 8.115   -7.908  1.079   1.00 33.73 ? 152  GLU A CA    1 
ATOM   1190 C  C     . GLU A 1 152 ? 9.055   -6.757  0.794   1.00 35.82 ? 152  GLU A C     1 
ATOM   1191 O  O     . GLU A 1 152 ? 9.828   -6.782  -0.187  1.00 31.02 ? 152  GLU A O     1 
ATOM   1192 C  CB    . GLU A 1 152 ? 8.839   -9.088  1.648   1.00 36.31 ? 152  GLU A CB    1 
ATOM   1193 C  CG    . GLU A 1 152 ? 7.853   -10.164 2.081   1.00 36.29 ? 152  GLU A CG    1 
ATOM   1194 C  CD    . GLU A 1 152 ? 8.462   -11.219 2.957   1.00 38.44 ? 152  GLU A CD    1 
ATOM   1195 O  OE1   . GLU A 1 152 ? 9.727   -11.344 3.009   1.00 38.55 ? 152  GLU A OE1   1 
ATOM   1196 O  OE2   . GLU A 1 152 ? 7.656   -11.945 3.590   1.00 39.70 ? 152  GLU A OE2   1 
ATOM   1197 N  N     . THR A 1 153 ? 8.937   -5.722  1.624   1.00 32.24 ? 153  THR A N     1 
ATOM   1198 C  CA    . THR A 1 153 ? 9.505   -4.431  1.323   1.00 31.86 ? 153  THR A CA    1 
ATOM   1199 C  C     . THR A 1 153 ? 10.312  -3.928  2.500   1.00 30.46 ? 153  THR A C     1 
ATOM   1200 O  O     . THR A 1 153 ? 10.184  -4.392  3.633   1.00 30.11 ? 153  THR A O     1 
ATOM   1201 C  CB    . THR A 1 153 ? 8.396   -3.373  0.931   1.00 31.70 ? 153  THR A CB    1 
ATOM   1202 O  OG1   . THR A 1 153 ? 7.436   -3.236  1.990   1.00 32.19 ? 153  THR A OG1   1 
ATOM   1203 C  CG2   . THR A 1 153 ? 7.656   -3.804  -0.299  1.00 31.22 ? 153  THR A CG2   1 
ATOM   1204 N  N     . SER A 1 154 ? 11.198  -3.009  2.217   1.00 31.88 ? 154  SER A N     1 
ATOM   1205 C  CA    . SER A 1 154 ? 11.780  -2.229  3.269   1.00 32.09 ? 154  SER A CA    1 
ATOM   1206 C  C     . SER A 1 154 ? 11.998  -0.865  2.737   1.00 30.53 ? 154  SER A C     1 
ATOM   1207 O  O     . SER A 1 154 ? 12.888  -0.681  1.917   1.00 26.86 ? 154  SER A O     1 
ATOM   1208 C  CB    . SER A 1 154 ? 13.119  -2.813  3.737   1.00 35.22 ? 154  SER A CB    1 
ATOM   1209 O  OG    . SER A 1 154 ? 14.001  -1.771  4.171   1.00 33.27 ? 154  SER A OG    1 
ATOM   1210 N  N     . ALA A 1 155 ? 11.171  0.082   3.207   1.00 30.74 ? 155  ALA A N     1 
ATOM   1211 C  CA    . ALA A 1 155 ? 11.410  1.530   3.024   1.00 31.04 ? 155  ALA A CA    1 
ATOM   1212 C  C     . ALA A 1 155 ? 12.818  1.932   3.435   1.00 31.99 ? 155  ALA A C     1 
ATOM   1213 O  O     . ALA A 1 155 ? 13.436  2.784   2.796   1.00 34.99 ? 155  ALA A O     1 
ATOM   1214 C  CB    . ALA A 1 155 ? 10.402  2.342   3.837   1.00 28.52 ? 155  ALA A CB    1 
ATOM   1215 N  N     . LYS A 1 156 ? 13.304  1.324   4.511   1.00 37.03 ? 156  LYS A N     1 
ATOM   1216 C  CA    . LYS A 1 156 ? 14.609  1.657   5.079   1.00 40.09 ? 156  LYS A CA    1 
ATOM   1217 C  C     . LYS A 1 156 ? 15.756  1.365   4.119   1.00 41.08 ? 156  LYS A C     1 
ATOM   1218 O  O     . LYS A 1 156 ? 16.583  2.249   3.848   1.00 45.03 ? 156  LYS A O     1 
ATOM   1219 C  CB    . LYS A 1 156 ? 14.826  0.894   6.381   1.00 42.52 ? 156  LYS A CB    1 
ATOM   1220 C  CG    . LYS A 1 156 ? 16.157  1.205   7.026   1.00 45.25 ? 156  LYS A CG    1 
ATOM   1221 C  CD    . LYS A 1 156 ? 16.345  0.528   8.354   1.00 44.21 ? 156  LYS A CD    1 
ATOM   1222 C  CE    . LYS A 1 156 ? 17.780  0.800   8.861   1.00 45.28 ? 156  LYS A CE    1 
ATOM   1223 N  NZ    . LYS A 1 156 ? 17.866  0.703   10.323  1.00 45.55 ? 156  LYS A NZ    1 
ATOM   1224 N  N     . ASP A 1 157 ? 15.801  0.134   3.608   1.00 41.18 ? 157  ASP A N     1 
ATOM   1225 C  CA    . ASP A 1 157 ? 16.871  -0.321  2.700   1.00 43.43 ? 157  ASP A CA    1 
ATOM   1226 C  C     . ASP A 1 157 ? 16.570  -0.121  1.204   1.00 45.14 ? 157  ASP A C     1 
ATOM   1227 O  O     . ASP A 1 157 ? 17.456  -0.278  0.359   1.00 43.63 ? 157  ASP A O     1 
ATOM   1228 C  CB    . ASP A 1 157 ? 17.193  -1.789  2.985   1.00 42.23 ? 157  ASP A CB    1 
ATOM   1229 C  CG    . ASP A 1 157 ? 17.848  -1.983  4.336   1.00 44.53 ? 157  ASP A CG    1 
ATOM   1230 O  OD1   . ASP A 1 157 ? 18.390  -0.992  4.888   1.00 44.12 ? 157  ASP A OD1   1 
ATOM   1231 O  OD2   . ASP A 1 157 ? 17.834  -3.118  4.859   1.00 46.22 ? 157  ASP A OD2   1 
ATOM   1232 N  N     . ASP A 1 158 ? 15.329  0.247   0.894   1.00 46.55 ? 158  ASP A N     1 
ATOM   1233 C  CA    . ASP A 1 158 ? 14.852  0.360   -0.486  1.00 46.51 ? 158  ASP A CA    1 
ATOM   1234 C  C     . ASP A 1 158 ? 14.813  -1.027  -1.144  1.00 46.85 ? 158  ASP A C     1 
ATOM   1235 O  O     . ASP A 1 158 ? 15.226  -1.206  -2.285  1.00 50.84 ? 158  ASP A O     1 
ATOM   1236 C  CB    . ASP A 1 158 ? 15.706  1.359   -1.288  1.00 46.41 ? 158  ASP A CB    1 
ATOM   1237 C  CG    . ASP A 1 158 ? 14.959  1.968   -2.464  1.00 48.47 ? 158  ASP A CG    1 
ATOM   1238 O  OD1   . ASP A 1 158 ? 13.754  1.658   -2.644  1.00 49.70 ? 158  ASP A OD1   1 
ATOM   1239 O  OD2   . ASP A 1 158 ? 15.571  2.764   -3.218  1.00 46.26 ? 158  ASP A OD2   1 
ATOM   1240 N  N     . THR A 1 159 ? 14.305  -2.004  -0.403  1.00 43.78 ? 159  THR A N     1 
ATOM   1241 C  CA    . THR A 1 159 ? 14.090  -3.336  -0.912  1.00 40.82 ? 159  THR A CA    1 
ATOM   1242 C  C     . THR A 1 159 ? 12.666  -3.430  -1.481  1.00 41.06 ? 159  THR A C     1 
ATOM   1243 O  O     . THR A 1 159 ? 11.670  -3.223  -0.754  1.00 40.51 ? 159  THR A O     1 
ATOM   1244 C  CB    . THR A 1 159 ? 14.268  -4.367  0.201   1.00 42.53 ? 159  THR A CB    1 
ATOM   1245 O  OG1   . THR A 1 159 ? 15.557  -4.190  0.826   1.00 41.71 ? 159  THR A OG1   1 
ATOM   1246 C  CG2   . THR A 1 159 ? 14.117  -5.801  -0.343  1.00 43.58 ? 159  THR A CG2   1 
ATOM   1247 N  N     . ASN A 1 160 ? 12.574  -3.740  -2.779  1.00 39.19 ? 160  ASN A N     1 
ATOM   1248 C  CA    . ASN A 1 160 ? 11.298  -3.946  -3.482  1.00 36.81 ? 160  ASN A CA    1 
ATOM   1249 C  C     . ASN A 1 160 ? 10.285  -2.783  -3.474  1.00 35.06 ? 160  ASN A C     1 
ATOM   1250 O  O     . ASN A 1 160 ? 9.138   -2.984  -3.825  1.00 36.06 ? 160  ASN A O     1 
ATOM   1251 C  CB    . ASN A 1 160 ? 10.608  -5.234  -2.967  1.00 36.16 ? 160  ASN A CB    1 
ATOM   1252 C  CG    . ASN A 1 160 ? 11.345  -6.490  -3.371  1.00 36.31 ? 160  ASN A CG    1 
ATOM   1253 O  OD1   . ASN A 1 160 ? 12.079  -6.499  -4.352  1.00 37.89 ? 160  ASN A OD1   1 
ATOM   1254 N  ND2   . ASN A 1 160 ? 11.152  -7.557  -2.616  1.00 38.92 ? 160  ASN A ND2   1 
ATOM   1255 N  N     . VAL A 1 161 ? 10.718  -1.572  -3.142  1.00 33.45 ? 161  VAL A N     1 
ATOM   1256 C  CA    . VAL A 1 161 ? 9.822   -0.419  -3.107  1.00 34.09 ? 161  VAL A CA    1 
ATOM   1257 C  C     . VAL A 1 161 ? 9.375   0.011   -4.508  1.00 36.10 ? 161  VAL A C     1 
ATOM   1258 O  O     . VAL A 1 161 ? 8.181   0.220   -4.761  1.00 36.46 ? 161  VAL A O     1 
ATOM   1259 C  CB    . VAL A 1 161 ? 10.484  0.783   -2.381  1.00 33.41 ? 161  VAL A CB    1 
ATOM   1260 C  CG1   . VAL A 1 161 ? 9.573   1.993   -2.410  1.00 30.91 ? 161  VAL A CG1   1 
ATOM   1261 C  CG2   . VAL A 1 161 ? 10.897  0.390   -0.925  1.00 32.62 ? 161  VAL A CG2   1 
ATOM   1262 N  N     . THR A 1 162 ? 10.316  0.131   -5.428  1.00 37.58 ? 162  THR A N     1 
ATOM   1263 C  CA    . THR A 1 162 ? 9.969   0.495   -6.816  1.00 37.01 ? 162  THR A CA    1 
ATOM   1264 C  C     . THR A 1 162 ? 9.091   -0.585  -7.437  1.00 32.36 ? 162  THR A C     1 
ATOM   1265 O  O     . THR A 1 162 ? 8.082   -0.294  -8.041  1.00 30.89 ? 162  THR A O     1 
ATOM   1266 C  CB    . THR A 1 162 ? 11.228  0.747   -7.662  1.00 38.64 ? 162  THR A CB    1 
ATOM   1267 O  OG1   . THR A 1 162 ? 11.914  1.870   -7.118  1.00 40.45 ? 162  THR A OG1   1 
ATOM   1268 C  CG2   . THR A 1 162 ? 10.887  1.042   -9.136  1.00 38.03 ? 162  THR A CG2   1 
ATOM   1269 N  N     . VAL A 1 163 ? 9.475   -1.833  -7.219  1.00 35.81 ? 163  VAL A N     1 
ATOM   1270 C  CA    . VAL A 1 163 ? 8.747   -2.996  -7.709  1.00 35.11 ? 163  VAL A CA    1 
ATOM   1271 C  C     . VAL A 1 163 ? 7.293   -3.047  -7.215  1.00 35.09 ? 163  VAL A C     1 
ATOM   1272 O  O     . VAL A 1 163 ? 6.352   -3.288  -8.018  1.00 34.40 ? 163  VAL A O     1 
ATOM   1273 C  CB    . VAL A 1 163 ? 9.544   -4.304  -7.342  1.00 38.74 ? 163  VAL A CB    1 
ATOM   1274 C  CG1   . VAL A 1 163 ? 8.736   -5.543  -7.586  1.00 39.01 ? 163  VAL A CG1   1 
ATOM   1275 C  CG2   . VAL A 1 163 ? 10.841  -4.344  -8.153  1.00 43.12 ? 163  VAL A CG2   1 
ATOM   1276 N  N     . ALA A 1 164 ? 7.098   -2.823  -5.911  1.00 33.67 ? 164  ALA A N     1 
ATOM   1277 C  CA    . ALA A 1 164 ? 5.737   -2.754  -5.328  1.00 31.42 ? 164  ALA A CA    1 
ATOM   1278 C  C     . ALA A 1 164 ? 4.856   -1.732  -6.025  1.00 29.74 ? 164  ALA A C     1 
ATOM   1279 O  O     . ALA A 1 164 ? 3.702   -2.024  -6.344  1.00 30.03 ? 164  ALA A O     1 
ATOM   1280 C  CB    . ALA A 1 164 ? 5.798   -2.453  -3.860  1.00 31.01 ? 164  ALA A CB    1 
ATOM   1281 N  N     . PHE A 1 165 ? 5.390   -0.536  -6.264  1.00 30.34 ? 165  PHE A N     1 
ATOM   1282 C  CA    . PHE A 1 165 ? 4.598   0.531   -6.897  1.00 31.60 ? 165  PHE A CA    1 
ATOM   1283 C  C     . PHE A 1 165 ? 4.406   0.304   -8.392  1.00 32.56 ? 165  PHE A C     1 
ATOM   1284 O  O     . PHE A 1 165 ? 3.357   0.639   -8.936  1.00 31.64 ? 165  PHE A O     1 
ATOM   1285 C  CB    . PHE A 1 165 ? 5.194   1.918   -6.632  1.00 32.79 ? 165  PHE A CB    1 
ATOM   1286 C  CG    . PHE A 1 165 ? 4.911   2.452   -5.235  1.00 31.69 ? 165  PHE A CG    1 
ATOM   1287 C  CD1   . PHE A 1 165 ? 3.684   3.016   -4.929  1.00 32.66 ? 165  PHE A CD1   1 
ATOM   1288 C  CD2   . PHE A 1 165 ? 5.880   2.395   -4.241  1.00 30.48 ? 165  PHE A CD2   1 
ATOM   1289 C  CE1   . PHE A 1 165 ? 3.411   3.499   -3.637  1.00 32.40 ? 165  PHE A CE1   1 
ATOM   1290 C  CE2   . PHE A 1 165 ? 5.628   2.884   -2.977  1.00 33.28 ? 165  PHE A CE2   1 
ATOM   1291 C  CZ    . PHE A 1 165 ? 4.380   3.431   -2.670  1.00 32.63 ? 165  PHE A CZ    1 
ATOM   1292 N  N     . GLU A 1 166 ? 5.433   -0.222  -9.061  1.00 34.16 ? 166  GLU A N     1 
ATOM   1293 C  CA    . GLU A 1 166 ? 5.267   -0.690  -10.456 1.00 36.24 ? 166  GLU A CA    1 
ATOM   1294 C  C     . GLU A 1 166 ? 4.152   -1.747  -10.566 1.00 30.77 ? 166  GLU A C     1 
ATOM   1295 O  O     . GLU A 1 166 ? 3.345   -1.710  -11.471 1.00 30.68 ? 166  GLU A O     1 
ATOM   1296 C  CB    . GLU A 1 166 ? 6.598   -1.240  -11.016 1.00 34.37 ? 166  GLU A CB    1 
ATOM   1297 C  CG    . GLU A 1 166 ? 7.455   -0.147  -11.607 1.00 36.66 ? 166  GLU A CG    1 
ATOM   1298 C  CD    . GLU A 1 166 ? 8.895   -0.532  -11.827 1.00 41.02 ? 166  GLU A CD    1 
ATOM   1299 O  OE1   . GLU A 1 166 ? 9.243   -1.721  -11.606 1.00 42.14 ? 166  GLU A OE1   1 
ATOM   1300 O  OE2   . GLU A 1 166 ? 9.689   0.380   -12.203 1.00 41.72 ? 166  GLU A OE2   1 
ATOM   1301 N  N     . GLU A 1 167 ? 4.130   -2.678  -9.626  1.00 31.60 ? 167  GLU A N     1 
ATOM   1302 C  CA    . GLU A 1 167 ? 3.168   -3.783  -9.647  1.00 32.19 ? 167  GLU A CA    1 
ATOM   1303 C  C     . GLU A 1 167 ? 1.767   -3.303  -9.470  1.00 28.29 ? 167  GLU A C     1 
ATOM   1304 O  O     . GLU A 1 167 ? 0.848   -3.850  -10.074 1.00 28.52 ? 167  GLU A O     1 
ATOM   1305 C  CB    . GLU A 1 167 ? 3.510   -4.823  -8.570  1.00 33.31 ? 167  GLU A CB    1 
ATOM   1306 C  CG    . GLU A 1 167 ? 2.594   -6.059  -8.594  1.00 35.57 ? 167  GLU A CG    1 
ATOM   1307 C  CD    . GLU A 1 167 ? 2.606   -6.799  -9.927  1.00 34.94 ? 167  GLU A CD    1 
ATOM   1308 O  OE1   . GLU A 1 167 ? 3.674   -6.836  -10.545 1.00 39.87 ? 167  GLU A OE1   1 
ATOM   1309 O  OE2   . GLU A 1 167 ? 1.545   -7.320  -10.351 1.00 35.59 ? 167  GLU A OE2   1 
ATOM   1310 N  N     . ALA A 1 168 ? 1.594   -2.270  -8.636  1.00 29.03 ? 168  ALA A N     1 
ATOM   1311 C  CA    . ALA A 1 168 ? 0.316   -1.617  -8.479  1.00 29.69 ? 168  ALA A CA    1 
ATOM   1312 C  C     . ALA A 1 168 ? -0.193  -1.097  -9.835  1.00 30.52 ? 168  ALA A C     1 
ATOM   1313 O  O     . ALA A 1 168 ? -1.361  -1.285  -10.195 1.00 32.42 ? 168  ALA A O     1 
ATOM   1314 C  CB    . ALA A 1 168 ? 0.421   -0.487  -7.435  1.00 25.30 ? 168  ALA A CB    1 
ATOM   1315 N  N     . VAL A 1 169 ? 0.691   -0.457  -10.587 1.00 34.11 ? 169  VAL A N     1 
ATOM   1316 C  CA    . VAL A 1 169 ? 0.366   0.020   -11.951 1.00 32.39 ? 169  VAL A CA    1 
ATOM   1317 C  C     . VAL A 1 169 ? -0.023  -1.167  -12.867 1.00 32.44 ? 169  VAL A C     1 
ATOM   1318 O  O     . VAL A 1 169 ? -1.082  -1.152  -13.505 1.00 28.60 ? 169  VAL A O     1 
ATOM   1319 C  CB    . VAL A 1 169 ? 1.556   0.838   -12.548 1.00 32.57 ? 169  VAL A CB    1 
ATOM   1320 C  CG1   . VAL A 1 169 ? 1.314   1.211   -14.020 1.00 27.42 ? 169  VAL A CG1   1 
ATOM   1321 C  CG2   . VAL A 1 169 ? 1.832   2.076   -11.685 1.00 27.61 ? 169  VAL A CG2   1 
ATOM   1322 N  N     . ARG A 1 170 ? 0.795   -2.211  -12.876 1.00 34.37 ? 170  ARG A N     1 
ATOM   1323 C  CA    . ARG A 1 170 ? 0.510   -3.398  -13.711 1.00 35.25 ? 170  ARG A CA    1 
ATOM   1324 C  C     . ARG A 1 170 ? -0.836  -4.042  -13.408 1.00 36.59 ? 170  ARG A C     1 
ATOM   1325 O  O     . ARG A 1 170 ? -1.581  -4.415  -14.343 1.00 38.37 ? 170  ARG A O     1 
ATOM   1326 C  CB    . ARG A 1 170 ? 1.588   -4.440  -13.541 1.00 35.59 ? 170  ARG A CB    1 
ATOM   1327 C  CG    . ARG A 1 170 ? 2.888   -4.049  -14.102 1.00 35.70 ? 170  ARG A CG    1 
ATOM   1328 C  CD    . ARG A 1 170 ? 3.700   -5.264  -14.433 1.00 37.43 ? 170  ARG A CD    1 
ATOM   1329 N  NE    . ARG A 1 170 ? 4.939   -4.879  -15.079 1.00 37.39 ? 170  ARG A NE    1 
ATOM   1330 C  CZ    . ARG A 1 170 ? 6.070   -4.607  -14.446 1.00 39.78 ? 170  ARG A CZ    1 
ATOM   1331 N  NH1   . ARG A 1 170 ? 6.163   -4.705  -13.120 1.00 40.75 ? 170  ARG A NH1   1 
ATOM   1332 N  NH2   . ARG A 1 170 ? 7.133   -4.242  -15.154 1.00 40.65 ? 170  ARG A NH2   1 
ATOM   1333 N  N     . GLN A 1 171 ? -1.149  -4.167  -12.113 1.00 33.51 ? 171  GLN A N     1 
ATOM   1334 C  CA    . GLN A 1 171 ? -2.435  -4.668  -11.687 1.00 31.36 ? 171  GLN A CA    1 
ATOM   1335 C  C     . GLN A 1 171 ? -3.576  -3.824  -12.208 1.00 33.15 ? 171  GLN A C     1 
ATOM   1336 O  O     . GLN A 1 171 ? -4.562  -4.359  -12.657 1.00 35.07 ? 171  GLN A O     1 
ATOM   1337 C  CB    . GLN A 1 171 ? -2.514  -4.779  -10.166 1.00 32.91 ? 171  GLN A CB    1 
ATOM   1338 C  CG    . GLN A 1 171 ? -1.699  -5.878  -9.629  1.00 32.48 ? 171  GLN A CG    1 
ATOM   1339 C  CD    . GLN A 1 171 ? -2.159  -7.236  -10.130 1.00 34.85 ? 171  GLN A CD    1 
ATOM   1340 O  OE1   . GLN A 1 171 ? -3.345  -7.613  -9.991  1.00 33.92 ? 171  GLN A OE1   1 
ATOM   1341 N  NE2   . GLN A 1 171 ? -1.231  -7.974  -10.726 1.00 28.74 ? 171  GLN A NE2   1 
ATOM   1342 N  N     . VAL A 1 172 ? -3.437  -2.503  -12.149 1.00 37.26 ? 172  VAL A N     1 
ATOM   1343 C  CA    . VAL A 1 172 ? -4.434  -1.599  -12.735 1.00 39.17 ? 172  VAL A CA    1 
ATOM   1344 C  C     . VAL A 1 172 ? -4.583  -1.800  -14.272 1.00 42.99 ? 172  VAL A C     1 
ATOM   1345 O  O     . VAL A 1 172 ? -5.707  -1.915  -14.780 1.00 46.56 ? 172  VAL A O     1 
ATOM   1346 C  CB    . VAL A 1 172 ? -4.124  -0.098  -12.432 1.00 36.66 ? 172  VAL A CB    1 
ATOM   1347 C  CG1   . VAL A 1 172 ? -5.119  0.822   -13.145 1.00 28.66 ? 172  VAL A CG1   1 
ATOM   1348 C  CG2   . VAL A 1 172 ? -4.127  0.184   -10.908 1.00 34.75 ? 172  VAL A CG2   1 
ATOM   1349 N  N     . LEU A 1 173 ? -3.464  -1.857  -14.989 1.00 44.42 ? 173  LEU A N     1 
ATOM   1350 C  CA    . LEU A 1 173 ? -3.489  -1.933  -16.473 1.00 46.85 ? 173  LEU A CA    1 
ATOM   1351 C  C     . LEU A 1 173 ? -4.049  -3.261  -17.000 1.00 50.77 ? 173  LEU A C     1 
ATOM   1352 O  O     . LEU A 1 173 ? -4.584  -3.309  -18.128 1.00 50.47 ? 173  LEU A O     1 
ATOM   1353 C  CB    . LEU A 1 173 ? -2.083  -1.692  -17.066 1.00 45.33 ? 173  LEU A CB    1 
ATOM   1354 C  CG    . LEU A 1 173 ? -1.506  -0.286  -16.895 1.00 44.48 ? 173  LEU A CG    1 
ATOM   1355 C  CD1   . LEU A 1 173 ? -0.118  -0.165  -17.566 1.00 45.45 ? 173  LEU A CD1   1 
ATOM   1356 C  CD2   . LEU A 1 173 ? -2.468  0.771   -17.421 1.00 42.32 ? 173  LEU A CD2   1 
ATOM   1357 N  N     . ALA A 1 174 ? -3.917  -4.312  -16.181 1.00 52.93 ? 174  ALA A N     1 
ATOM   1358 C  CA    . ALA A 1 174 ? -4.490  -5.636  -16.437 1.00 58.05 ? 174  ALA A CA    1 
ATOM   1359 C  C     . ALA A 1 174 ? -5.994  -5.755  -16.110 1.00 61.41 ? 174  ALA A C     1 
ATOM   1360 O  O     . ALA A 1 174 ? -6.484  -6.875  -15.942 1.00 64.25 ? 174  ALA A O     1 
ATOM   1361 C  CB    . ALA A 1 174 ? -3.706  -6.713  -15.629 1.00 55.55 ? 174  ALA A CB    1 
ATOM   1362 N  N     . VAL A 1 175 ? -6.719  -4.631  -15.990 1.00 63.80 ? 175  VAL A N     1 
ATOM   1363 C  CA    . VAL A 1 175 ? -8.177  -4.664  -15.734 1.00 63.90 ? 175  VAL A CA    1 
ATOM   1364 C  C     . VAL A 1 175 ? -8.885  -3.556  -16.516 1.00 66.72 ? 175  VAL A C     1 
ATOM   1365 O  O     . VAL A 1 175 ? -8.864  -3.550  -17.754 1.00 70.18 ? 175  VAL A O     1 
ATOM   1366 C  CB    . VAL A 1 175 ? -8.547  -4.524  -14.207 1.00 65.33 ? 175  VAL A CB    1 
ATOM   1367 C  CG1   . VAL A 1 175 ? -7.597  -5.356  -13.311 1.00 65.48 ? 175  VAL A CG1   1 
ATOM   1368 C  CG2   . VAL A 1 175 ? -8.572  -3.044  -13.769 1.00 65.29 ? 175  VAL A CG2   1 
HETATM 1369 MG MG    . MG  B 2 .   ? 2.283   7.801   8.155   1.00 30.56 ? 202  MG  A MG    1 
HETATM 1370 P  PG    . GNP C 3 .   ? 0.896   6.114   10.494  1.00 31.82 ? 201  GNP A PG    1 
HETATM 1371 O  O1G   . GNP C 3 .   ? 0.541   6.157   11.957  1.00 32.33 ? 201  GNP A O1G   1 
HETATM 1372 O  O2G   . GNP C 3 .   ? 1.092   7.435   9.908   1.00 30.23 ? 201  GNP A O2G   1 
HETATM 1373 O  O3G   . GNP C 3 .   ? -0.249  5.278   9.925   1.00 35.86 ? 201  GNP A O3G   1 
HETATM 1374 N  N3B   . GNP C 3 .   ? 2.320   5.342   10.366  1.00 34.23 ? 201  GNP A N3B   1 
HETATM 1375 P  PB    . GNP C 3 .   ? 3.102   4.817   9.062   1.00 32.70 ? 201  GNP A PB    1 
HETATM 1376 O  O1B   . GNP C 3 .   ? 2.435   3.541   8.698   1.00 26.76 ? 201  GNP A O1B   1 
HETATM 1377 O  O2B   . GNP C 3 .   ? 3.122   5.844   8.010   1.00 20.27 ? 201  GNP A O2B   1 
HETATM 1378 O  O3A   . GNP C 3 .   ? 4.589   4.514   9.443   1.00 27.83 ? 201  GNP A O3A   1 
HETATM 1379 P  PA    . GNP C 3 .   ? 5.866   5.379   9.293   1.00 34.93 ? 201  GNP A PA    1 
HETATM 1380 O  O1A   . GNP C 3 .   ? 6.327   5.590   7.911   1.00 32.33 ? 201  GNP A O1A   1 
HETATM 1381 O  O2A   . GNP C 3 .   ? 5.715   6.660   10.043  1.00 41.25 ? 201  GNP A O2A   1 
HETATM 1382 O  "O5'" . GNP C 3 .   ? 7.018   4.595   9.954   1.00 33.54 ? 201  GNP A "O5'" 1 
HETATM 1383 C  "C5'" . GNP C 3 .   ? 6.941   4.136   11.319  1.00 36.26 ? 201  GNP A "C5'" 1 
HETATM 1384 C  "C4'" . GNP C 3 .   ? 8.334   3.882   11.905  1.00 37.77 ? 201  GNP A "C4'" 1 
HETATM 1385 O  "O4'" . GNP C 3 .   ? 8.915   2.709   11.264  1.00 36.50 ? 201  GNP A "O4'" 1 
HETATM 1386 C  "C3'" . GNP C 3 .   ? 9.396   4.995   11.744  1.00 40.85 ? 201  GNP A "C3'" 1 
HETATM 1387 O  "O3'" . GNP C 3 .   ? 10.303  5.074   12.888  1.00 43.29 ? 201  GNP A "O3'" 1 
HETATM 1388 C  "C2'" . GNP C 3 .   ? 10.167  4.593   10.493  1.00 40.13 ? 201  GNP A "C2'" 1 
HETATM 1389 O  "O2'" . GNP C 3 .   ? 11.512  5.075   10.488  1.00 40.54 ? 201  GNP A "O2'" 1 
HETATM 1390 C  "C1'" . GNP C 3 .   ? 10.104  3.068   10.596  1.00 40.20 ? 201  GNP A "C1'" 1 
HETATM 1391 N  N9    . GNP C 3 .   ? 10.106  2.366   9.298   1.00 42.47 ? 201  GNP A N9    1 
HETATM 1392 C  C8    . GNP C 3 .   ? 9.344   2.591   8.156   1.00 41.86 ? 201  GNP A C8    1 
HETATM 1393 N  N7    . GNP C 3 .   ? 9.614   1.751   7.187   1.00 42.84 ? 201  GNP A N7    1 
HETATM 1394 C  C5    . GNP C 3 .   ? 10.614  0.925   7.718   1.00 43.16 ? 201  GNP A C5    1 
HETATM 1395 C  C6    . GNP C 3 .   ? 11.332  -0.182  7.170   1.00 41.36 ? 201  GNP A C6    1 
HETATM 1396 O  O6    . GNP C 3 .   ? 11.244  -0.671  6.050   1.00 38.79 ? 201  GNP A O6    1 
HETATM 1397 N  N1    . GNP C 3 .   ? 12.248  -0.732  8.075   1.00 42.43 ? 201  GNP A N1    1 
HETATM 1398 C  C2    . GNP C 3 .   ? 12.475  -0.279  9.370   1.00 43.42 ? 201  GNP A C2    1 
HETATM 1399 N  N2    . GNP C 3 .   ? 13.392  -0.934  10.117  1.00 41.18 ? 201  GNP A N2    1 
HETATM 1400 N  N3    . GNP C 3 .   ? 11.810  0.743   9.896   1.00 44.20 ? 201  GNP A N3    1 
HETATM 1401 C  C4    . GNP C 3 .   ? 10.910  1.291   9.019   1.00 43.98 ? 201  GNP A C4    1 
HETATM 1402 X  UNK   . UNX D 4 .   ? 11.959  6.288   -13.660 0.01 5.85  ? 1001 UNX A UNK   1 
HETATM 1403 X  UNK   . UNX E 4 .   ? 16.020  -5.602  3.050   0.01 2.00  ? 1002 UNX A UNK   1 
HETATM 1404 X  UNK   . UNX F 4 .   ? 7.751   -18.973 5.715   0.01 2.00  ? 1003 UNX A UNK   1 
HETATM 1405 X  UNK   . UNX G 4 .   ? 12.998  -2.458  -6.080  0.01 2.00  ? 1004 UNX A UNK   1 
HETATM 1406 X  UNK   . UNX H 4 .   ? -6.338  4.998   17.813  0.01 2.00  ? 1005 UNX A UNK   1 
HETATM 1407 X  UNK   . UNX I 4 .   ? -9.236  -0.903  10.099  0.01 2.00  ? 1006 UNX A UNK   1 
HETATM 1408 X  UNK   . UNX J 4 .   ? -3.186  -19.457 -6.597  0.01 2.00  ? 1007 UNX A UNK   1 
HETATM 1409 O  O     . HOH K 5 .   ? -6.476  -10.591 7.775   1.00 30.03 ? 301  HOH A O     1 
HETATM 1410 O  O     . HOH K 5 .   ? 0.649   7.131   6.746   1.00 22.54 ? 302  HOH A O     1 
HETATM 1411 O  O     . HOH K 5 .   ? 3.932   8.744   9.091   1.00 33.71 ? 303  HOH A O     1 
HETATM 1412 O  O     . HOH K 5 .   ? -2.152  7.622   12.251  1.00 31.46 ? 304  HOH A O     1 
HETATM 1413 O  O     . HOH K 5 .   ? -14.517 7.498   -0.094  1.00 30.56 ? 305  HOH A O     1 
HETATM 1414 O  O     . HOH K 5 .   ? 11.301  6.767   3.482   1.00 33.87 ? 306  HOH A O     1 
HETATM 1415 O  O     . HOH K 5 .   ? -4.475  3.541   6.616   1.00 20.55 ? 307  HOH A O     1 
HETATM 1416 O  O     . HOH K 5 .   ? -1.852  -3.412  8.729   1.00 28.79 ? 308  HOH A O     1 
HETATM 1417 O  O     . HOH K 5 .   ? -3.043  1.335   14.130  1.00 32.66 ? 309  HOH A O     1 
HETATM 1418 O  O     . HOH K 5 .   ? 2.721   11.912  4.464   1.00 34.14 ? 310  HOH A O     1 
HETATM 1419 O  O     . HOH K 5 .   ? -15.303 7.261   8.765   1.00 34.26 ? 311  HOH A O     1 
HETATM 1420 O  O     . HOH K 5 .   ? -4.093  -11.642 7.480   1.00 38.75 ? 312  HOH A O     1 
HETATM 1421 O  O     . HOH K 5 .   ? -8.957  -8.649  9.708   1.00 37.69 ? 313  HOH A O     1 
HETATM 1422 O  O     . HOH K 5 .   ? -4.861  -7.470  -7.387  1.00 34.33 ? 314  HOH A O     1 
HETATM 1423 O  O     . HOH K 5 .   ? 9.676   -15.926 6.962   1.00 42.23 ? 315  HOH A O     1 
HETATM 1424 O  O     . HOH K 5 .   ? -1.577  -16.760 9.420   1.00 38.22 ? 316  HOH A O     1 
HETATM 1425 O  O     . HOH K 5 .   ? 3.655   -12.637 -4.167  1.00 35.82 ? 317  HOH A O     1 
HETATM 1426 O  O     . HOH K 5 .   ? 4.232   6.631   12.295  1.00 33.05 ? 318  HOH A O     1 
HETATM 1427 O  O     . HOH K 5 .   ? 2.299   12.023  7.236   1.00 35.06 ? 319  HOH A O     1 
HETATM 1428 O  O     . HOH K 5 .   ? 0.417   13.890  9.802   1.00 38.34 ? 320  HOH A O     1 
HETATM 1429 O  O     . HOH K 5 .   ? -1.544  13.945  7.603   1.00 43.56 ? 321  HOH A O     1 
HETATM 1430 O  O     . HOH K 5 .   ? 6.907   14.829  -15.461 1.00 37.25 ? 322  HOH A O     1 
HETATM 1431 O  O     . HOH K 5 .   ? -12.032 9.300   13.266  1.00 38.77 ? 323  HOH A O     1 
HETATM 1432 O  O     . HOH K 5 .   ? -6.610  14.601  12.522  1.00 37.94 ? 324  HOH A O     1 
HETATM 1433 O  O     . HOH K 5 .   ? -8.841  14.485  14.157  1.00 32.44 ? 325  HOH A O     1 
HETATM 1434 O  O     . HOH K 5 .   ? -16.393 8.676   4.750   1.00 39.05 ? 326  HOH A O     1 
HETATM 1435 O  O     . HOH K 5 .   ? -15.444 11.374  7.602   1.00 40.06 ? 327  HOH A O     1 
HETATM 1436 O  O     . HOH K 5 .   ? -13.764 0.047   9.819   1.00 38.46 ? 328  HOH A O     1 
HETATM 1437 O  O     . HOH K 5 .   ? -13.275 -3.077  8.419   1.00 41.62 ? 329  HOH A O     1 
HETATM 1438 O  O     . HOH K 5 .   ? -10.679 -8.890  -3.741  1.00 39.20 ? 330  HOH A O     1 
HETATM 1439 O  O     . HOH K 5 .   ? -1.862  -17.141 6.437   1.00 41.79 ? 331  HOH A O     1 
HETATM 1440 O  O     . HOH K 5 .   ? 13.108  -0.041  -4.516  1.00 44.95 ? 332  HOH A O     1 
HETATM 1441 O  O     . HOH K 5 .   ? 6.771   -5.065  -10.259 1.00 45.14 ? 333  HOH A O     1 
HETATM 1442 O  O     . HOH K 5 .   ? 10.641  0.250   12.674  1.00 37.63 ? 334  HOH A O     1 
HETATM 1443 O  O     . HOH K 5 .   ? 6.940   -1.700  13.240  1.00 55.12 ? 335  HOH A O     1 
HETATM 1444 O  O     . HOH K 5 .   ? -0.957  -2.883  14.429  1.00 37.54 ? 336  HOH A O     1 
HETATM 1445 O  O     . HOH K 5 .   ? 2.995   13.946  -15.528 1.00 45.26 ? 337  HOH A O     1 
# 
loop_
_pdbx_poly_seq_scheme.asym_id 
_pdbx_poly_seq_scheme.entity_id 
_pdbx_poly_seq_scheme.seq_id 
_pdbx_poly_seq_scheme.mon_id 
_pdbx_poly_seq_scheme.ndb_seq_num 
_pdbx_poly_seq_scheme.pdb_seq_num 
_pdbx_poly_seq_scheme.auth_seq_num 
_pdbx_poly_seq_scheme.pdb_mon_id 
_pdbx_poly_seq_scheme.auth_mon_id 
_pdbx_poly_seq_scheme.pdb_strand_id 
_pdbx_poly_seq_scheme.pdb_ins_code 
_pdbx_poly_seq_scheme.hetero 
A 1 1   GLY 1   1   ?   ?   ?   A . n 
A 1 2   SER 2   2   ?   ?   ?   A . n 
A 1 3   GLY 3   3   3   GLY GLY A . n 
A 1 4   LYS 4   4   4   LYS LYS A . n 
A 1 5   SER 5   5   5   SER SER A . n 
A 1 6   LEU 6   6   6   LEU LEU A . n 
A 1 7   LEU 7   7   7   LEU LEU A . n 
A 1 8   LEU 8   8   8   LEU LEU A . n 
A 1 9   LYS 9   9   9   LYS LYS A . n 
A 1 10  VAL 10  10  10  VAL VAL A . n 
A 1 11  ILE 11  11  11  ILE ILE A . n 
A 1 12  LEU 12  12  12  LEU LEU A . n 
A 1 13  LEU 13  13  13  LEU LEU A . n 
A 1 14  GLY 14  14  14  GLY GLY A . n 
A 1 15  ASP 15  15  15  ASP ASP A . n 
A 1 16  GLY 16  16  16  GLY GLY A . n 
A 1 17  GLY 17  17  17  GLY GLY A . n 
A 1 18  VAL 18  18  18  VAL VAL A . n 
A 1 19  GLY 19  19  19  GLY GLY A . n 
A 1 20  LYS 20  20  20  LYS LYS A . n 
A 1 21  SER 21  21  21  SER SER A . n 
A 1 22  SER 22  22  22  SER SER A . n 
A 1 23  LEU 23  23  23  LEU LEU A . n 
A 1 24  MET 24  24  24  MET MET A . n 
A 1 25  ASN 25  25  25  ASN ASN A . n 
A 1 26  ARG 26  26  26  ARG ARG A . n 
A 1 27  TYR 27  27  27  TYR TYR A . n 
A 1 28  VAL 28  28  28  VAL VAL A . n 
A 1 29  THR 29  29  29  THR THR A . n 
A 1 30  ASN 30  30  30  ASN ASN A . n 
A 1 31  LYS 31  31  31  LYS LYS A . n 
A 1 32  PHE 32  32  32  PHE PHE A . n 
A 1 33  ASP 33  33  33  ASP ASP A . n 
A 1 34  SER 34  34  34  SER SER A . n 
A 1 35  GLN 35  35  35  GLN GLN A . n 
A 1 36  ALA 36  36  36  ALA ALA A . n 
A 1 37  PHE 37  37  37  PHE PHE A . n 
A 1 38  HIS 38  38  38  HIS HIS A . n 
A 1 39  THR 39  39  39  THR THR A . n 
A 1 40  ILE 40  40  40  ILE ILE A . n 
A 1 41  GLY 41  41  41  GLY GLY A . n 
A 1 42  VAL 42  42  42  VAL VAL A . n 
A 1 43  GLU 43  43  43  GLU GLU A . n 
A 1 44  PHE 44  44  44  PHE PHE A . n 
A 1 45  LEU 45  45  45  LEU LEU A . n 
A 1 46  ASN 46  46  46  ASN ASN A . n 
A 1 47  ARG 47  47  47  ARG ARG A . n 
A 1 48  ASP 48  48  48  ASP ASP A . n 
A 1 49  LEU 49  49  49  LEU LEU A . n 
A 1 50  GLU 50  50  50  GLU GLU A . n 
A 1 51  VAL 51  51  51  VAL VAL A . n 
A 1 52  ASP 52  52  52  ASP ASP A . n 
A 1 53  GLY 53  53  53  GLY GLY A . n 
A 1 54  ARG 54  54  54  ARG ARG A . n 
A 1 55  PHE 55  55  55  PHE PHE A . n 
A 1 56  VAL 56  56  56  VAL VAL A . n 
A 1 57  THR 57  57  57  THR THR A . n 
A 1 58  LEU 58  58  58  LEU LEU A . n 
A 1 59  GLN 59  59  59  GLN GLN A . n 
A 1 60  ILE 60  60  60  ILE ILE A . n 
A 1 61  TRP 61  61  61  TRP TRP A . n 
A 1 62  ASP 62  62  62  ASP ASP A . n 
A 1 63  THR 63  63  63  THR THR A . n 
A 1 64  ALA 64  64  64  ALA ALA A . n 
A 1 65  GLY 65  65  65  GLY GLY A . n 
A 1 66  GLN 66  66  66  GLN GLN A . n 
A 1 67  GLU 67  67  67  GLU GLU A . n 
A 1 68  ARG 68  68  68  ARG ARG A . n 
A 1 69  PHE 69  69  69  PHE PHE A . n 
A 1 70  LYS 70  70  70  LYS LYS A . n 
A 1 71  SER 71  71  71  SER SER A . n 
A 1 72  LEU 72  72  72  LEU LEU A . n 
A 1 73  ARG 73  73  73  ARG ARG A . n 
A 1 74  THR 74  74  74  THR THR A . n 
A 1 75  PRO 75  75  75  PRO PRO A . n 
A 1 76  PHE 76  76  76  PHE PHE A . n 
A 1 77  TYR 77  77  77  TYR TYR A . n 
A 1 78  ARG 78  78  78  ARG ARG A . n 
A 1 79  GLY 79  79  79  GLY GLY A . n 
A 1 80  ALA 80  80  80  ALA ALA A . n 
A 1 81  ASP 81  81  81  ASP ASP A . n 
A 1 82  CYS 82  82  82  CYS CYS A . n 
A 1 83  CYS 83  83  83  CYS CYS A . n 
A 1 84  LEU 84  84  84  LEU LEU A . n 
A 1 85  LEU 85  85  85  LEU LEU A . n 
A 1 86  THR 86  86  86  THR THR A . n 
A 1 87  PHE 87  87  87  PHE PHE A . n 
A 1 88  SER 88  88  88  SER SER A . n 
A 1 89  VAL 89  89  89  VAL VAL A . n 
A 1 90  ASP 90  90  90  ASP ASP A . n 
A 1 91  ASP 91  91  91  ASP ASP A . n 
A 1 92  ARG 92  92  92  ARG ARG A . n 
A 1 93  GLN 93  93  93  GLN GLN A . n 
A 1 94  SER 94  94  94  SER SER A . n 
A 1 95  PHE 95  95  95  PHE PHE A . n 
A 1 96  GLU 96  96  96  GLU GLU A . n 
A 1 97  ASN 97  97  97  ASN ASN A . n 
A 1 98  LEU 98  98  98  LEU LEU A . n 
A 1 99  GLY 99  99  99  GLY GLY A . n 
A 1 100 ASN 100 100 100 ASN ASN A . n 
A 1 101 TRP 101 101 101 TRP TRP A . n 
A 1 102 GLN 102 102 102 GLN GLN A . n 
A 1 103 LYS 103 103 103 LYS LYS A . n 
A 1 104 GLU 104 104 104 GLU GLU A . n 
A 1 105 PHE 105 105 105 PHE PHE A . n 
A 1 106 ILE 106 106 106 ILE ILE A . n 
A 1 107 TYR 107 107 107 TYR TYR A . n 
A 1 108 TYR 108 108 108 TYR TYR A . n 
A 1 109 ALA 109 109 109 ALA ALA A . n 
A 1 110 ASP 110 110 110 ASP ASP A . n 
A 1 111 VAL 111 111 111 VAL VAL A . n 
A 1 112 LYS 112 112 112 LYS LYS A . n 
A 1 113 ASP 113 113 113 ASP ASP A . n 
A 1 114 PRO 114 114 114 PRO PRO A . n 
A 1 115 GLU 115 115 115 GLU GLU A . n 
A 1 116 HIS 116 116 116 HIS HIS A . n 
A 1 117 PHE 117 117 117 PHE PHE A . n 
A 1 118 PRO 118 118 118 PRO PRO A . n 
A 1 119 PHE 119 119 119 PHE PHE A . n 
A 1 120 VAL 120 120 120 VAL VAL A . n 
A 1 121 VAL 121 121 121 VAL VAL A . n 
A 1 122 LEU 122 122 122 LEU LEU A . n 
A 1 123 GLY 123 123 123 GLY GLY A . n 
A 1 124 ASN 124 124 124 ASN ASN A . n 
A 1 125 LYS 125 125 125 LYS LYS A . n 
A 1 126 VAL 126 126 126 VAL VAL A . n 
A 1 127 ASP 127 127 127 ASP ASP A . n 
A 1 128 LYS 128 128 128 LYS LYS A . n 
A 1 129 GLU 129 129 129 GLU GLU A . n 
A 1 130 ASP 130 130 130 ASP ASP A . n 
A 1 131 ARG 131 131 131 ARG ARG A . n 
A 1 132 GLN 132 132 132 GLN GLN A . n 
A 1 133 VAL 133 133 133 VAL VAL A . n 
A 1 134 THR 134 134 134 THR THR A . n 
A 1 135 THR 135 135 135 THR THR A . n 
A 1 136 GLU 136 136 136 GLU GLU A . n 
A 1 137 GLU 137 137 137 GLU GLU A . n 
A 1 138 ALA 138 138 138 ALA ALA A . n 
A 1 139 GLN 139 139 139 GLN GLN A . n 
A 1 140 THR 140 140 140 THR THR A . n 
A 1 141 TRP 141 141 141 TRP TRP A . n 
A 1 142 CYS 142 142 142 CYS CYS A . n 
A 1 143 MET 143 143 143 MET MET A . n 
A 1 144 GLU 144 144 144 GLU GLU A . n 
A 1 145 ASN 145 145 145 ASN ASN A . n 
A 1 146 GLY 146 146 146 GLY GLY A . n 
A 1 147 ASP 147 147 147 ASP ASP A . n 
A 1 148 TYR 148 148 148 TYR TYR A . n 
A 1 149 PRO 149 149 149 PRO PRO A . n 
A 1 150 TYR 150 150 150 TYR TYR A . n 
A 1 151 LEU 151 151 151 LEU LEU A . n 
A 1 152 GLU 152 152 152 GLU GLU A . n 
A 1 153 THR 153 153 153 THR THR A . n 
A 1 154 SER 154 154 154 SER SER A . n 
A 1 155 ALA 155 155 155 ALA ALA A . n 
A 1 156 LYS 156 156 156 LYS LYS A . n 
A 1 157 ASP 157 157 157 ASP ASP A . n 
A 1 158 ASP 158 158 158 ASP ASP A . n 
A 1 159 THR 159 159 159 THR THR A . n 
A 1 160 ASN 160 160 160 ASN ASN A . n 
A 1 161 VAL 161 161 161 VAL VAL A . n 
A 1 162 THR 162 162 162 THR THR A . n 
A 1 163 VAL 163 163 163 VAL VAL A . n 
A 1 164 ALA 164 164 164 ALA ALA A . n 
A 1 165 PHE 165 165 165 PHE PHE A . n 
A 1 166 GLU 166 166 166 GLU GLU A . n 
A 1 167 GLU 167 167 167 GLU GLU A . n 
A 1 168 ALA 168 168 168 ALA ALA A . n 
A 1 169 VAL 169 169 169 VAL VAL A . n 
A 1 170 ARG 170 170 170 ARG ARG A . n 
A 1 171 GLN 171 171 171 GLN GLN A . n 
A 1 172 VAL 172 172 172 VAL VAL A . n 
A 1 173 LEU 173 173 173 LEU LEU A . n 
A 1 174 ALA 174 174 174 ALA ALA A . n 
A 1 175 VAL 175 175 175 VAL VAL A . n 
A 1 176 GLU 176 176 ?   ?   ?   A . n 
A 1 177 GLU 177 177 ?   ?   ?   A . n 
A 1 178 GLN 178 178 ?   ?   ?   A . n 
A 1 179 LEU 179 179 ?   ?   ?   A . n 
A 1 180 GLU 180 180 ?   ?   ?   A . n 
# 
_pdbx_SG_project.id                    1 
_pdbx_SG_project.project_name          ? 
_pdbx_SG_project.full_name_of_center   'Structural Genomics Consortium' 
_pdbx_SG_project.initial_of_center     SGC 
# 
loop_
_pdbx_nonpoly_scheme.asym_id 
_pdbx_nonpoly_scheme.entity_id 
_pdbx_nonpoly_scheme.mon_id 
_pdbx_nonpoly_scheme.ndb_seq_num 
_pdbx_nonpoly_scheme.pdb_seq_num 
_pdbx_nonpoly_scheme.auth_seq_num 
_pdbx_nonpoly_scheme.pdb_mon_id 
_pdbx_nonpoly_scheme.auth_mon_id 
_pdbx_nonpoly_scheme.pdb_strand_id 
_pdbx_nonpoly_scheme.pdb_ins_code 
B 2 MG  1  202  202  MG  MG  A . 
C 3 GNP 1  201  201  GNP GNP A . 
D 4 UNX 1  1001 1001 UNX UNX A . 
E 4 UNX 1  1002 1002 UNX UNX A . 
F 4 UNX 1  1003 1003 UNX UNX A . 
G 4 UNX 1  1004 1004 UNX UNX A . 
H 4 UNX 1  1005 1005 UNX UNX A . 
I 4 UNX 1  1006 1006 UNX UNX A . 
J 4 UNX 1  1007 1007 UNX UNX A . 
K 5 HOH 1  301  301  HOH HOH A . 
K 5 HOH 2  302  302  HOH HOH A . 
K 5 HOH 3  303  303  HOH HOH A . 
K 5 HOH 4  304  304  HOH HOH A . 
K 5 HOH 5  305  305  HOH HOH A . 
K 5 HOH 6  306  306  HOH HOH A . 
K 5 HOH 7  307  307  HOH HOH A . 
K 5 HOH 8  308  308  HOH HOH A . 
K 5 HOH 9  309  309  HOH HOH A . 
K 5 HOH 10 310  310  HOH HOH A . 
K 5 HOH 11 311  311  HOH HOH A . 
K 5 HOH 12 312  312  HOH HOH A . 
K 5 HOH 13 313  313  HOH HOH A . 
K 5 HOH 14 314  314  HOH HOH A . 
K 5 HOH 15 315  315  HOH HOH A . 
K 5 HOH 16 316  316  HOH HOH A . 
K 5 HOH 17 317  317  HOH HOH A . 
K 5 HOH 18 318  318  HOH HOH A . 
K 5 HOH 19 319  319  HOH HOH A . 
K 5 HOH 20 320  320  HOH HOH A . 
K 5 HOH 21 321  321  HOH HOH A . 
K 5 HOH 22 322  322  HOH HOH A . 
K 5 HOH 23 323  323  HOH HOH A . 
K 5 HOH 24 324  324  HOH HOH A . 
K 5 HOH 25 325  325  HOH HOH A . 
K 5 HOH 26 326  326  HOH HOH A . 
K 5 HOH 27 327  327  HOH HOH A . 
K 5 HOH 28 328  328  HOH HOH A . 
K 5 HOH 29 329  329  HOH HOH A . 
K 5 HOH 30 330  330  HOH HOH A . 
K 5 HOH 31 331  331  HOH HOH A . 
K 5 HOH 32 332  332  HOH HOH A . 
K 5 HOH 33 333  333  HOH HOH A . 
K 5 HOH 34 334  334  HOH HOH A . 
K 5 HOH 35 335  335  HOH HOH A . 
K 5 HOH 36 336  336  HOH HOH A . 
K 5 HOH 37 337  337  HOH HOH A . 
# 
_pdbx_struct_assembly.id                   1 
_pdbx_struct_assembly.details              author_defined_assembly 
_pdbx_struct_assembly.method_details       ? 
_pdbx_struct_assembly.oligomeric_details   monomeric 
_pdbx_struct_assembly.oligomeric_count     1 
# 
_pdbx_struct_assembly_gen.assembly_id       1 
_pdbx_struct_assembly_gen.oper_expression   1 
_pdbx_struct_assembly_gen.asym_id_list      A,B,C,D,E,F,G,H,I,J,K 
# 
_pdbx_struct_oper_list.id                   1 
_pdbx_struct_oper_list.type                 'identity operation' 
_pdbx_struct_oper_list.name                 1_555 
_pdbx_struct_oper_list.symmetry_operation   x,y,z 
_pdbx_struct_oper_list.matrix[1][1]         1.0000000000 
_pdbx_struct_oper_list.matrix[1][2]         0.0000000000 
_pdbx_struct_oper_list.matrix[1][3]         0.0000000000 
_pdbx_struct_oper_list.vector[1]            0.0000000000 
_pdbx_struct_oper_list.matrix[2][1]         0.0000000000 
_pdbx_struct_oper_list.matrix[2][2]         1.0000000000 
_pdbx_struct_oper_list.matrix[2][3]         0.0000000000 
_pdbx_struct_oper_list.vector[2]            0.0000000000 
_pdbx_struct_oper_list.matrix[3][1]         0.0000000000 
_pdbx_struct_oper_list.matrix[3][2]         0.0000000000 
_pdbx_struct_oper_list.matrix[3][3]         1.0000000000 
_pdbx_struct_oper_list.vector[3]            0.0000000000 
# 
loop_
_pdbx_struct_conn_angle.id 
_pdbx_struct_conn_angle.ptnr1_label_atom_id 
_pdbx_struct_conn_angle.ptnr1_label_alt_id 
_pdbx_struct_conn_angle.ptnr1_label_asym_id 
_pdbx_struct_conn_angle.ptnr1_label_comp_id 
_pdbx_struct_conn_angle.ptnr1_label_seq_id 
_pdbx_struct_conn_angle.ptnr1_auth_atom_id 
_pdbx_struct_conn_angle.ptnr1_auth_asym_id 
_pdbx_struct_conn_angle.ptnr1_auth_comp_id 
_pdbx_struct_conn_angle.ptnr1_auth_seq_id 
_pdbx_struct_conn_angle.ptnr1_PDB_ins_code 
_pdbx_struct_conn_angle.ptnr1_symmetry 
_pdbx_struct_conn_angle.ptnr2_label_atom_id 
_pdbx_struct_conn_angle.ptnr2_label_alt_id 
_pdbx_struct_conn_angle.ptnr2_label_asym_id 
_pdbx_struct_conn_angle.ptnr2_label_comp_id 
_pdbx_struct_conn_angle.ptnr2_label_seq_id 
_pdbx_struct_conn_angle.ptnr2_auth_atom_id 
_pdbx_struct_conn_angle.ptnr2_auth_asym_id 
_pdbx_struct_conn_angle.ptnr2_auth_comp_id 
_pdbx_struct_conn_angle.ptnr2_auth_seq_id 
_pdbx_struct_conn_angle.ptnr2_PDB_ins_code 
_pdbx_struct_conn_angle.ptnr2_symmetry 
_pdbx_struct_conn_angle.ptnr3_label_atom_id 
_pdbx_struct_conn_angle.ptnr3_label_alt_id 
_pdbx_struct_conn_angle.ptnr3_label_asym_id 
_pdbx_struct_conn_angle.ptnr3_label_comp_id 
_pdbx_struct_conn_angle.ptnr3_label_seq_id 
_pdbx_struct_conn_angle.ptnr3_auth_atom_id 
_pdbx_struct_conn_angle.ptnr3_auth_asym_id 
_pdbx_struct_conn_angle.ptnr3_auth_comp_id 
_pdbx_struct_conn_angle.ptnr3_auth_seq_id 
_pdbx_struct_conn_angle.ptnr3_PDB_ins_code 
_pdbx_struct_conn_angle.ptnr3_symmetry 
_pdbx_struct_conn_angle.value 
_pdbx_struct_conn_angle.value_esd 
1  OG  ? A SER 21 ? A SER 21  ? 1_555 MG ? B MG . ? A MG 202 ? 1_555 OG1 ? A THR 39 ? A THR 39  ? 1_555 89.8  ? 
2  OG  ? A SER 21 ? A SER 21  ? 1_555 MG ? B MG . ? A MG 202 ? 1_555 O2G ? C GNP .  ? A GNP 201 ? 1_555 170.0 ? 
3  OG1 ? A THR 39 ? A THR 39  ? 1_555 MG ? B MG . ? A MG 202 ? 1_555 O2G ? C GNP .  ? A GNP 201 ? 1_555 85.5  ? 
4  OG  ? A SER 21 ? A SER 21  ? 1_555 MG ? B MG . ? A MG 202 ? 1_555 O2B ? C GNP .  ? A GNP 201 ? 1_555 87.0  ? 
5  OG1 ? A THR 39 ? A THR 39  ? 1_555 MG ? B MG . ? A MG 202 ? 1_555 O2B ? C GNP .  ? A GNP 201 ? 1_555 173.5 ? 
6  O2G ? C GNP .  ? A GNP 201 ? 1_555 MG ? B MG . ? A MG 202 ? 1_555 O2B ? C GNP .  ? A GNP 201 ? 1_555 96.7  ? 
7  OG  ? A SER 21 ? A SER 21  ? 1_555 MG ? B MG . ? A MG 202 ? 1_555 O   ? K HOH .  ? A HOH 302 ? 1_555 77.5  ? 
8  OG1 ? A THR 39 ? A THR 39  ? 1_555 MG ? B MG . ? A MG 202 ? 1_555 O   ? K HOH .  ? A HOH 302 ? 1_555 85.5  ? 
9  O2G ? C GNP .  ? A GNP 201 ? 1_555 MG ? B MG . ? A MG 202 ? 1_555 O   ? K HOH .  ? A HOH 302 ? 1_555 93.3  ? 
10 O2B ? C GNP .  ? A GNP 201 ? 1_555 MG ? B MG . ? A MG 202 ? 1_555 O   ? K HOH .  ? A HOH 302 ? 1_555 88.3  ? 
11 OG  ? A SER 21 ? A SER 21  ? 1_555 MG ? B MG . ? A MG 202 ? 1_555 O   ? K HOH .  ? A HOH 303 ? 1_555 90.2  ? 
12 OG1 ? A THR 39 ? A THR 39  ? 1_555 MG ? B MG . ? A MG 202 ? 1_555 O   ? K HOH .  ? A HOH 303 ? 1_555 88.1  ? 
13 O2G ? C GNP .  ? A GNP 201 ? 1_555 MG ? B MG . ? A MG 202 ? 1_555 O   ? K HOH .  ? A HOH 303 ? 1_555 98.5  ? 
14 O2B ? C GNP .  ? A GNP 201 ? 1_555 MG ? B MG . ? A MG 202 ? 1_555 O   ? K HOH .  ? A HOH 303 ? 1_555 97.6  ? 
15 O   ? K HOH .  ? A HOH 302 ? 1_555 MG ? B MG . ? A MG 202 ? 1_555 O   ? K HOH .  ? A HOH 303 ? 1_555 166.1 ? 
# 
loop_
_pdbx_audit_revision_history.ordinal 
_pdbx_audit_revision_history.data_content_type 
_pdbx_audit_revision_history.major_revision 
_pdbx_audit_revision_history.minor_revision 
_pdbx_audit_revision_history.revision_date 
1 'Structure model' 1 0 2007-01-02 
2 'Structure model' 1 1 2008-05-01 
3 'Structure model' 1 2 2011-07-13 
4 'Structure model' 1 3 2017-10-18 
5 'Structure model' 1 4 2023-08-30 
# 
_pdbx_audit_revision_details.ordinal             1 
_pdbx_audit_revision_details.revision_ordinal    1 
_pdbx_audit_revision_details.data_content_type   'Structure model' 
_pdbx_audit_revision_details.provider            repository 
_pdbx_audit_revision_details.type                'Initial release' 
_pdbx_audit_revision_details.description         ? 
_pdbx_audit_revision_details.details             ? 
# 
loop_
_pdbx_audit_revision_group.ordinal 
_pdbx_audit_revision_group.revision_ordinal 
_pdbx_audit_revision_group.data_content_type 
_pdbx_audit_revision_group.group 
1 2 'Structure model' 'Version format compliance' 
2 3 'Structure model' 'Version format compliance' 
3 4 'Structure model' 'Refinement description'    
4 5 'Structure model' 'Data collection'           
5 5 'Structure model' 'Database references'       
6 5 'Structure model' 'Derived calculations'      
7 5 'Structure model' 'Refinement description'    
# 
loop_
_pdbx_audit_revision_category.ordinal 
_pdbx_audit_revision_category.revision_ordinal 
_pdbx_audit_revision_category.data_content_type 
_pdbx_audit_revision_category.category 
1 4 'Structure model' software                      
2 5 'Structure model' chem_comp_atom                
3 5 'Structure model' chem_comp_bond                
4 5 'Structure model' database_2                    
5 5 'Structure model' pdbx_initial_refinement_model 
6 5 'Structure model' pdbx_struct_conn_angle        
7 5 'Structure model' struct_conn                   
8 5 'Structure model' struct_ref_seq_dif            
9 5 'Structure model' struct_site                   
# 
loop_
_pdbx_audit_revision_item.ordinal 
_pdbx_audit_revision_item.revision_ordinal 
_pdbx_audit_revision_item.data_content_type 
_pdbx_audit_revision_item.item 
1  4 'Structure model' '_software.classification'                  
2  4 'Structure model' '_software.contact_author'                  
3  4 'Structure model' '_software.contact_author_email'            
4  4 'Structure model' '_software.date'                            
5  4 'Structure model' '_software.language'                        
6  4 'Structure model' '_software.location'                        
7  4 'Structure model' '_software.name'                            
8  4 'Structure model' '_software.type'                            
9  4 'Structure model' '_software.version'                         
10 5 'Structure model' '_database_2.pdbx_DOI'                      
11 5 'Structure model' '_database_2.pdbx_database_accession'       
12 5 'Structure model' '_pdbx_struct_conn_angle.ptnr1_auth_seq_id' 
13 5 'Structure model' '_pdbx_struct_conn_angle.ptnr3_auth_seq_id' 
14 5 'Structure model' '_pdbx_struct_conn_angle.value'             
15 5 'Structure model' '_struct_conn.pdbx_dist_value'              
16 5 'Structure model' '_struct_conn.ptnr1_auth_comp_id'           
17 5 'Structure model' '_struct_conn.ptnr1_auth_seq_id'            
18 5 'Structure model' '_struct_conn.ptnr1_label_asym_id'          
19 5 'Structure model' '_struct_conn.ptnr1_label_atom_id'          
20 5 'Structure model' '_struct_conn.ptnr1_label_comp_id'          
21 5 'Structure model' '_struct_conn.ptnr1_label_seq_id'           
22 5 'Structure model' '_struct_conn.ptnr2_auth_comp_id'           
23 5 'Structure model' '_struct_conn.ptnr2_auth_seq_id'            
24 5 'Structure model' '_struct_conn.ptnr2_label_asym_id'          
25 5 'Structure model' '_struct_conn.ptnr2_label_atom_id'          
26 5 'Structure model' '_struct_conn.ptnr2_label_comp_id'          
27 5 'Structure model' '_struct_conn.ptnr2_label_seq_id'           
28 5 'Structure model' '_struct_ref_seq_dif.details'               
29 5 'Structure model' '_struct_site.pdbx_auth_asym_id'            
30 5 'Structure model' '_struct_site.pdbx_auth_comp_id'            
31 5 'Structure model' '_struct_site.pdbx_auth_seq_id'             
# 
_pdbx_phasing_MR.entry_id                     2OCB 
_pdbx_phasing_MR.method_rotation              ? 
_pdbx_phasing_MR.method_translation           ? 
_pdbx_phasing_MR.model_details                ? 
_pdbx_phasing_MR.R_factor                     ? 
_pdbx_phasing_MR.R_rigid_body                 ? 
_pdbx_phasing_MR.correlation_coeff_Fo_to_Fc   ? 
_pdbx_phasing_MR.correlation_coeff_Io_to_Ic   ? 
_pdbx_phasing_MR.d_res_high_rotation          3.200 
_pdbx_phasing_MR.d_res_low_rotation           29.770 
_pdbx_phasing_MR.d_res_high_translation       3.200 
_pdbx_phasing_MR.d_res_low_translation        29.770 
_pdbx_phasing_MR.packing                      ? 
_pdbx_phasing_MR.reflns_percent_rotation      ? 
_pdbx_phasing_MR.reflns_percent_translation   ? 
_pdbx_phasing_MR.sigma_F_rotation             ? 
_pdbx_phasing_MR.sigma_F_translation          ? 
_pdbx_phasing_MR.sigma_I_rotation             ? 
_pdbx_phasing_MR.sigma_I_translation          ? 
# 
_phasing.method   mr 
# 
loop_
_software.name 
_software.version 
_software.date 
_software.type 
_software.contact_author 
_software.contact_author_email 
_software.classification 
_software.location 
_software.language 
_software.citation_id 
_software.pdbx_ordinal 
DENZO       .               ?              package 'Zbyszek Otwinowski' zbyszek@mix.swmed.edu       'data reduction'  
http://www.lnls.br/infra/linhasluz/denzo-hkl.htm ?       ? 1 
SCALEPACK   .               ?              package 'Zbyszek Otwinowski' zbyszek@mix.swmed.edu       'data scaling'    
http://www.lnls.br/infra/linhasluz/denzo-hkl.htm ?       ? 2 
PHASER      .               ?              program 'R. J. Read'         cimr-phaser@lists.cam.ac.uk phasing           
http://www-structmed.cimr.cam.ac.uk/phaser/      ?       ? 3 
REFMAC      refmac_5.2.0019 24/04/2001     program 'Murshudov, G.N.'    ccp4@dl.ac.uk               refinement        
http://www.ccp4.ac.uk/main.html                  Fortran ? 4 
PDB_EXTRACT 1.701           'Nov. 1, 2005' package PDB                  sw-help@rcsb.rutgers.edu    'data extraction' 
http://pdb.rutgers.edu/software/                 C++     ? 5 
ARP/wARP    .               ?              ?       ?                    ?                           'model building'  ? ?       ? 
6 
Coot        .               ?              ?       ?                    ?                           'model building'  ? ?       ? 
7 
MolProbity  .               ?              ?       ?                    ?                           'model building'  ? ?       ? 
8 
# 
_pdbx_database_remark.id     300 
_pdbx_database_remark.text   
;BIOMOLECULE: 1
THIS ENTRY CONTAINS THE CRYSTALLOGRAPHIC ASYMMETRIC UNIT 
WHICH CONSISTS OF 1 CHAIN(S). THE BIOLOGICAL UNIT OF THE 
PROTEIN IS NOT KNOWN
;
# 
loop_
_pdbx_validate_torsion.id 
_pdbx_validate_torsion.PDB_model_num 
_pdbx_validate_torsion.auth_comp_id 
_pdbx_validate_torsion.auth_asym_id 
_pdbx_validate_torsion.auth_seq_id 
_pdbx_validate_torsion.PDB_ins_code 
_pdbx_validate_torsion.label_alt_id 
_pdbx_validate_torsion.phi 
_pdbx_validate_torsion.psi 
1 1 GLN A 35  ? ? -113.94 63.47 
2 1 ASP A 113 ? ? -118.08 72.74 
3 1 LYS A 125 ? ? 74.51   41.61 
4 1 ASN A 160 ? ? 58.02   16.44 
# 
loop_
_pdbx_unobs_or_zero_occ_atoms.id 
_pdbx_unobs_or_zero_occ_atoms.PDB_model_num 
_pdbx_unobs_or_zero_occ_atoms.polymer_flag 
_pdbx_unobs_or_zero_occ_atoms.occupancy_flag 
_pdbx_unobs_or_zero_occ_atoms.auth_asym_id 
_pdbx_unobs_or_zero_occ_atoms.auth_comp_id 
_pdbx_unobs_or_zero_occ_atoms.auth_seq_id 
_pdbx_unobs_or_zero_occ_atoms.PDB_ins_code 
_pdbx_unobs_or_zero_occ_atoms.auth_atom_id 
_pdbx_unobs_or_zero_occ_atoms.label_alt_id 
_pdbx_unobs_or_zero_occ_atoms.label_asym_id 
_pdbx_unobs_or_zero_occ_atoms.label_comp_id 
_pdbx_unobs_or_zero_occ_atoms.label_seq_id 
_pdbx_unobs_or_zero_occ_atoms.label_atom_id 
1  1 Y 1 A LYS 4   ? CG  ? A LYS 4   CG  
2  1 Y 1 A LYS 4   ? CD  ? A LYS 4   CD  
3  1 Y 1 A LYS 4   ? CE  ? A LYS 4   CE  
4  1 Y 1 A LYS 4   ? NZ  ? A LYS 4   NZ  
5  1 Y 1 A LYS 31  ? CE  ? A LYS 31  CE  
6  1 Y 1 A LYS 31  ? NZ  ? A LYS 31  NZ  
7  1 Y 1 A GLN 35  ? CG  ? A GLN 35  CG  
8  1 Y 1 A GLN 35  ? CD  ? A GLN 35  CD  
9  1 Y 1 A GLN 35  ? OE1 ? A GLN 35  OE1 
10 1 Y 1 A GLN 35  ? NE2 ? A GLN 35  NE2 
11 1 Y 1 A ARG 68  ? NE  ? A ARG 68  NE  
12 1 Y 1 A ARG 68  ? CZ  ? A ARG 68  CZ  
13 1 Y 1 A ARG 68  ? NH1 ? A ARG 68  NH1 
14 1 Y 1 A ARG 68  ? NH2 ? A ARG 68  NH2 
15 1 Y 1 A ARG 78  ? CG  ? A ARG 78  CG  
16 1 Y 1 A ARG 78  ? CD  ? A ARG 78  CD  
17 1 Y 1 A ARG 78  ? NE  ? A ARG 78  NE  
18 1 Y 1 A ARG 78  ? CZ  ? A ARG 78  CZ  
19 1 Y 1 A ARG 78  ? NH1 ? A ARG 78  NH1 
20 1 Y 1 A ARG 78  ? NH2 ? A ARG 78  NH2 
21 1 Y 1 A GLN 93  ? OE1 ? A GLN 93  OE1 
22 1 Y 1 A GLN 93  ? NE2 ? A GLN 93  NE2 
23 1 Y 1 A LYS 103 ? CE  ? A LYS 103 CE  
24 1 Y 1 A LYS 103 ? NZ  ? A LYS 103 NZ  
25 1 Y 1 A LYS 112 ? CG  ? A LYS 112 CG  
26 1 Y 1 A LYS 112 ? CD  ? A LYS 112 CD  
27 1 Y 1 A LYS 112 ? CE  ? A LYS 112 CE  
28 1 Y 1 A LYS 112 ? NZ  ? A LYS 112 NZ  
29 1 Y 1 A GLU 115 ? CG  ? A GLU 115 CG  
30 1 Y 1 A GLU 115 ? CD  ? A GLU 115 CD  
31 1 Y 1 A GLU 115 ? OE1 ? A GLU 115 OE1 
32 1 Y 1 A GLU 115 ? OE2 ? A GLU 115 OE2 
33 1 Y 1 A GLU 129 ? CG  ? A GLU 129 CG  
34 1 Y 1 A GLU 129 ? CD  ? A GLU 129 CD  
35 1 Y 1 A GLU 129 ? OE1 ? A GLU 129 OE1 
36 1 Y 1 A GLU 129 ? OE2 ? A GLU 129 OE2 
# 
loop_
_pdbx_unobs_or_zero_occ_residues.id 
_pdbx_unobs_or_zero_occ_residues.PDB_model_num 
_pdbx_unobs_or_zero_occ_residues.polymer_flag 
_pdbx_unobs_or_zero_occ_residues.occupancy_flag 
_pdbx_unobs_or_zero_occ_residues.auth_asym_id 
_pdbx_unobs_or_zero_occ_residues.auth_comp_id 
_pdbx_unobs_or_zero_occ_residues.auth_seq_id 
_pdbx_unobs_or_zero_occ_residues.PDB_ins_code 
_pdbx_unobs_or_zero_occ_residues.label_asym_id 
_pdbx_unobs_or_zero_occ_residues.label_comp_id 
_pdbx_unobs_or_zero_occ_residues.label_seq_id 
1 1 Y 1 A GLY 1   ? A GLY 1   
2 1 Y 1 A SER 2   ? A SER 2   
3 1 Y 1 A GLU 176 ? A GLU 176 
4 1 Y 1 A GLU 177 ? A GLU 177 
5 1 Y 1 A GLN 178 ? A GLN 178 
6 1 Y 1 A LEU 179 ? A LEU 179 
7 1 Y 1 A GLU 180 ? A GLU 180 
# 
loop_
_chem_comp_atom.comp_id 
_chem_comp_atom.atom_id 
_chem_comp_atom.type_symbol 
_chem_comp_atom.pdbx_aromatic_flag 
_chem_comp_atom.pdbx_stereo_config 
_chem_comp_atom.pdbx_ordinal 
ALA N      N  N N 1   
ALA CA     C  N S 2   
ALA C      C  N N 3   
ALA O      O  N N 4   
ALA CB     C  N N 5   
ALA OXT    O  N N 6   
ALA H      H  N N 7   
ALA H2     H  N N 8   
ALA HA     H  N N 9   
ALA HB1    H  N N 10  
ALA HB2    H  N N 11  
ALA HB3    H  N N 12  
ALA HXT    H  N N 13  
ARG N      N  N N 14  
ARG CA     C  N S 15  
ARG C      C  N N 16  
ARG O      O  N N 17  
ARG CB     C  N N 18  
ARG CG     C  N N 19  
ARG CD     C  N N 20  
ARG NE     N  N N 21  
ARG CZ     C  N N 22  
ARG NH1    N  N N 23  
ARG NH2    N  N N 24  
ARG OXT    O  N N 25  
ARG H      H  N N 26  
ARG H2     H  N N 27  
ARG HA     H  N N 28  
ARG HB2    H  N N 29  
ARG HB3    H  N N 30  
ARG HG2    H  N N 31  
ARG HG3    H  N N 32  
ARG HD2    H  N N 33  
ARG HD3    H  N N 34  
ARG HE     H  N N 35  
ARG HH11   H  N N 36  
ARG HH12   H  N N 37  
ARG HH21   H  N N 38  
ARG HH22   H  N N 39  
ARG HXT    H  N N 40  
ASN N      N  N N 41  
ASN CA     C  N S 42  
ASN C      C  N N 43  
ASN O      O  N N 44  
ASN CB     C  N N 45  
ASN CG     C  N N 46  
ASN OD1    O  N N 47  
ASN ND2    N  N N 48  
ASN OXT    O  N N 49  
ASN H      H  N N 50  
ASN H2     H  N N 51  
ASN HA     H  N N 52  
ASN HB2    H  N N 53  
ASN HB3    H  N N 54  
ASN HD21   H  N N 55  
ASN HD22   H  N N 56  
ASN HXT    H  N N 57  
ASP N      N  N N 58  
ASP CA     C  N S 59  
ASP C      C  N N 60  
ASP O      O  N N 61  
ASP CB     C  N N 62  
ASP CG     C  N N 63  
ASP OD1    O  N N 64  
ASP OD2    O  N N 65  
ASP OXT    O  N N 66  
ASP H      H  N N 67  
ASP H2     H  N N 68  
ASP HA     H  N N 69  
ASP HB2    H  N N 70  
ASP HB3    H  N N 71  
ASP HD2    H  N N 72  
ASP HXT    H  N N 73  
CYS N      N  N N 74  
CYS CA     C  N R 75  
CYS C      C  N N 76  
CYS O      O  N N 77  
CYS CB     C  N N 78  
CYS SG     S  N N 79  
CYS OXT    O  N N 80  
CYS H      H  N N 81  
CYS H2     H  N N 82  
CYS HA     H  N N 83  
CYS HB2    H  N N 84  
CYS HB3    H  N N 85  
CYS HG     H  N N 86  
CYS HXT    H  N N 87  
GLN N      N  N N 88  
GLN CA     C  N S 89  
GLN C      C  N N 90  
GLN O      O  N N 91  
GLN CB     C  N N 92  
GLN CG     C  N N 93  
GLN CD     C  N N 94  
GLN OE1    O  N N 95  
GLN NE2    N  N N 96  
GLN OXT    O  N N 97  
GLN H      H  N N 98  
GLN H2     H  N N 99  
GLN HA     H  N N 100 
GLN HB2    H  N N 101 
GLN HB3    H  N N 102 
GLN HG2    H  N N 103 
GLN HG3    H  N N 104 
GLN HE21   H  N N 105 
GLN HE22   H  N N 106 
GLN HXT    H  N N 107 
GLU N      N  N N 108 
GLU CA     C  N S 109 
GLU C      C  N N 110 
GLU O      O  N N 111 
GLU CB     C  N N 112 
GLU CG     C  N N 113 
GLU CD     C  N N 114 
GLU OE1    O  N N 115 
GLU OE2    O  N N 116 
GLU OXT    O  N N 117 
GLU H      H  N N 118 
GLU H2     H  N N 119 
GLU HA     H  N N 120 
GLU HB2    H  N N 121 
GLU HB3    H  N N 122 
GLU HG2    H  N N 123 
GLU HG3    H  N N 124 
GLU HE2    H  N N 125 
GLU HXT    H  N N 126 
GLY N      N  N N 127 
GLY CA     C  N N 128 
GLY C      C  N N 129 
GLY O      O  N N 130 
GLY OXT    O  N N 131 
GLY H      H  N N 132 
GLY H2     H  N N 133 
GLY HA2    H  N N 134 
GLY HA3    H  N N 135 
GLY HXT    H  N N 136 
GNP PG     P  N N 137 
GNP O1G    O  N N 138 
GNP O2G    O  N N 139 
GNP O3G    O  N N 140 
GNP N3B    N  N N 141 
GNP PB     P  N R 142 
GNP O1B    O  N N 143 
GNP O2B    O  N N 144 
GNP O3A    O  N N 145 
GNP PA     P  N S 146 
GNP O1A    O  N N 147 
GNP O2A    O  N N 148 
GNP "O5'"  O  N N 149 
GNP "C5'"  C  N N 150 
GNP "C4'"  C  N R 151 
GNP "O4'"  O  N N 152 
GNP "C3'"  C  N S 153 
GNP "O3'"  O  N N 154 
GNP "C2'"  C  N R 155 
GNP "O2'"  O  N N 156 
GNP "C1'"  C  N R 157 
GNP N9     N  Y N 158 
GNP C8     C  Y N 159 
GNP N7     N  Y N 160 
GNP C5     C  Y N 161 
GNP C6     C  Y N 162 
GNP O6     O  N N 163 
GNP N1     N  Y N 164 
GNP C2     C  Y N 165 
GNP N2     N  N N 166 
GNP N3     N  Y N 167 
GNP C4     C  Y N 168 
GNP HOG2   H  N N 169 
GNP HOG3   H  N N 170 
GNP HNB3   H  N N 171 
GNP HOB2   H  N N 172 
GNP HOA2   H  N N 173 
GNP "H5'2" H  N N 174 
GNP "H5'1" H  N N 175 
GNP "H4'"  H  N N 176 
GNP "H3'"  H  N N 177 
GNP "HO3'" H  N N 178 
GNP "H2'"  H  N N 179 
GNP "HO2'" H  N N 180 
GNP "H1'"  H  N N 181 
GNP H8     H  N N 182 
GNP HN1    H  N N 183 
GNP HN21   H  N N 184 
GNP HN22   H  N N 185 
HIS N      N  N N 186 
HIS CA     C  N S 187 
HIS C      C  N N 188 
HIS O      O  N N 189 
HIS CB     C  N N 190 
HIS CG     C  Y N 191 
HIS ND1    N  Y N 192 
HIS CD2    C  Y N 193 
HIS CE1    C  Y N 194 
HIS NE2    N  Y N 195 
HIS OXT    O  N N 196 
HIS H      H  N N 197 
HIS H2     H  N N 198 
HIS HA     H  N N 199 
HIS HB2    H  N N 200 
HIS HB3    H  N N 201 
HIS HD1    H  N N 202 
HIS HD2    H  N N 203 
HIS HE1    H  N N 204 
HIS HE2    H  N N 205 
HIS HXT    H  N N 206 
HOH O      O  N N 207 
HOH H1     H  N N 208 
HOH H2     H  N N 209 
ILE N      N  N N 210 
ILE CA     C  N S 211 
ILE C      C  N N 212 
ILE O      O  N N 213 
ILE CB     C  N S 214 
ILE CG1    C  N N 215 
ILE CG2    C  N N 216 
ILE CD1    C  N N 217 
ILE OXT    O  N N 218 
ILE H      H  N N 219 
ILE H2     H  N N 220 
ILE HA     H  N N 221 
ILE HB     H  N N 222 
ILE HG12   H  N N 223 
ILE HG13   H  N N 224 
ILE HG21   H  N N 225 
ILE HG22   H  N N 226 
ILE HG23   H  N N 227 
ILE HD11   H  N N 228 
ILE HD12   H  N N 229 
ILE HD13   H  N N 230 
ILE HXT    H  N N 231 
LEU N      N  N N 232 
LEU CA     C  N S 233 
LEU C      C  N N 234 
LEU O      O  N N 235 
LEU CB     C  N N 236 
LEU CG     C  N N 237 
LEU CD1    C  N N 238 
LEU CD2    C  N N 239 
LEU OXT    O  N N 240 
LEU H      H  N N 241 
LEU H2     H  N N 242 
LEU HA     H  N N 243 
LEU HB2    H  N N 244 
LEU HB3    H  N N 245 
LEU HG     H  N N 246 
LEU HD11   H  N N 247 
LEU HD12   H  N N 248 
LEU HD13   H  N N 249 
LEU HD21   H  N N 250 
LEU HD22   H  N N 251 
LEU HD23   H  N N 252 
LEU HXT    H  N N 253 
LYS N      N  N N 254 
LYS CA     C  N S 255 
LYS C      C  N N 256 
LYS O      O  N N 257 
LYS CB     C  N N 258 
LYS CG     C  N N 259 
LYS CD     C  N N 260 
LYS CE     C  N N 261 
LYS NZ     N  N N 262 
LYS OXT    O  N N 263 
LYS H      H  N N 264 
LYS H2     H  N N 265 
LYS HA     H  N N 266 
LYS HB2    H  N N 267 
LYS HB3    H  N N 268 
LYS HG2    H  N N 269 
LYS HG3    H  N N 270 
LYS HD2    H  N N 271 
LYS HD3    H  N N 272 
LYS HE2    H  N N 273 
LYS HE3    H  N N 274 
LYS HZ1    H  N N 275 
LYS HZ2    H  N N 276 
LYS HZ3    H  N N 277 
LYS HXT    H  N N 278 
MET N      N  N N 279 
MET CA     C  N S 280 
MET C      C  N N 281 
MET O      O  N N 282 
MET CB     C  N N 283 
MET CG     C  N N 284 
MET SD     S  N N 285 
MET CE     C  N N 286 
MET OXT    O  N N 287 
MET H      H  N N 288 
MET H2     H  N N 289 
MET HA     H  N N 290 
MET HB2    H  N N 291 
MET HB3    H  N N 292 
MET HG2    H  N N 293 
MET HG3    H  N N 294 
MET HE1    H  N N 295 
MET HE2    H  N N 296 
MET HE3    H  N N 297 
MET HXT    H  N N 298 
MG  MG     MG N N 299 
PHE N      N  N N 300 
PHE CA     C  N S 301 
PHE C      C  N N 302 
PHE O      O  N N 303 
PHE CB     C  N N 304 
PHE CG     C  Y N 305 
PHE CD1    C  Y N 306 
PHE CD2    C  Y N 307 
PHE CE1    C  Y N 308 
PHE CE2    C  Y N 309 
PHE CZ     C  Y N 310 
PHE OXT    O  N N 311 
PHE H      H  N N 312 
PHE H2     H  N N 313 
PHE HA     H  N N 314 
PHE HB2    H  N N 315 
PHE HB3    H  N N 316 
PHE HD1    H  N N 317 
PHE HD2    H  N N 318 
PHE HE1    H  N N 319 
PHE HE2    H  N N 320 
PHE HZ     H  N N 321 
PHE HXT    H  N N 322 
PRO N      N  N N 323 
PRO CA     C  N S 324 
PRO C      C  N N 325 
PRO O      O  N N 326 
PRO CB     C  N N 327 
PRO CG     C  N N 328 
PRO CD     C  N N 329 
PRO OXT    O  N N 330 
PRO H      H  N N 331 
PRO HA     H  N N 332 
PRO HB2    H  N N 333 
PRO HB3    H  N N 334 
PRO HG2    H  N N 335 
PRO HG3    H  N N 336 
PRO HD2    H  N N 337 
PRO HD3    H  N N 338 
PRO HXT    H  N N 339 
SER N      N  N N 340 
SER CA     C  N S 341 
SER C      C  N N 342 
SER O      O  N N 343 
SER CB     C  N N 344 
SER OG     O  N N 345 
SER OXT    O  N N 346 
SER H      H  N N 347 
SER H2     H  N N 348 
SER HA     H  N N 349 
SER HB2    H  N N 350 
SER HB3    H  N N 351 
SER HG     H  N N 352 
SER HXT    H  N N 353 
THR N      N  N N 354 
THR CA     C  N S 355 
THR C      C  N N 356 
THR O      O  N N 357 
THR CB     C  N R 358 
THR OG1    O  N N 359 
THR CG2    C  N N 360 
THR OXT    O  N N 361 
THR H      H  N N 362 
THR H2     H  N N 363 
THR HA     H  N N 364 
THR HB     H  N N 365 
THR HG1    H  N N 366 
THR HG21   H  N N 367 
THR HG22   H  N N 368 
THR HG23   H  N N 369 
THR HXT    H  N N 370 
TRP N      N  N N 371 
TRP CA     C  N S 372 
TRP C      C  N N 373 
TRP O      O  N N 374 
TRP CB     C  N N 375 
TRP CG     C  Y N 376 
TRP CD1    C  Y N 377 
TRP CD2    C  Y N 378 
TRP NE1    N  Y N 379 
TRP CE2    C  Y N 380 
TRP CE3    C  Y N 381 
TRP CZ2    C  Y N 382 
TRP CZ3    C  Y N 383 
TRP CH2    C  Y N 384 
TRP OXT    O  N N 385 
TRP H      H  N N 386 
TRP H2     H  N N 387 
TRP HA     H  N N 388 
TRP HB2    H  N N 389 
TRP HB3    H  N N 390 
TRP HD1    H  N N 391 
TRP HE1    H  N N 392 
TRP HE3    H  N N 393 
TRP HZ2    H  N N 394 
TRP HZ3    H  N N 395 
TRP HH2    H  N N 396 
TRP HXT    H  N N 397 
TYR N      N  N N 398 
TYR CA     C  N S 399 
TYR C      C  N N 400 
TYR O      O  N N 401 
TYR CB     C  N N 402 
TYR CG     C  Y N 403 
TYR CD1    C  Y N 404 
TYR CD2    C  Y N 405 
TYR CE1    C  Y N 406 
TYR CE2    C  Y N 407 
TYR CZ     C  Y N 408 
TYR OH     O  N N 409 
TYR OXT    O  N N 410 
TYR H      H  N N 411 
TYR H2     H  N N 412 
TYR HA     H  N N 413 
TYR HB2    H  N N 414 
TYR HB3    H  N N 415 
TYR HD1    H  N N 416 
TYR HD2    H  N N 417 
TYR HE1    H  N N 418 
TYR HE2    H  N N 419 
TYR HH     H  N N 420 
TYR HXT    H  N N 421 
VAL N      N  N N 422 
VAL CA     C  N S 423 
VAL C      C  N N 424 
VAL O      O  N N 425 
VAL CB     C  N N 426 
VAL CG1    C  N N 427 
VAL CG2    C  N N 428 
VAL OXT    O  N N 429 
VAL H      H  N N 430 
VAL H2     H  N N 431 
VAL HA     H  N N 432 
VAL HB     H  N N 433 
VAL HG11   H  N N 434 
VAL HG12   H  N N 435 
VAL HG13   H  N N 436 
VAL HG21   H  N N 437 
VAL HG22   H  N N 438 
VAL HG23   H  N N 439 
VAL HXT    H  N N 440 
# 
loop_
_chem_comp_bond.comp_id 
_chem_comp_bond.atom_id_1 
_chem_comp_bond.atom_id_2 
_chem_comp_bond.value_order 
_chem_comp_bond.pdbx_aromatic_flag 
_chem_comp_bond.pdbx_stereo_config 
_chem_comp_bond.pdbx_ordinal 
ALA N     CA     sing N N 1   
ALA N     H      sing N N 2   
ALA N     H2     sing N N 3   
ALA CA    C      sing N N 4   
ALA CA    CB     sing N N 5   
ALA CA    HA     sing N N 6   
ALA C     O      doub N N 7   
ALA C     OXT    sing N N 8   
ALA CB    HB1    sing N N 9   
ALA CB    HB2    sing N N 10  
ALA CB    HB3    sing N N 11  
ALA OXT   HXT    sing N N 12  
ARG N     CA     sing N N 13  
ARG N     H      sing N N 14  
ARG N     H2     sing N N 15  
ARG CA    C      sing N N 16  
ARG CA    CB     sing N N 17  
ARG CA    HA     sing N N 18  
ARG C     O      doub N N 19  
ARG C     OXT    sing N N 20  
ARG CB    CG     sing N N 21  
ARG CB    HB2    sing N N 22  
ARG CB    HB3    sing N N 23  
ARG CG    CD     sing N N 24  
ARG CG    HG2    sing N N 25  
ARG CG    HG3    sing N N 26  
ARG CD    NE     sing N N 27  
ARG CD    HD2    sing N N 28  
ARG CD    HD3    sing N N 29  
ARG NE    CZ     sing N N 30  
ARG NE    HE     sing N N 31  
ARG CZ    NH1    sing N N 32  
ARG CZ    NH2    doub N N 33  
ARG NH1   HH11   sing N N 34  
ARG NH1   HH12   sing N N 35  
ARG NH2   HH21   sing N N 36  
ARG NH2   HH22   sing N N 37  
ARG OXT   HXT    sing N N 38  
ASN N     CA     sing N N 39  
ASN N     H      sing N N 40  
ASN N     H2     sing N N 41  
ASN CA    C      sing N N 42  
ASN CA    CB     sing N N 43  
ASN CA    HA     sing N N 44  
ASN C     O      doub N N 45  
ASN C     OXT    sing N N 46  
ASN CB    CG     sing N N 47  
ASN CB    HB2    sing N N 48  
ASN CB    HB3    sing N N 49  
ASN CG    OD1    doub N N 50  
ASN CG    ND2    sing N N 51  
ASN ND2   HD21   sing N N 52  
ASN ND2   HD22   sing N N 53  
ASN OXT   HXT    sing N N 54  
ASP N     CA     sing N N 55  
ASP N     H      sing N N 56  
ASP N     H2     sing N N 57  
ASP CA    C      sing N N 58  
ASP CA    CB     sing N N 59  
ASP CA    HA     sing N N 60  
ASP C     O      doub N N 61  
ASP C     OXT    sing N N 62  
ASP CB    CG     sing N N 63  
ASP CB    HB2    sing N N 64  
ASP CB    HB3    sing N N 65  
ASP CG    OD1    doub N N 66  
ASP CG    OD2    sing N N 67  
ASP OD2   HD2    sing N N 68  
ASP OXT   HXT    sing N N 69  
CYS N     CA     sing N N 70  
CYS N     H      sing N N 71  
CYS N     H2     sing N N 72  
CYS CA    C      sing N N 73  
CYS CA    CB     sing N N 74  
CYS CA    HA     sing N N 75  
CYS C     O      doub N N 76  
CYS C     OXT    sing N N 77  
CYS CB    SG     sing N N 78  
CYS CB    HB2    sing N N 79  
CYS CB    HB3    sing N N 80  
CYS SG    HG     sing N N 81  
CYS OXT   HXT    sing N N 82  
GLN N     CA     sing N N 83  
GLN N     H      sing N N 84  
GLN N     H2     sing N N 85  
GLN CA    C      sing N N 86  
GLN CA    CB     sing N N 87  
GLN CA    HA     sing N N 88  
GLN C     O      doub N N 89  
GLN C     OXT    sing N N 90  
GLN CB    CG     sing N N 91  
GLN CB    HB2    sing N N 92  
GLN CB    HB3    sing N N 93  
GLN CG    CD     sing N N 94  
GLN CG    HG2    sing N N 95  
GLN CG    HG3    sing N N 96  
GLN CD    OE1    doub N N 97  
GLN CD    NE2    sing N N 98  
GLN NE2   HE21   sing N N 99  
GLN NE2   HE22   sing N N 100 
GLN OXT   HXT    sing N N 101 
GLU N     CA     sing N N 102 
GLU N     H      sing N N 103 
GLU N     H2     sing N N 104 
GLU CA    C      sing N N 105 
GLU CA    CB     sing N N 106 
GLU CA    HA     sing N N 107 
GLU C     O      doub N N 108 
GLU C     OXT    sing N N 109 
GLU CB    CG     sing N N 110 
GLU CB    HB2    sing N N 111 
GLU CB    HB3    sing N N 112 
GLU CG    CD     sing N N 113 
GLU CG    HG2    sing N N 114 
GLU CG    HG3    sing N N 115 
GLU CD    OE1    doub N N 116 
GLU CD    OE2    sing N N 117 
GLU OE2   HE2    sing N N 118 
GLU OXT   HXT    sing N N 119 
GLY N     CA     sing N N 120 
GLY N     H      sing N N 121 
GLY N     H2     sing N N 122 
GLY CA    C      sing N N 123 
GLY CA    HA2    sing N N 124 
GLY CA    HA3    sing N N 125 
GLY C     O      doub N N 126 
GLY C     OXT    sing N N 127 
GLY OXT   HXT    sing N N 128 
GNP PG    O1G    doub N N 129 
GNP PG    O2G    sing N N 130 
GNP PG    O3G    sing N N 131 
GNP PG    N3B    sing N N 132 
GNP O2G   HOG2   sing N N 133 
GNP O3G   HOG3   sing N N 134 
GNP N3B   PB     sing N N 135 
GNP N3B   HNB3   sing N N 136 
GNP PB    O1B    doub N N 137 
GNP PB    O2B    sing N N 138 
GNP PB    O3A    sing N N 139 
GNP O2B   HOB2   sing N N 140 
GNP O3A   PA     sing N N 141 
GNP PA    O1A    doub N N 142 
GNP PA    O2A    sing N N 143 
GNP PA    "O5'"  sing N N 144 
GNP O2A   HOA2   sing N N 145 
GNP "O5'" "C5'"  sing N N 146 
GNP "C5'" "C4'"  sing N N 147 
GNP "C5'" "H5'2" sing N N 148 
GNP "C5'" "H5'1" sing N N 149 
GNP "C4'" "O4'"  sing N N 150 
GNP "C4'" "C3'"  sing N N 151 
GNP "C4'" "H4'"  sing N N 152 
GNP "O4'" "C1'"  sing N N 153 
GNP "C3'" "O3'"  sing N N 154 
GNP "C3'" "C2'"  sing N N 155 
GNP "C3'" "H3'"  sing N N 156 
GNP "O3'" "HO3'" sing N N 157 
GNP "C2'" "O2'"  sing N N 158 
GNP "C2'" "C1'"  sing N N 159 
GNP "C2'" "H2'"  sing N N 160 
GNP "O2'" "HO2'" sing N N 161 
GNP "C1'" N9     sing N N 162 
GNP "C1'" "H1'"  sing N N 163 
GNP N9    C8     sing Y N 164 
GNP N9    C4     sing Y N 165 
GNP C8    N7     doub Y N 166 
GNP C8    H8     sing N N 167 
GNP N7    C5     sing Y N 168 
GNP C5    C6     sing Y N 169 
GNP C5    C4     doub Y N 170 
GNP C6    O6     doub N N 171 
GNP C6    N1     sing Y N 172 
GNP N1    C2     sing Y N 173 
GNP N1    HN1    sing N N 174 
GNP C2    N2     sing N N 175 
GNP C2    N3     doub Y N 176 
GNP N2    HN21   sing N N 177 
GNP N2    HN22   sing N N 178 
GNP N3    C4     sing Y N 179 
HIS N     CA     sing N N 180 
HIS N     H      sing N N 181 
HIS N     H2     sing N N 182 
HIS CA    C      sing N N 183 
HIS CA    CB     sing N N 184 
HIS CA    HA     sing N N 185 
HIS C     O      doub N N 186 
HIS C     OXT    sing N N 187 
HIS CB    CG     sing N N 188 
HIS CB    HB2    sing N N 189 
HIS CB    HB3    sing N N 190 
HIS CG    ND1    sing Y N 191 
HIS CG    CD2    doub Y N 192 
HIS ND1   CE1    doub Y N 193 
HIS ND1   HD1    sing N N 194 
HIS CD2   NE2    sing Y N 195 
HIS CD2   HD2    sing N N 196 
HIS CE1   NE2    sing Y N 197 
HIS CE1   HE1    sing N N 198 
HIS NE2   HE2    sing N N 199 
HIS OXT   HXT    sing N N 200 
HOH O     H1     sing N N 201 
HOH O     H2     sing N N 202 
ILE N     CA     sing N N 203 
ILE N     H      sing N N 204 
ILE N     H2     sing N N 205 
ILE CA    C      sing N N 206 
ILE CA    CB     sing N N 207 
ILE CA    HA     sing N N 208 
ILE C     O      doub N N 209 
ILE C     OXT    sing N N 210 
ILE CB    CG1    sing N N 211 
ILE CB    CG2    sing N N 212 
ILE CB    HB     sing N N 213 
ILE CG1   CD1    sing N N 214 
ILE CG1   HG12   sing N N 215 
ILE CG1   HG13   sing N N 216 
ILE CG2   HG21   sing N N 217 
ILE CG2   HG22   sing N N 218 
ILE CG2   HG23   sing N N 219 
ILE CD1   HD11   sing N N 220 
ILE CD1   HD12   sing N N 221 
ILE CD1   HD13   sing N N 222 
ILE OXT   HXT    sing N N 223 
LEU N     CA     sing N N 224 
LEU N     H      sing N N 225 
LEU N     H2     sing N N 226 
LEU CA    C      sing N N 227 
LEU CA    CB     sing N N 228 
LEU CA    HA     sing N N 229 
LEU C     O      doub N N 230 
LEU C     OXT    sing N N 231 
LEU CB    CG     sing N N 232 
LEU CB    HB2    sing N N 233 
LEU CB    HB3    sing N N 234 
LEU CG    CD1    sing N N 235 
LEU CG    CD2    sing N N 236 
LEU CG    HG     sing N N 237 
LEU CD1   HD11   sing N N 238 
LEU CD1   HD12   sing N N 239 
LEU CD1   HD13   sing N N 240 
LEU CD2   HD21   sing N N 241 
LEU CD2   HD22   sing N N 242 
LEU CD2   HD23   sing N N 243 
LEU OXT   HXT    sing N N 244 
LYS N     CA     sing N N 245 
LYS N     H      sing N N 246 
LYS N     H2     sing N N 247 
LYS CA    C      sing N N 248 
LYS CA    CB     sing N N 249 
LYS CA    HA     sing N N 250 
LYS C     O      doub N N 251 
LYS C     OXT    sing N N 252 
LYS CB    CG     sing N N 253 
LYS CB    HB2    sing N N 254 
LYS CB    HB3    sing N N 255 
LYS CG    CD     sing N N 256 
LYS CG    HG2    sing N N 257 
LYS CG    HG3    sing N N 258 
LYS CD    CE     sing N N 259 
LYS CD    HD2    sing N N 260 
LYS CD    HD3    sing N N 261 
LYS CE    NZ     sing N N 262 
LYS CE    HE2    sing N N 263 
LYS CE    HE3    sing N N 264 
LYS NZ    HZ1    sing N N 265 
LYS NZ    HZ2    sing N N 266 
LYS NZ    HZ3    sing N N 267 
LYS OXT   HXT    sing N N 268 
MET N     CA     sing N N 269 
MET N     H      sing N N 270 
MET N     H2     sing N N 271 
MET CA    C      sing N N 272 
MET CA    CB     sing N N 273 
MET CA    HA     sing N N 274 
MET C     O      doub N N 275 
MET C     OXT    sing N N 276 
MET CB    CG     sing N N 277 
MET CB    HB2    sing N N 278 
MET CB    HB3    sing N N 279 
MET CG    SD     sing N N 280 
MET CG    HG2    sing N N 281 
MET CG    HG3    sing N N 282 
MET SD    CE     sing N N 283 
MET CE    HE1    sing N N 284 
MET CE    HE2    sing N N 285 
MET CE    HE3    sing N N 286 
MET OXT   HXT    sing N N 287 
PHE N     CA     sing N N 288 
PHE N     H      sing N N 289 
PHE N     H2     sing N N 290 
PHE CA    C      sing N N 291 
PHE CA    CB     sing N N 292 
PHE CA    HA     sing N N 293 
PHE C     O      doub N N 294 
PHE C     OXT    sing N N 295 
PHE CB    CG     sing N N 296 
PHE CB    HB2    sing N N 297 
PHE CB    HB3    sing N N 298 
PHE CG    CD1    doub Y N 299 
PHE CG    CD2    sing Y N 300 
PHE CD1   CE1    sing Y N 301 
PHE CD1   HD1    sing N N 302 
PHE CD2   CE2    doub Y N 303 
PHE CD2   HD2    sing N N 304 
PHE CE1   CZ     doub Y N 305 
PHE CE1   HE1    sing N N 306 
PHE CE2   CZ     sing Y N 307 
PHE CE2   HE2    sing N N 308 
PHE CZ    HZ     sing N N 309 
PHE OXT   HXT    sing N N 310 
PRO N     CA     sing N N 311 
PRO N     CD     sing N N 312 
PRO N     H      sing N N 313 
PRO CA    C      sing N N 314 
PRO CA    CB     sing N N 315 
PRO CA    HA     sing N N 316 
PRO C     O      doub N N 317 
PRO C     OXT    sing N N 318 
PRO CB    CG     sing N N 319 
PRO CB    HB2    sing N N 320 
PRO CB    HB3    sing N N 321 
PRO CG    CD     sing N N 322 
PRO CG    HG2    sing N N 323 
PRO CG    HG3    sing N N 324 
PRO CD    HD2    sing N N 325 
PRO CD    HD3    sing N N 326 
PRO OXT   HXT    sing N N 327 
SER N     CA     sing N N 328 
SER N     H      sing N N 329 
SER N     H2     sing N N 330 
SER CA    C      sing N N 331 
SER CA    CB     sing N N 332 
SER CA    HA     sing N N 333 
SER C     O      doub N N 334 
SER C     OXT    sing N N 335 
SER CB    OG     sing N N 336 
SER CB    HB2    sing N N 337 
SER CB    HB3    sing N N 338 
SER OG    HG     sing N N 339 
SER OXT   HXT    sing N N 340 
THR N     CA     sing N N 341 
THR N     H      sing N N 342 
THR N     H2     sing N N 343 
THR CA    C      sing N N 344 
THR CA    CB     sing N N 345 
THR CA    HA     sing N N 346 
THR C     O      doub N N 347 
THR C     OXT    sing N N 348 
THR CB    OG1    sing N N 349 
THR CB    CG2    sing N N 350 
THR CB    HB     sing N N 351 
THR OG1   HG1    sing N N 352 
THR CG2   HG21   sing N N 353 
THR CG2   HG22   sing N N 354 
THR CG2   HG23   sing N N 355 
THR OXT   HXT    sing N N 356 
TRP N     CA     sing N N 357 
TRP N     H      sing N N 358 
TRP N     H2     sing N N 359 
TRP CA    C      sing N N 360 
TRP CA    CB     sing N N 361 
TRP CA    HA     sing N N 362 
TRP C     O      doub N N 363 
TRP C     OXT    sing N N 364 
TRP CB    CG     sing N N 365 
TRP CB    HB2    sing N N 366 
TRP CB    HB3    sing N N 367 
TRP CG    CD1    doub Y N 368 
TRP CG    CD2    sing Y N 369 
TRP CD1   NE1    sing Y N 370 
TRP CD1   HD1    sing N N 371 
TRP CD2   CE2    doub Y N 372 
TRP CD2   CE3    sing Y N 373 
TRP NE1   CE2    sing Y N 374 
TRP NE1   HE1    sing N N 375 
TRP CE2   CZ2    sing Y N 376 
TRP CE3   CZ3    doub Y N 377 
TRP CE3   HE3    sing N N 378 
TRP CZ2   CH2    doub Y N 379 
TRP CZ2   HZ2    sing N N 380 
TRP CZ3   CH2    sing Y N 381 
TRP CZ3   HZ3    sing N N 382 
TRP CH2   HH2    sing N N 383 
TRP OXT   HXT    sing N N 384 
TYR N     CA     sing N N 385 
TYR N     H      sing N N 386 
TYR N     H2     sing N N 387 
TYR CA    C      sing N N 388 
TYR CA    CB     sing N N 389 
TYR CA    HA     sing N N 390 
TYR C     O      doub N N 391 
TYR C     OXT    sing N N 392 
TYR CB    CG     sing N N 393 
TYR CB    HB2    sing N N 394 
TYR CB    HB3    sing N N 395 
TYR CG    CD1    doub Y N 396 
TYR CG    CD2    sing Y N 397 
TYR CD1   CE1    sing Y N 398 
TYR CD1   HD1    sing N N 399 
TYR CD2   CE2    doub Y N 400 
TYR CD2   HD2    sing N N 401 
TYR CE1   CZ     doub Y N 402 
TYR CE1   HE1    sing N N 403 
TYR CE2   CZ     sing Y N 404 
TYR CE2   HE2    sing N N 405 
TYR CZ    OH     sing N N 406 
TYR OH    HH     sing N N 407 
TYR OXT   HXT    sing N N 408 
VAL N     CA     sing N N 409 
VAL N     H      sing N N 410 
VAL N     H2     sing N N 411 
VAL CA    C      sing N N 412 
VAL CA    CB     sing N N 413 
VAL CA    HA     sing N N 414 
VAL C     O      doub N N 415 
VAL C     OXT    sing N N 416 
VAL CB    CG1    sing N N 417 
VAL CB    CG2    sing N N 418 
VAL CB    HB     sing N N 419 
VAL CG1   HG11   sing N N 420 
VAL CG1   HG12   sing N N 421 
VAL CG1   HG13   sing N N 422 
VAL CG2   HG21   sing N N 423 
VAL CG2   HG22   sing N N 424 
VAL CG2   HG23   sing N N 425 
VAL OXT   HXT    sing N N 426 
# 
loop_
_pdbx_entity_nonpoly.entity_id 
_pdbx_entity_nonpoly.name 
_pdbx_entity_nonpoly.comp_id 
2 'MAGNESIUM ION'                               MG  
3 'PHOSPHOAMINOPHOSPHONIC ACID-GUANYLATE ESTER' GNP 
4 'UNKNOWN ATOM OR ION'                         UNX 
5 water                                         HOH 
# 
_pdbx_initial_refinement_model.id               1 
_pdbx_initial_refinement_model.entity_id_list   ? 
_pdbx_initial_refinement_model.type             'experimental model' 
_pdbx_initial_refinement_model.source_name      PDB 
_pdbx_initial_refinement_model.accession_code   1WMS 
_pdbx_initial_refinement_model.details          'pdb entry 1wms' 
# 
